data_7XGB
#
_entry.id   7XGB
#
_cell.length_a   116.393
_cell.length_b   121.281
_cell.length_c   179.194
_cell.angle_alpha   90.000
_cell.angle_beta   90.000
_cell.angle_gamma   90.000
#
_symmetry.space_group_name_H-M   'P 2 21 21'
#
loop_
_entity.id
_entity.type
_entity.pdbx_description
1 polymer 'Tetracycline 7-halogenase'
2 water water
#
_entity_poly.entity_id   1
_entity_poly.type   'polypeptide(L)'
_entity_poly.pdbx_seq_one_letter_code
;S(MSE)TDTTADQTRHGDRPYDVVIIGSGLSGT(MSE)LGSILAKHGFRI(MSE)LLDGAHHPRFAVGESTIGQTLVVLR
LISDRYGVPEIANLASFQDVLANVSSSHGQKSNFGF(MSE)FHRDGEEPDPNETSQFRIPSIVGNAAHFFRQDTDSY
(MSE)FHAAVRYGCDARQYYRVENIEFDDGGVTVSGADGSTVRARYLVDASGFRSPLARQLGLREEPSRLKHHARSIFTH
(MSE)VGVDAIDDHVDTPAELRPPVPWNDGT(MSE)HHIFERGW(MSE)WIIPFNNHPGATNPLCSVGIQLDERRYPARP
DLTPEEEFWSHVDRFPAVQRQLKGARSVREWVRTDR(MSE)QYSSSRTVGERWCL(MSE)SHAAGFIDPLFSRGLSNTCE
IINALSWRL(MSE)AALREDDFAVERFAYVEELEQGLLDWNDKLVNNSFISFSHYPLWNSVFRIWASASVIGGKRILNAL
TRTKETGDDSHCQALDDNPYPGLWCPLDFYKEAFDELTELCEAVDAGRTTAEEAARVLEQRVRESDW(MSE)LPALGFND
PDTHHINPTADK(MSE)IRIAEWATGHHRPEIRELLAASAEEVRAA(MSE)RVKP
;
_entity_poly.pdbx_strand_id   A,B,C,D
#
# COMPACT_ATOMS: atom_id res chain seq x y z
N PRO A 16 -9.02 3.07 35.75
CA PRO A 16 -7.65 3.60 35.75
C PRO A 16 -6.61 2.60 36.34
N TYR A 17 -5.43 2.53 35.70
CA TYR A 17 -4.42 1.55 36.06
C TYR A 17 -3.37 2.17 36.99
N ASP A 18 -2.71 1.30 37.73
CA ASP A 18 -1.60 1.77 38.54
C ASP A 18 -0.43 2.15 37.64
N VAL A 19 -0.05 1.23 36.75
CA VAL A 19 1.05 1.43 35.79
C VAL A 19 0.64 0.94 34.41
N VAL A 20 1.01 1.70 33.38
CA VAL A 20 0.96 1.25 32.00
C VAL A 20 2.40 1.08 31.51
N ILE A 21 2.71 -0.08 30.93
CA ILE A 21 4.04 -0.39 30.41
C ILE A 21 3.97 -0.50 28.89
N ILE A 22 4.76 0.30 28.19
CA ILE A 22 4.85 0.24 26.73
C ILE A 22 6.00 -0.69 26.36
N GLY A 23 5.69 -1.82 25.73
CA GLY A 23 6.67 -2.81 25.39
C GLY A 23 6.35 -4.13 26.09
N SER A 24 6.04 -5.17 25.31
CA SER A 24 5.71 -6.48 25.86
C SER A 24 6.81 -7.49 25.63
N GLY A 25 8.06 -7.04 25.46
CA GLY A 25 9.23 -7.90 25.52
C GLY A 25 9.62 -8.19 26.96
N LEU A 26 10.79 -8.83 27.12
CA LEU A 26 11.23 -9.24 28.46
C LEU A 26 11.24 -8.09 29.45
N SER A 27 11.76 -6.93 29.03
CA SER A 27 11.85 -5.77 29.93
C SER A 27 10.48 -5.43 30.52
N GLY A 28 9.47 -5.28 29.66
CA GLY A 28 8.17 -4.91 30.18
C GLY A 28 7.50 -6.04 30.95
N THR A 29 7.50 -7.25 30.39
CA THR A 29 6.72 -8.31 31.01
C THR A 29 7.34 -8.79 32.33
N LEU A 31 8.85 -6.71 34.39
CA LEU A 31 8.38 -5.64 35.25
C LEU A 31 6.89 -5.81 35.54
N GLY A 32 6.11 -5.99 34.48
CA GLY A 32 4.68 -6.19 34.66
C GLY A 32 4.41 -7.37 35.57
N SER A 33 5.17 -8.46 35.40
CA SER A 33 4.91 -9.65 36.21
C SER A 33 5.11 -9.35 37.68
N ILE A 34 6.12 -8.55 38.01
CA ILE A 34 6.35 -8.22 39.41
C ILE A 34 5.20 -7.38 39.94
N LEU A 35 4.79 -6.35 39.20
CA LEU A 35 3.79 -5.45 39.76
C LEU A 35 2.43 -6.14 39.86
N ALA A 36 2.12 -7.01 38.91
CA ALA A 36 0.88 -7.76 39.03
C ALA A 36 0.96 -8.77 40.16
N LYS A 37 2.12 -9.41 40.36
CA LYS A 37 2.22 -10.38 41.45
C LYS A 37 2.00 -9.72 42.81
N HIS A 38 2.28 -8.42 42.94
CA HIS A 38 2.06 -7.69 44.18
C HIS A 38 0.73 -6.92 44.19
N GLY A 39 -0.21 -7.23 43.29
CA GLY A 39 -1.57 -6.73 43.39
C GLY A 39 -1.89 -5.43 42.68
N PHE A 40 -0.96 -4.89 41.90
CA PHE A 40 -1.19 -3.64 41.21
C PHE A 40 -1.87 -3.86 39.86
N ARG A 41 -2.61 -2.85 39.40
CA ARG A 41 -3.38 -2.94 38.18
C ARG A 41 -2.47 -2.53 37.02
N ILE A 42 -2.15 -3.48 36.14
CA ILE A 42 -1.13 -3.27 35.13
C ILE A 42 -1.75 -3.39 33.75
N LEU A 44 -0.33 -3.58 29.74
CA LEU A 44 0.80 -3.74 28.83
C LEU A 44 0.37 -3.31 27.45
N LEU A 45 1.16 -2.45 26.81
CA LEU A 45 0.86 -1.96 25.47
C LEU A 45 2.04 -2.24 24.55
N ASP A 46 1.76 -2.83 23.39
CA ASP A 46 2.82 -3.05 22.41
C ASP A 46 2.24 -2.98 21.01
N GLY A 47 3.03 -2.44 20.07
CA GLY A 47 2.55 -2.32 18.71
C GLY A 47 2.60 -3.61 17.90
N ALA A 48 3.23 -4.65 18.41
CA ALA A 48 3.34 -5.93 17.72
C ALA A 48 2.60 -6.99 18.53
N HIS A 49 2.66 -8.24 18.08
CA HIS A 49 1.90 -9.32 18.69
C HIS A 49 2.84 -10.49 18.96
N HIS A 50 2.54 -11.25 20.01
CA HIS A 50 3.40 -12.42 20.13
C HIS A 50 2.83 -13.57 19.33
N PRO A 51 3.65 -14.45 18.74
CA PRO A 51 5.12 -14.51 18.81
C PRO A 51 5.75 -13.54 17.83
N ARG A 52 6.95 -13.07 18.15
CA ARG A 52 7.72 -12.23 17.25
C ARG A 52 9.21 -12.38 17.56
N PHE A 53 10.02 -12.25 16.52
CA PHE A 53 11.46 -12.29 16.69
C PHE A 53 11.94 -11.12 17.56
N ALA A 54 13.03 -11.33 18.28
CA ALA A 54 13.66 -10.23 19.00
C ALA A 54 15.13 -10.57 19.16
N VAL A 55 15.95 -9.53 19.35
CA VAL A 55 17.40 -9.68 19.49
C VAL A 55 17.77 -9.74 20.96
N GLY A 56 19.04 -10.02 21.24
CA GLY A 56 19.51 -10.13 22.61
C GLY A 56 19.46 -11.59 23.03
N GLU A 57 20.23 -12.43 22.33
CA GLU A 57 20.13 -13.88 22.46
C GLU A 57 21.07 -14.46 23.51
N SER A 58 22.34 -14.05 23.58
CA SER A 58 23.24 -14.58 24.59
C SER A 58 22.87 -14.09 25.98
N THR A 59 23.02 -14.96 26.95
CA THR A 59 22.89 -14.57 28.34
C THR A 59 24.24 -14.72 29.01
N ILE A 60 24.55 -13.82 29.93
CA ILE A 60 25.87 -13.82 30.56
C ILE A 60 25.71 -14.08 32.06
N GLY A 61 26.86 -14.28 32.72
CA GLY A 61 26.82 -14.64 34.13
C GLY A 61 26.11 -13.62 34.99
N GLN A 62 26.38 -12.33 34.76
CA GLN A 62 25.69 -11.32 35.55
C GLN A 62 24.19 -11.37 35.33
N THR A 63 23.77 -11.61 34.07
CA THR A 63 22.36 -11.80 33.79
C THR A 63 21.80 -12.94 34.63
N LEU A 64 22.50 -14.07 34.67
CA LEU A 64 21.98 -15.21 35.42
C LEU A 64 21.82 -14.86 36.89
N VAL A 65 22.86 -14.26 37.51
CA VAL A 65 22.74 -14.02 38.93
C VAL A 65 21.69 -12.95 39.22
N VAL A 66 21.55 -11.94 38.36
CA VAL A 66 20.57 -10.90 38.63
C VAL A 66 19.14 -11.37 38.33
N LEU A 67 18.95 -12.29 37.37
CA LEU A 67 17.65 -12.95 37.23
C LEU A 67 17.30 -13.71 38.50
N ARG A 68 18.24 -14.50 39.03
CA ARG A 68 17.98 -15.21 40.27
C ARG A 68 17.65 -14.23 41.39
N LEU A 69 18.37 -13.10 41.43
CA LEU A 69 18.15 -12.10 42.46
C LEU A 69 16.74 -11.54 42.40
N ILE A 70 16.31 -11.05 41.25
CA ILE A 70 15.01 -10.40 41.21
C ILE A 70 13.92 -11.45 41.40
N SER A 71 14.17 -12.68 40.99
CA SER A 71 13.22 -13.74 41.23
C SER A 71 13.02 -13.98 42.72
N ASP A 72 14.11 -14.03 43.49
CA ASP A 72 13.94 -14.26 44.95
C ASP A 72 13.42 -13.03 45.64
N ARG A 73 13.95 -11.85 45.29
CA ARG A 73 13.58 -10.61 45.96
C ARG A 73 12.11 -10.29 45.77
N TYR A 74 11.58 -10.55 44.58
CA TYR A 74 10.21 -10.15 44.27
C TYR A 74 9.24 -11.31 44.18
N GLY A 75 9.69 -12.56 44.32
CA GLY A 75 8.78 -13.69 44.39
C GLY A 75 8.14 -14.08 43.06
N VAL A 76 8.87 -14.01 41.96
CA VAL A 76 8.36 -14.38 40.66
C VAL A 76 9.17 -15.56 40.14
N PRO A 77 8.69 -16.78 40.36
CA PRO A 77 9.53 -17.94 40.01
C PRO A 77 9.82 -18.05 38.54
N GLU A 78 8.92 -17.55 37.70
CA GLU A 78 9.11 -17.67 36.27
C GLU A 78 10.42 -17.04 35.85
N ILE A 79 10.81 -15.92 36.49
CA ILE A 79 12.05 -15.24 36.11
C ILE A 79 13.26 -16.11 36.37
N ALA A 80 13.25 -16.93 37.43
CA ALA A 80 14.42 -17.77 37.69
C ALA A 80 14.63 -18.83 36.62
N ASN A 81 13.58 -19.17 35.88
CA ASN A 81 13.72 -20.16 34.83
C ASN A 81 14.61 -19.70 33.67
N LEU A 82 14.76 -18.40 33.48
CA LEU A 82 15.66 -17.95 32.44
C LEU A 82 17.12 -18.02 32.85
N ALA A 83 17.39 -18.33 34.12
CA ALA A 83 18.73 -18.23 34.69
C ALA A 83 19.54 -19.51 34.54
N SER A 84 19.00 -20.51 33.86
CA SER A 84 19.66 -21.80 33.68
C SER A 84 19.25 -22.35 32.33
N PHE A 85 20.21 -22.91 31.60
CA PHE A 85 19.88 -23.63 30.36
C PHE A 85 18.87 -24.76 30.60
N GLN A 86 19.07 -25.56 31.67
CA GLN A 86 18.18 -26.70 31.92
C GLN A 86 16.77 -26.26 32.30
N ASP A 87 16.65 -25.20 33.11
CA ASP A 87 15.32 -24.70 33.44
C ASP A 87 14.65 -24.05 32.24
N VAL A 88 15.42 -23.40 31.35
CA VAL A 88 14.82 -22.86 30.13
C VAL A 88 14.23 -23.99 29.29
N LEU A 89 15.01 -25.05 29.07
CA LEU A 89 14.48 -26.17 28.29
C LEU A 89 13.31 -26.84 29.00
N ALA A 90 13.27 -26.80 30.33
CA ALA A 90 12.19 -27.55 30.97
C ALA A 90 10.92 -26.74 31.15
N ASN A 91 11.01 -25.42 31.13
CA ASN A 91 9.84 -24.61 31.44
C ASN A 91 9.46 -23.66 30.33
N VAL A 92 10.39 -23.31 29.45
CA VAL A 92 10.06 -22.34 28.43
C VAL A 92 9.71 -23.07 27.14
N SER A 93 10.71 -23.67 26.53
CA SER A 93 10.53 -24.40 25.27
C SER A 93 11.85 -25.11 25.02
N SER A 94 11.84 -26.00 24.04
CA SER A 94 13.05 -26.76 23.72
C SER A 94 13.93 -26.04 22.72
N SER A 95 13.59 -24.82 22.34
CA SER A 95 14.12 -24.21 21.13
C SER A 95 15.39 -23.41 21.37
N HIS A 96 16.09 -23.64 22.46
CA HIS A 96 17.15 -22.75 22.88
C HIS A 96 18.49 -23.45 22.73
N GLY A 97 19.57 -22.65 22.77
CA GLY A 97 20.91 -23.19 22.70
C GLY A 97 21.60 -23.09 24.04
N GLN A 98 22.73 -23.77 24.15
CA GLN A 98 23.55 -23.66 25.36
C GLN A 98 24.64 -22.65 25.10
N LYS A 99 25.14 -22.03 26.17
CA LYS A 99 26.25 -21.10 26.06
C LYS A 99 27.24 -21.48 27.16
N SER A 100 28.23 -22.29 26.81
CA SER A 100 29.24 -22.70 27.77
C SER A 100 30.44 -21.75 27.83
N ASN A 101 30.66 -20.93 26.81
CA ASN A 101 31.83 -20.07 26.78
C ASN A 101 31.58 -18.91 25.82
N PHE A 102 32.37 -17.86 25.98
CA PHE A 102 32.56 -16.82 24.97
C PHE A 102 33.79 -17.21 24.17
N GLY A 103 33.68 -17.21 22.86
CA GLY A 103 34.81 -17.53 21.99
C GLY A 103 35.15 -16.36 21.07
N PHE A 104 36.44 -16.15 20.87
CA PHE A 104 36.93 -15.06 20.06
C PHE A 104 38.03 -15.58 19.14
N PHE A 106 40.45 -14.08 15.74
CA PHE A 106 40.87 -12.97 14.88
C PHE A 106 41.02 -13.41 13.43
N HIS A 107 40.55 -12.57 12.51
CA HIS A 107 40.70 -12.82 11.09
C HIS A 107 41.28 -11.60 10.39
N ARG A 108 42.14 -11.84 9.40
CA ARG A 108 42.62 -10.78 8.51
C ARG A 108 42.26 -11.13 7.06
N ASP A 109 42.04 -10.08 6.25
CA ASP A 109 41.48 -10.29 4.90
C ASP A 109 42.35 -11.25 4.11
N GLY A 110 41.71 -12.28 3.54
CA GLY A 110 42.38 -13.23 2.69
C GLY A 110 43.18 -14.30 3.41
N GLU A 111 43.35 -14.20 4.72
CA GLU A 111 44.24 -15.07 5.46
C GLU A 111 43.46 -16.06 6.32
N GLU A 112 44.06 -17.23 6.55
CA GLU A 112 43.51 -18.14 7.55
C GLU A 112 43.64 -17.51 8.94
N PRO A 113 42.76 -17.88 9.88
CA PRO A 113 42.88 -17.34 11.24
C PRO A 113 44.13 -17.88 11.92
N ASP A 114 44.83 -16.99 12.60
CA ASP A 114 46.04 -17.38 13.34
C ASP A 114 45.64 -18.02 14.66
N PRO A 115 45.97 -19.30 14.88
CA PRO A 115 45.51 -19.97 16.11
C PRO A 115 46.06 -19.38 17.40
N ASN A 116 47.03 -18.48 17.32
CA ASN A 116 47.50 -17.77 18.50
C ASN A 116 46.78 -16.46 18.74
N GLU A 117 45.78 -16.14 17.92
CA GLU A 117 45.03 -14.91 18.10
C GLU A 117 43.57 -15.25 18.37
N THR A 118 43.33 -16.17 19.32
CA THR A 118 42.02 -16.52 19.81
C THR A 118 41.96 -16.30 21.31
N SER A 119 40.73 -16.15 21.82
CA SER A 119 40.47 -16.03 23.25
C SER A 119 39.27 -16.90 23.56
N GLN A 120 39.23 -17.47 24.76
CA GLN A 120 38.01 -18.15 25.18
C GLN A 120 37.83 -17.95 26.67
N PHE A 121 36.62 -17.65 27.08
CA PHE A 121 36.27 -17.54 28.49
C PHE A 121 35.16 -18.55 28.73
N ARG A 122 35.51 -19.66 29.40
CA ARG A 122 34.51 -20.64 29.86
C ARG A 122 33.83 -20.12 31.12
N ILE A 123 32.50 -20.11 31.12
CA ILE A 123 31.77 -19.49 32.23
C ILE A 123 31.83 -20.42 33.45
N PRO A 124 32.17 -19.91 34.62
CA PRO A 124 32.23 -20.76 35.81
C PRO A 124 30.86 -21.32 36.14
N SER A 125 30.87 -22.54 36.68
CA SER A 125 29.62 -23.23 36.99
C SER A 125 28.85 -22.53 38.10
N ILE A 126 29.55 -21.87 39.01
CA ILE A 126 28.91 -21.29 40.18
C ILE A 126 27.86 -20.23 39.80
N VAL A 127 28.14 -19.45 38.73
CA VAL A 127 27.22 -18.37 38.36
C VAL A 127 25.97 -18.88 37.65
N GLY A 128 25.99 -20.11 37.14
CA GLY A 128 24.87 -20.72 36.46
C GLY A 128 25.27 -21.27 35.11
N ASN A 129 24.31 -21.94 34.48
CA ASN A 129 24.49 -22.47 33.13
C ASN A 129 23.74 -21.55 32.19
N ALA A 130 24.48 -20.92 31.28
CA ALA A 130 23.95 -19.89 30.40
C ALA A 130 23.41 -20.49 29.11
N ALA A 131 22.66 -19.67 28.37
CA ALA A 131 21.92 -20.19 27.23
C ALA A 131 21.90 -19.16 26.11
N HIS A 132 21.61 -19.65 24.92
CA HIS A 132 21.30 -18.83 23.75
C HIS A 132 19.79 -18.78 23.67
N PHE A 133 19.23 -17.64 24.08
CA PHE A 133 17.79 -17.46 24.12
C PHE A 133 17.25 -17.36 22.71
N PHE A 134 16.28 -18.23 22.37
CA PHE A 134 15.43 -18.02 21.21
C PHE A 134 14.34 -17.08 21.70
N ARG A 135 14.56 -15.78 21.49
CA ARG A 135 13.79 -14.77 22.21
C ARG A 135 12.31 -14.83 21.89
N GLN A 136 11.96 -15.23 20.68
CA GLN A 136 10.58 -15.53 20.37
C GLN A 136 9.89 -16.31 21.52
N ASP A 137 10.54 -17.38 22.02
CA ASP A 137 9.89 -18.23 23.01
C ASP A 137 10.07 -17.71 24.45
N THR A 138 11.22 -17.13 24.80
CA THR A 138 11.29 -16.53 26.13
C THR A 138 10.31 -15.37 26.28
N ASP A 139 10.21 -14.52 25.27
CA ASP A 139 9.32 -13.38 25.39
C ASP A 139 7.85 -13.80 25.37
N SER A 140 7.49 -14.81 24.57
CA SER A 140 6.14 -15.35 24.72
C SER A 140 5.90 -15.88 26.13
N TYR A 141 6.86 -16.64 26.67
CA TYR A 141 6.73 -17.21 28.00
C TYR A 141 6.45 -16.15 29.06
N PHE A 143 5.45 -13.03 28.63
CA PHE A 143 4.17 -12.37 28.38
C PHE A 143 3.03 -13.21 28.95
N HIS A 144 3.04 -14.52 28.69
CA HIS A 144 1.99 -15.39 29.24
C HIS A 144 1.99 -15.32 30.74
N ALA A 145 3.18 -15.36 31.35
CA ALA A 145 3.24 -15.29 32.81
C ALA A 145 2.67 -13.96 33.33
N ALA A 146 2.96 -12.86 32.63
CA ALA A 146 2.45 -11.56 33.05
C ALA A 146 0.94 -11.53 33.04
N VAL A 147 0.34 -12.01 31.94
CA VAL A 147 -1.12 -12.02 31.85
C VAL A 147 -1.71 -12.95 32.91
N ARG A 148 -1.02 -14.06 33.19
CA ARG A 148 -1.52 -14.96 34.22
C ARG A 148 -1.47 -14.32 35.60
N TYR A 149 -0.50 -13.43 35.85
CA TYR A 149 -0.46 -12.76 37.14
C TYR A 149 -1.53 -11.68 37.28
N GLY A 150 -2.17 -11.30 36.18
CA GLY A 150 -3.21 -10.29 36.25
C GLY A 150 -3.06 -9.11 35.30
N CYS A 151 -1.93 -8.99 34.60
CA CYS A 151 -1.75 -7.86 33.69
C CYS A 151 -2.79 -7.89 32.58
N ASP A 152 -3.27 -6.72 32.20
CA ASP A 152 -4.03 -6.61 30.96
C ASP A 152 -3.06 -6.32 29.82
N ALA A 153 -3.49 -6.59 28.59
CA ALA A 153 -2.60 -6.40 27.46
C ALA A 153 -3.38 -5.93 26.23
N ARG A 154 -2.78 -5.02 25.49
CA ARG A 154 -3.31 -4.63 24.20
C ARG A 154 -2.18 -4.76 23.20
N GLN A 155 -2.30 -5.74 22.32
CA GLN A 155 -1.31 -5.98 21.30
C GLN A 155 -1.76 -5.34 19.99
N TYR A 156 -0.83 -5.20 19.05
CA TYR A 156 -1.11 -4.48 17.80
C TYR A 156 -1.69 -3.10 18.11
N TYR A 157 -1.15 -2.46 19.16
CA TYR A 157 -1.65 -1.19 19.70
C TYR A 157 -0.60 -0.11 19.45
N ARG A 158 -0.89 0.84 18.57
CA ARG A 158 0.06 1.89 18.20
C ARG A 158 -0.24 3.14 19.03
N VAL A 159 0.73 3.57 19.82
CA VAL A 159 0.54 4.75 20.67
C VAL A 159 0.75 6.02 19.85
N GLU A 160 -0.24 6.90 19.85
CA GLU A 160 -0.11 8.18 19.17
C GLU A 160 0.16 9.32 20.12
N ASN A 161 -0.29 9.27 21.38
CA ASN A 161 -0.08 10.45 22.21
C ASN A 161 0.03 10.12 23.68
N ILE A 162 1.00 10.74 24.34
CA ILE A 162 1.15 10.66 25.77
C ILE A 162 1.05 12.06 26.36
N GLU A 163 0.18 12.18 27.35
CA GLU A 163 -0.17 13.33 28.18
C GLU A 163 -0.07 13.06 29.66
N PHE A 164 0.73 13.89 30.33
CA PHE A 164 0.93 13.86 31.77
C PHE A 164 0.24 15.05 32.40
N ASP A 165 -0.39 14.82 33.54
CA ASP A 165 -0.89 15.92 34.37
C ASP A 165 -0.58 15.55 35.82
N ASP A 166 -1.21 16.23 36.76
CA ASP A 166 -0.86 16.05 38.15
C ASP A 166 -1.57 14.86 38.76
N GLY A 167 -2.54 14.29 38.04
CA GLY A 167 -3.25 13.13 38.53
C GLY A 167 -2.77 11.82 37.93
N GLY A 168 -2.08 11.88 36.81
CA GLY A 168 -1.57 10.67 36.19
C GLY A 168 -1.15 10.93 34.74
N VAL A 169 -1.38 9.91 33.91
CA VAL A 169 -0.99 9.95 32.51
C VAL A 169 -2.11 9.33 31.68
N THR A 170 -2.31 9.88 30.48
CA THR A 170 -3.28 9.36 29.53
C THR A 170 -2.54 9.03 28.23
N VAL A 171 -2.64 7.76 27.84
CA VAL A 171 -2.06 7.22 26.63
C VAL A 171 -3.18 7.02 25.63
N SER A 172 -2.99 7.55 24.43
CA SER A 172 -3.98 7.53 23.37
C SER A 172 -3.40 6.74 22.21
N GLY A 173 -4.19 5.82 21.67
CA GLY A 173 -3.78 4.98 20.57
C GLY A 173 -4.47 5.38 19.28
N ALA A 174 -3.93 4.87 18.17
CA ALA A 174 -4.47 5.21 16.87
C ALA A 174 -5.93 4.82 16.71
N ASP A 175 -6.35 3.72 17.34
CA ASP A 175 -7.75 3.30 17.21
C ASP A 175 -8.72 4.20 17.97
N GLY A 176 -8.23 5.26 18.62
CA GLY A 176 -9.07 6.18 19.34
C GLY A 176 -9.39 5.81 20.76
N SER A 177 -8.85 4.71 21.27
CA SER A 177 -9.08 4.36 22.65
C SER A 177 -8.09 5.08 23.57
N THR A 178 -8.30 4.92 24.88
CA THR A 178 -7.54 5.65 25.87
C THR A 178 -7.24 4.73 27.05
N VAL A 179 -6.01 4.82 27.55
CA VAL A 179 -5.61 4.14 28.78
C VAL A 179 -5.17 5.21 29.78
N ARG A 180 -5.70 5.14 31.00
CA ARG A 180 -5.36 6.09 32.04
C ARG A 180 -4.62 5.36 33.16
N ALA A 181 -3.53 5.95 33.62
CA ALA A 181 -2.75 5.32 34.68
C ALA A 181 -2.11 6.37 35.57
N ARG A 182 -1.59 5.91 36.70
CA ARG A 182 -0.86 6.77 37.60
C ARG A 182 0.62 6.90 37.25
N TYR A 183 1.18 5.92 36.56
CA TYR A 183 2.59 5.91 36.20
C TYR A 183 2.74 5.28 34.82
N LEU A 184 3.75 5.72 34.07
CA LEU A 184 4.04 5.16 32.77
C LEU A 184 5.48 4.65 32.70
N VAL A 185 5.66 3.44 32.21
CA VAL A 185 7.00 2.92 31.92
C VAL A 185 7.09 2.63 30.42
N ASP A 186 8.00 3.30 29.75
CA ASP A 186 8.28 2.96 28.36
C ASP A 186 9.47 2.03 28.35
N ALA A 187 9.24 0.79 27.97
CA ALA A 187 10.30 -0.21 27.93
C ALA A 187 10.40 -0.80 26.54
N SER A 188 10.06 -0.03 25.52
CA SER A 188 10.08 -0.61 24.18
C SER A 188 11.51 -0.56 23.66
N GLY A 189 11.76 0.30 22.69
CA GLY A 189 13.08 0.33 22.11
C GLY A 189 13.40 1.65 21.44
N PHE A 190 14.08 1.57 20.29
CA PHE A 190 14.52 2.77 19.59
C PHE A 190 13.34 3.68 19.27
N ARG A 191 12.20 3.12 18.87
CA ARG A 191 11.03 3.90 18.49
C ARG A 191 10.16 4.22 19.69
N SER A 192 10.74 4.33 20.87
CA SER A 192 10.03 4.60 22.10
C SER A 192 9.11 5.82 21.94
N PRO A 193 7.80 5.67 22.11
CA PRO A 193 6.92 6.85 22.00
C PRO A 193 7.16 7.88 23.10
N LEU A 194 7.59 7.49 24.29
CA LEU A 194 7.84 8.50 25.33
C LEU A 194 9.04 9.39 24.98
N ALA A 195 10.15 8.78 24.54
CA ALA A 195 11.28 9.57 24.09
C ALA A 195 10.91 10.44 22.90
N ARG A 196 10.03 9.94 22.02
CA ARG A 196 9.59 10.74 20.88
C ARG A 196 8.79 11.96 21.34
N GLN A 197 7.84 11.76 22.26
CA GLN A 197 6.98 12.85 22.75
C GLN A 197 7.79 13.92 23.45
N LEU A 198 8.71 13.51 24.33
CA LEU A 198 9.36 14.44 25.22
C LEU A 198 10.71 14.91 24.70
N GLY A 199 11.10 14.55 23.48
CA GLY A 199 12.40 14.89 22.95
C GLY A 199 13.53 14.49 23.87
N LEU A 200 13.52 13.24 24.33
CA LEU A 200 14.49 12.79 25.32
C LEU A 200 15.78 12.31 24.68
N ARG A 201 15.73 11.93 23.42
CA ARG A 201 16.89 11.43 22.72
C ARG A 201 17.96 12.52 22.57
N GLU A 202 19.22 12.20 22.92
CA GLU A 202 20.31 13.15 22.78
C GLU A 202 20.70 13.22 21.30
N GLU A 203 20.75 14.42 20.75
CA GLU A 203 21.12 14.63 19.34
C GLU A 203 22.24 15.66 19.26
N PRO A 204 23.45 15.27 18.84
CA PRO A 204 23.86 13.89 18.54
C PRO A 204 24.03 13.12 19.84
N SER A 205 24.22 11.82 19.74
CA SER A 205 24.45 11.01 20.92
C SER A 205 25.80 11.31 21.54
N ARG A 206 25.87 11.26 22.87
CA ARG A 206 27.14 11.43 23.57
C ARG A 206 28.05 10.21 23.45
N LEU A 207 27.57 9.12 22.85
CA LEU A 207 28.27 7.85 22.92
C LEU A 207 29.46 7.84 21.98
N LYS A 208 30.57 7.23 22.43
CA LYS A 208 31.77 7.17 21.61
C LYS A 208 31.83 5.94 20.70
N HIS A 209 31.04 4.91 20.96
CA HIS A 209 31.04 3.71 20.12
C HIS A 209 30.19 3.92 18.88
N HIS A 210 30.71 3.49 17.72
CA HIS A 210 30.00 3.56 16.45
C HIS A 210 29.96 2.16 15.84
N ALA A 211 28.75 1.64 15.60
CA ALA A 211 28.61 0.42 14.81
C ALA A 211 27.19 0.30 14.27
N ARG A 212 27.11 -0.15 13.03
CA ARG A 212 25.88 -0.55 12.37
C ARG A 212 25.90 -2.06 12.20
N SER A 213 24.77 -2.59 11.76
CA SER A 213 24.53 -4.02 11.86
C SER A 213 23.86 -4.59 10.61
N ILE A 214 24.20 -5.85 10.31
CA ILE A 214 23.42 -6.66 9.37
C ILE A 214 23.24 -8.04 9.99
N PHE A 215 22.00 -8.47 10.18
CA PHE A 215 21.81 -9.75 10.88
C PHE A 215 20.56 -10.48 10.40
N THR A 216 20.55 -11.79 10.70
CA THR A 216 19.45 -12.69 10.35
C THR A 216 19.54 -13.95 11.23
N HIS A 217 18.58 -14.86 11.04
CA HIS A 217 18.70 -16.23 11.47
C HIS A 217 18.92 -17.12 10.25
N VAL A 219 19.84 -21.28 8.66
CA VAL A 219 19.78 -22.71 8.86
C VAL A 219 20.93 -23.30 8.07
N GLY A 220 21.53 -24.35 8.61
CA GLY A 220 22.63 -24.97 7.92
C GLY A 220 24.00 -24.41 8.23
N VAL A 221 24.16 -23.61 9.32
CA VAL A 221 25.47 -23.10 9.72
C VAL A 221 26.23 -24.24 10.39
N ASP A 222 27.49 -24.41 10.02
CA ASP A 222 28.34 -25.42 10.62
C ASP A 222 29.05 -24.88 11.85
N ALA A 223 29.68 -25.80 12.58
CA ALA A 223 30.52 -25.44 13.70
C ALA A 223 31.88 -24.94 13.21
N ILE A 224 32.37 -23.84 13.77
CA ILE A 224 33.69 -23.39 13.36
C ILE A 224 34.76 -24.43 13.74
N ASP A 225 34.49 -25.24 14.78
CA ASP A 225 35.46 -26.25 15.20
C ASP A 225 35.83 -27.20 14.06
N ASP A 226 34.88 -27.47 13.15
CA ASP A 226 35.08 -28.42 12.07
C ASP A 226 35.66 -27.80 10.81
N HIS A 227 36.01 -26.52 10.82
CA HIS A 227 36.47 -25.85 9.61
C HIS A 227 37.78 -25.08 9.80
N VAL A 228 38.43 -25.20 10.97
CA VAL A 228 39.73 -24.58 11.20
C VAL A 228 40.73 -25.71 11.41
N ASP A 229 41.93 -25.53 10.88
CA ASP A 229 43.02 -26.49 11.07
C ASP A 229 43.90 -25.99 12.22
N THR A 230 43.61 -26.44 13.43
CA THR A 230 44.31 -25.94 14.59
C THR A 230 45.09 -27.06 15.26
N PRO A 231 46.37 -26.85 15.59
CA PRO A 231 47.11 -27.84 16.38
C PRO A 231 46.42 -28.12 17.72
N ALA A 232 46.45 -29.39 18.13
CA ALA A 232 45.71 -29.84 19.32
C ALA A 232 46.01 -28.99 20.55
N GLU A 233 47.25 -28.50 20.67
CA GLU A 233 47.62 -27.73 21.84
C GLU A 233 47.01 -26.34 21.84
N LEU A 234 46.52 -25.86 20.70
CA LEU A 234 45.85 -24.56 20.65
C LEU A 234 44.34 -24.69 20.49
N ARG A 235 43.81 -25.90 20.47
CA ARG A 235 42.37 -26.09 20.41
C ARG A 235 41.78 -25.81 21.79
N PRO A 236 40.59 -25.19 21.85
CA PRO A 236 40.07 -24.75 23.14
C PRO A 236 39.68 -25.91 24.02
N PRO A 237 39.67 -25.72 25.34
CA PRO A 237 39.23 -26.80 26.23
C PRO A 237 37.80 -27.25 25.97
N VAL A 238 36.91 -26.33 25.61
CA VAL A 238 35.54 -26.70 25.24
C VAL A 238 35.32 -26.24 23.81
N PRO A 239 34.43 -26.89 23.05
CA PRO A 239 34.28 -26.54 21.64
C PRO A 239 33.77 -25.12 21.44
N TRP A 240 34.31 -24.48 20.40
CA TRP A 240 33.88 -23.13 20.08
C TRP A 240 32.37 -23.05 19.87
N ASN A 241 31.82 -24.02 19.16
CA ASN A 241 30.40 -24.06 18.81
C ASN A 241 29.49 -24.28 20.01
N ASP A 242 30.03 -24.63 21.18
CA ASP A 242 29.27 -24.81 22.40
C ASP A 242 28.95 -23.49 23.09
N GLY A 243 29.42 -22.38 22.53
CA GLY A 243 29.17 -21.07 23.13
C GLY A 243 29.00 -20.03 22.05
N THR A 244 29.19 -18.76 22.39
CA THR A 244 29.03 -17.68 21.41
C THR A 244 30.38 -17.45 20.73
N HIS A 246 32.72 -15.18 18.47
CA HIS A 246 32.89 -13.82 17.93
C HIS A 246 34.04 -13.84 16.93
N HIS A 247 33.73 -13.66 15.64
CA HIS A 247 34.76 -13.52 14.62
C HIS A 247 35.19 -12.06 14.58
N ILE A 248 36.43 -11.80 14.99
CA ILE A 248 36.95 -10.44 15.13
C ILE A 248 37.75 -10.07 13.90
N PHE A 249 37.57 -8.84 13.44
CA PHE A 249 38.36 -8.31 12.35
C PHE A 249 38.42 -6.81 12.56
N GLU A 250 39.11 -6.13 11.67
CA GLU A 250 39.37 -4.72 11.87
C GLU A 250 38.06 -3.93 12.00
N ARG A 251 37.89 -3.29 13.16
CA ARG A 251 36.76 -2.40 13.43
C ARG A 251 35.41 -3.06 13.20
N GLY A 252 35.33 -4.35 13.49
CA GLY A 252 34.06 -5.04 13.35
C GLY A 252 34.15 -6.45 13.90
N TRP A 253 32.99 -7.07 14.04
CA TRP A 253 32.97 -8.45 14.50
C TRP A 253 31.70 -9.14 14.05
N TRP A 255 28.99 -12.47 14.82
CA TRP A 255 28.54 -13.43 15.82
C TRP A 255 27.94 -14.68 15.20
N ILE A 256 28.21 -15.82 15.80
CA ILE A 256 27.57 -17.10 15.46
C ILE A 256 26.96 -17.65 16.75
N ILE A 257 25.63 -17.68 16.81
CA ILE A 257 24.92 -18.08 18.03
C ILE A 257 24.00 -19.26 17.72
N PRO A 258 24.46 -20.49 17.86
CA PRO A 258 23.63 -21.64 17.49
C PRO A 258 22.53 -21.94 18.51
N PHE A 259 21.38 -22.37 18.02
CA PHE A 259 20.33 -22.87 18.92
C PHE A 259 20.32 -24.38 18.95
N ASN A 260 21.17 -25.02 18.15
CA ASN A 260 21.20 -26.47 18.03
C ASN A 260 22.54 -27.07 18.44
N ASN A 261 23.26 -26.42 19.34
CA ASN A 261 24.58 -26.90 19.75
C ASN A 261 24.52 -27.86 20.94
N HIS A 262 23.53 -28.75 21.00
CA HIS A 262 23.50 -29.73 22.06
C HIS A 262 22.72 -30.94 21.57
N PRO A 263 22.90 -32.10 22.21
CA PRO A 263 22.34 -33.33 21.65
C PRO A 263 20.83 -33.31 21.63
N GLY A 264 20.26 -33.65 20.47
CA GLY A 264 18.82 -33.74 20.36
C GLY A 264 18.10 -32.41 20.32
N ALA A 265 18.81 -31.34 20.00
CA ALA A 265 18.22 -30.01 19.95
C ALA A 265 17.13 -29.97 18.88
N THR A 266 16.03 -29.28 19.18
CA THR A 266 14.92 -29.24 18.23
C THR A 266 14.98 -28.06 17.25
N ASN A 267 15.64 -26.96 17.62
CA ASN A 267 15.69 -25.76 16.78
C ASN A 267 16.94 -25.76 15.91
N PRO A 268 16.83 -25.94 14.60
CA PRO A 268 18.02 -26.00 13.75
C PRO A 268 18.60 -24.65 13.38
N LEU A 269 18.10 -23.56 13.94
CA LEU A 269 18.50 -22.22 13.51
C LEU A 269 19.77 -21.74 14.22
N CYS A 270 20.33 -20.69 13.66
CA CYS A 270 21.53 -20.07 14.18
C CYS A 270 21.40 -18.57 13.94
N SER A 271 21.61 -17.78 14.99
CA SER A 271 21.61 -16.32 14.87
C SER A 271 22.96 -15.87 14.36
N VAL A 272 22.96 -15.07 13.30
CA VAL A 272 24.21 -14.64 12.68
C VAL A 272 24.09 -13.16 12.39
N GLY A 273 25.12 -12.39 12.75
CA GLY A 273 25.11 -10.97 12.49
C GLY A 273 26.50 -10.40 12.41
N ILE A 274 26.59 -9.21 11.82
CA ILE A 274 27.87 -8.55 11.69
C ILE A 274 27.72 -7.10 12.12
N GLN A 275 28.67 -6.64 12.94
CA GLN A 275 28.75 -5.27 13.41
C GLN A 275 29.92 -4.62 12.68
N LEU A 276 29.69 -3.43 12.16
CA LEU A 276 30.66 -2.71 11.36
C LEU A 276 30.71 -1.28 11.84
N ASP A 277 31.91 -0.79 12.17
CA ASP A 277 32.11 0.64 12.40
C ASP A 277 31.78 1.41 11.12
N GLU A 278 30.76 2.25 11.18
CA GLU A 278 30.35 2.87 9.92
C GLU A 278 31.34 3.94 9.45
N ARG A 279 32.18 4.46 10.33
CA ARG A 279 33.24 5.38 9.91
C ARG A 279 34.30 4.66 9.09
N ARG A 280 34.53 3.38 9.35
CA ARG A 280 35.47 2.64 8.49
C ARG A 280 34.76 1.88 7.38
N TYR A 281 33.49 1.55 7.56
CA TYR A 281 32.71 0.80 6.58
C TYR A 281 31.46 1.59 6.24
N PRO A 282 31.54 2.57 5.34
CA PRO A 282 30.35 3.35 5.00
C PRO A 282 29.33 2.46 4.32
N ALA A 283 28.08 2.93 4.32
CA ALA A 283 26.97 2.15 3.79
C ALA A 283 27.20 1.79 2.31
N ARG A 284 26.60 0.67 1.88
CA ARG A 284 26.67 0.21 0.48
C ARG A 284 25.26 0.04 -0.08
N PRO A 285 24.53 1.14 -0.35
CA PRO A 285 23.16 1.00 -0.86
C PRO A 285 23.07 0.32 -2.22
N ASP A 286 24.18 0.21 -2.94
CA ASP A 286 24.16 -0.53 -4.19
C ASP A 286 23.96 -2.02 -3.96
N LEU A 287 24.20 -2.50 -2.74
CA LEU A 287 24.04 -3.91 -2.42
C LEU A 287 22.76 -4.14 -1.64
N THR A 288 22.22 -5.34 -1.77
CA THR A 288 21.18 -5.74 -0.84
C THR A 288 21.83 -6.09 0.49
N PRO A 289 21.07 -6.03 1.60
CA PRO A 289 21.63 -6.47 2.89
C PRO A 289 22.34 -7.81 2.84
N GLU A 290 21.72 -8.82 2.22
CA GLU A 290 22.40 -10.11 2.11
C GLU A 290 23.72 -10.01 1.34
N GLU A 291 23.73 -9.24 0.24
CA GLU A 291 24.95 -9.13 -0.56
C GLU A 291 26.06 -8.49 0.26
N GLU A 292 25.73 -7.47 1.06
CA GLU A 292 26.73 -6.85 1.91
C GLU A 292 27.29 -7.84 2.93
N PHE A 293 26.37 -8.57 3.60
CA PHE A 293 26.78 -9.58 4.56
C PHE A 293 27.78 -10.55 3.94
N TRP A 294 27.44 -11.10 2.78
CA TRP A 294 28.30 -12.08 2.13
C TRP A 294 29.60 -11.45 1.62
N SER A 295 29.57 -10.18 1.22
CA SER A 295 30.79 -9.51 0.81
C SER A 295 31.79 -9.48 1.95
N HIS A 296 31.31 -9.30 3.18
CA HIS A 296 32.22 -9.38 4.31
C HIS A 296 32.64 -10.81 4.63
N VAL A 297 31.72 -11.76 4.51
CA VAL A 297 32.07 -13.15 4.76
C VAL A 297 33.20 -13.58 3.84
N ASP A 298 33.19 -13.09 2.58
CA ASP A 298 34.18 -13.55 1.62
C ASP A 298 35.59 -13.03 1.90
N ARG A 299 35.72 -11.99 2.74
CA ARG A 299 37.04 -11.55 3.17
C ARG A 299 37.79 -12.61 3.98
N PHE A 300 37.09 -13.51 4.67
CA PHE A 300 37.73 -14.37 5.66
C PHE A 300 37.47 -15.84 5.35
N PRO A 301 38.44 -16.57 4.79
CA PRO A 301 38.17 -17.94 4.29
C PRO A 301 37.64 -18.93 5.32
N ALA A 302 38.03 -18.85 6.60
CA ALA A 302 37.48 -19.78 7.58
C ALA A 302 35.99 -19.53 7.81
N VAL A 303 35.61 -18.25 7.92
CA VAL A 303 34.19 -17.91 8.04
C VAL A 303 33.42 -18.37 6.81
N GLN A 304 34.01 -18.18 5.63
CA GLN A 304 33.42 -18.66 4.40
C GLN A 304 33.15 -20.15 4.46
N ARG A 305 34.12 -20.95 4.95
CA ARG A 305 33.89 -22.39 5.01
C ARG A 305 32.77 -22.73 5.99
N GLN A 306 32.72 -22.00 7.11
CA GLN A 306 31.73 -22.29 8.15
C GLN A 306 30.32 -22.01 7.67
N LEU A 307 30.14 -21.05 6.77
CA LEU A 307 28.83 -20.59 6.34
C LEU A 307 28.47 -21.02 4.92
N LYS A 308 29.19 -21.99 4.35
CA LYS A 308 29.06 -22.30 2.93
C LYS A 308 27.64 -22.73 2.58
N GLY A 309 27.09 -23.69 3.31
CA GLY A 309 25.75 -24.15 2.98
C GLY A 309 24.64 -23.46 3.74
N ALA A 310 24.90 -22.29 4.33
CA ALA A 310 23.94 -21.64 5.19
C ALA A 310 22.99 -20.76 4.39
N ARG A 311 21.68 -20.80 4.76
CA ARG A 311 20.64 -20.04 4.09
C ARG A 311 19.81 -19.26 5.12
N SER A 312 19.50 -18.02 4.79
CA SER A 312 18.72 -17.16 5.68
C SER A 312 17.26 -17.59 5.69
N VAL A 313 16.62 -17.58 6.88
CA VAL A 313 15.20 -17.91 7.02
C VAL A 313 14.34 -16.70 7.37
N ARG A 314 14.94 -15.50 7.43
CA ARG A 314 14.21 -14.26 7.72
C ARG A 314 14.59 -13.19 6.70
N GLU A 315 13.78 -12.14 6.66
CA GLU A 315 14.15 -10.96 5.91
C GLU A 315 15.28 -10.27 6.65
N TRP A 316 16.38 -10.03 5.95
CA TRP A 316 17.53 -9.40 6.56
C TRP A 316 17.20 -8.04 7.15
N VAL A 317 17.89 -7.70 8.24
CA VAL A 317 17.89 -6.37 8.82
C VAL A 317 19.25 -5.72 8.56
N ARG A 318 19.23 -4.51 8.01
CA ARG A 318 20.44 -3.70 7.90
C ARG A 318 20.16 -2.36 8.58
N THR A 319 21.02 -1.98 9.49
CA THR A 319 20.72 -0.78 10.27
C THR A 319 21.65 0.35 9.87
N ASP A 320 21.33 1.52 10.40
CA ASP A 320 22.28 2.62 10.40
C ASP A 320 23.08 2.51 11.70
N ARG A 321 23.77 3.58 12.09
CA ARG A 321 24.44 3.57 13.38
C ARG A 321 23.43 3.25 14.47
N GLN A 323 23.77 3.16 17.80
CA GLN A 323 23.95 3.67 19.15
C GLN A 323 23.05 4.87 19.38
N TYR A 324 22.42 4.91 20.54
CA TYR A 324 21.64 6.08 20.93
C TYR A 324 21.60 6.17 22.44
N SER A 325 21.30 7.37 22.95
CA SER A 325 21.29 7.68 24.37
C SER A 325 20.27 8.78 24.63
N SER A 326 19.94 8.97 25.90
CA SER A 326 18.92 9.94 26.28
C SER A 326 19.44 10.90 27.35
N SER A 327 18.93 12.14 27.31
CA SER A 327 19.38 13.16 28.25
C SER A 327 18.74 12.97 29.62
N ARG A 328 17.48 12.53 29.67
CA ARG A 328 16.82 12.20 30.93
C ARG A 328 16.12 10.85 30.81
N THR A 329 15.96 10.18 31.96
CA THR A 329 15.36 8.84 32.05
C THR A 329 14.13 8.73 32.95
N VAL A 330 14.01 9.57 33.97
CA VAL A 330 12.85 9.57 34.84
C VAL A 330 12.17 10.93 34.78
N GLY A 331 10.90 10.93 35.08
CA GLY A 331 10.18 12.18 35.15
C GLY A 331 9.09 12.00 36.18
N GLU A 332 8.19 12.97 36.33
CA GLU A 332 7.20 12.66 37.30
C GLU A 332 6.11 11.85 36.59
N ARG A 333 5.89 10.68 37.19
CA ARG A 333 4.93 9.65 36.79
C ARG A 333 5.39 8.96 35.54
N TRP A 334 6.70 8.97 35.22
CA TRP A 334 7.19 8.20 34.09
C TRP A 334 8.64 7.77 34.25
N CYS A 335 8.97 6.69 33.56
CA CYS A 335 10.32 6.12 33.54
C CYS A 335 10.63 5.58 32.14
N LEU A 336 11.72 6.06 31.55
CA LEU A 336 12.26 5.58 30.27
C LEU A 336 13.27 4.46 30.54
N SER A 338 15.73 0.93 30.03
CA SER A 338 16.62 0.10 29.21
C SER A 338 16.70 0.56 27.76
N HIS A 339 16.26 -0.29 26.83
CA HIS A 339 16.44 -0.03 25.40
C HIS A 339 15.59 1.11 24.88
N ALA A 340 14.63 1.61 25.67
CA ALA A 340 13.95 2.85 25.33
C ALA A 340 14.84 4.06 25.58
N ALA A 341 15.82 3.92 26.48
CA ALA A 341 16.78 4.97 26.83
C ALA A 341 18.04 4.93 25.99
N GLY A 342 18.62 3.76 25.77
CA GLY A 342 19.89 3.75 25.07
C GLY A 342 20.26 2.37 24.60
N PHE A 343 21.25 2.32 23.72
CA PHE A 343 21.76 1.06 23.20
C PHE A 343 23.21 1.25 22.77
N ILE A 344 24.04 0.24 23.02
CA ILE A 344 25.46 0.29 22.64
C ILE A 344 25.77 -0.67 21.49
N ASP A 345 25.70 -1.98 21.76
CA ASP A 345 26.13 -3.03 20.83
C ASP A 345 25.67 -4.36 21.40
N PRO A 346 25.44 -5.39 20.58
CA PRO A 346 25.24 -6.72 21.14
C PRO A 346 26.48 -7.32 21.80
N LEU A 347 27.66 -6.75 21.59
CA LEU A 347 28.90 -7.34 22.10
C LEU A 347 28.88 -7.40 23.61
N PHE A 348 29.23 -8.57 24.15
CA PHE A 348 29.29 -8.89 25.58
C PHE A 348 27.89 -9.02 26.18
N SER A 349 26.84 -8.86 25.38
CA SER A 349 25.46 -9.09 25.79
C SER A 349 25.11 -8.30 27.05
N ARG A 350 25.49 -7.03 27.06
CA ARG A 350 25.25 -6.27 28.29
C ARG A 350 23.79 -5.90 28.45
N GLY A 351 23.06 -5.78 27.33
CA GLY A 351 21.72 -5.21 27.38
C GLY A 351 20.79 -5.91 28.34
N LEU A 352 20.63 -7.22 28.20
CA LEU A 352 19.72 -7.94 29.08
C LEU A 352 20.14 -7.78 30.53
N SER A 353 21.46 -7.87 30.79
CA SER A 353 21.94 -7.68 32.16
C SER A 353 21.53 -6.31 32.68
N ASN A 354 21.74 -5.26 31.86
CA ASN A 354 21.35 -3.90 32.22
C ASN A 354 19.85 -3.83 32.51
N THR A 355 19.04 -4.43 31.63
CA THR A 355 17.61 -4.46 31.84
C THR A 355 17.30 -5.03 33.21
N CYS A 356 17.92 -6.16 33.51
CA CYS A 356 17.65 -6.78 34.79
C CYS A 356 18.02 -5.85 35.92
N GLU A 357 19.21 -5.26 35.90
CA GLU A 357 19.65 -4.41 37.04
C GLU A 357 18.68 -3.25 37.25
N ILE A 358 18.13 -2.70 36.17
CA ILE A 358 17.19 -1.59 36.26
C ILE A 358 15.87 -2.04 36.85
N ILE A 359 15.36 -3.19 36.42
CA ILE A 359 14.10 -3.64 36.96
C ILE A 359 14.26 -3.88 38.44
N ASN A 360 15.41 -4.46 38.83
CA ASN A 360 15.64 -4.72 40.23
C ASN A 360 15.64 -3.43 41.03
N ALA A 361 16.16 -2.36 40.45
CA ALA A 361 16.19 -1.12 41.19
C ALA A 361 14.88 -0.36 41.06
N LEU A 362 14.16 -0.53 39.94
CA LEU A 362 12.99 0.32 39.75
C LEU A 362 11.78 -0.21 40.53
N SER A 363 11.60 -1.52 40.53
CA SER A 363 10.37 -2.15 41.04
C SER A 363 10.05 -1.70 42.47
N TRP A 364 10.97 -1.98 43.40
CA TRP A 364 10.68 -1.66 44.80
C TRP A 364 10.44 -0.17 44.98
N ARG A 365 11.06 0.67 44.16
CA ARG A 365 10.79 2.11 44.27
C ARG A 365 9.39 2.41 43.77
N LEU A 366 9.04 1.89 42.59
CA LEU A 366 7.75 2.21 41.98
C LEU A 366 6.62 1.79 42.90
N ALA A 368 6.64 1.44 46.10
CA ALA A 368 6.54 2.38 47.22
C ALA A 368 5.78 3.62 46.78
N ALA A 369 6.20 4.24 45.67
CA ALA A 369 5.51 5.42 45.21
C ALA A 369 4.02 5.14 45.05
N LEU A 370 3.69 4.00 44.45
CA LEU A 370 2.29 3.71 44.16
C LEU A 370 1.46 3.61 45.44
N ARG A 371 2.02 3.00 46.49
CA ARG A 371 1.20 2.85 47.69
C ARG A 371 1.17 4.11 48.55
N GLU A 372 1.95 5.15 48.20
CA GLU A 372 1.98 6.40 48.94
C GLU A 372 1.44 7.57 48.13
N ASP A 373 1.03 7.33 46.89
CA ASP A 373 0.62 8.37 45.96
C ASP A 373 1.58 9.55 45.99
N ASP A 374 2.88 9.28 46.17
CA ASP A 374 3.94 10.30 46.19
C ASP A 374 4.87 10.02 45.03
N PHE A 375 4.76 10.78 43.95
CA PHE A 375 5.61 10.44 42.83
C PHE A 375 6.78 11.40 42.67
N ALA A 376 7.43 11.79 43.76
CA ALA A 376 8.45 12.81 43.65
C ALA A 376 9.69 12.25 42.97
N VAL A 377 10.18 12.99 41.96
CA VAL A 377 11.23 12.49 41.09
C VAL A 377 12.48 12.13 41.88
N GLU A 378 12.68 12.76 43.04
CA GLU A 378 13.88 12.48 43.83
C GLU A 378 13.97 11.00 44.20
N ARG A 379 12.82 10.37 44.47
CA ARG A 379 12.84 8.96 44.88
C ARG A 379 13.38 8.05 43.77
N PHE A 380 13.31 8.49 42.51
CA PHE A 380 13.77 7.73 41.36
C PHE A 380 15.12 8.21 40.85
N ALA A 381 15.76 9.13 41.57
CA ALA A 381 17.02 9.68 41.06
C ALA A 381 18.03 8.57 40.83
N TYR A 382 18.12 7.61 41.76
CA TYR A 382 19.06 6.51 41.59
C TYR A 382 18.80 5.75 40.29
N VAL A 383 17.54 5.49 39.96
CA VAL A 383 17.26 4.76 38.73
C VAL A 383 17.91 5.45 37.56
N GLU A 384 17.73 6.78 37.46
CA GLU A 384 18.32 7.52 36.35
C GLU A 384 19.83 7.40 36.37
N GLU A 385 20.44 7.61 37.55
CA GLU A 385 21.88 7.45 37.66
C GLU A 385 22.29 6.08 37.14
N LEU A 386 21.60 5.04 37.63
CA LEU A 386 21.95 3.68 37.21
C LEU A 386 21.90 3.55 35.71
N GLU A 387 20.77 3.97 35.12
CA GLU A 387 20.58 3.87 33.69
C GLU A 387 21.77 4.49 32.97
N GLN A 388 22.06 5.76 33.27
CA GLN A 388 23.12 6.44 32.53
C GLN A 388 24.47 5.77 32.80
N GLY A 389 24.74 5.40 34.05
CA GLY A 389 26.01 4.75 34.32
C GLY A 389 26.13 3.45 33.54
N LEU A 390 25.05 2.65 33.54
CA LEU A 390 25.06 1.42 32.78
C LEU A 390 25.47 1.71 31.37
N LEU A 391 24.88 2.75 30.77
CA LEU A 391 25.14 3.07 29.38
C LEU A 391 26.56 3.60 29.20
N ASP A 392 27.07 4.43 30.13
CA ASP A 392 28.39 5.01 29.91
C ASP A 392 29.48 3.95 30.00
N TRP A 393 29.44 3.12 31.06
CA TRP A 393 30.44 2.06 31.23
C TRP A 393 30.38 1.04 30.10
N ASN A 394 29.17 0.64 29.70
CA ASN A 394 28.99 -0.21 28.54
C ASN A 394 29.63 0.42 27.29
N ASP A 395 29.42 1.72 27.07
CA ASP A 395 30.03 2.40 25.93
C ASP A 395 31.55 2.19 25.97
N LYS A 396 32.14 2.48 27.12
CA LYS A 396 33.58 2.35 27.25
C LYS A 396 34.03 0.93 26.97
N LEU A 397 33.31 -0.05 27.50
CA LEU A 397 33.71 -1.43 27.27
C LEU A 397 33.76 -1.77 25.79
N VAL A 398 32.74 -1.34 25.04
CA VAL A 398 32.68 -1.80 23.66
C VAL A 398 33.62 -1.00 22.78
N ASN A 399 33.69 0.32 23.00
CA ASN A 399 34.58 1.16 22.21
C ASN A 399 36.03 0.71 22.36
N ASN A 400 36.48 0.53 23.61
CA ASN A 400 37.83 0.00 23.86
C ASN A 400 38.05 -1.25 23.01
N SER A 401 37.07 -2.18 23.07
CA SER A 401 37.20 -3.44 22.35
C SER A 401 37.34 -3.22 20.85
N PHE A 402 36.48 -2.35 20.28
CA PHE A 402 36.57 -2.12 18.84
C PHE A 402 37.93 -1.57 18.47
N ILE A 403 38.49 -0.67 19.30
CA ILE A 403 39.82 -0.15 19.02
C ILE A 403 40.84 -1.29 19.06
N SER A 404 40.71 -2.14 20.08
CA SER A 404 41.67 -3.23 20.23
C SER A 404 41.57 -4.23 19.08
N PHE A 405 40.48 -4.23 18.31
CA PHE A 405 40.42 -5.26 17.27
C PHE A 405 41.51 -5.09 16.22
N SER A 406 42.20 -3.94 16.21
CA SER A 406 43.24 -3.80 15.21
C SER A 406 44.52 -4.54 15.60
N HIS A 407 44.67 -4.92 16.87
CA HIS A 407 45.94 -5.43 17.38
C HIS A 407 45.67 -6.43 18.49
N TYR A 408 45.84 -7.72 18.20
CA TYR A 408 45.50 -8.74 19.18
C TYR A 408 46.17 -8.57 20.55
N PRO A 409 47.45 -8.21 20.69
CA PRO A 409 48.00 -8.07 22.06
C PRO A 409 47.33 -6.99 22.90
N LEU A 410 46.75 -5.95 22.29
CA LEU A 410 45.98 -4.98 23.05
C LEU A 410 44.60 -5.57 23.43
N TRP A 411 43.96 -6.23 22.46
CA TRP A 411 42.72 -6.92 22.76
C TRP A 411 42.90 -7.89 23.91
N ASN A 412 44.07 -8.51 24.00
CA ASN A 412 44.32 -9.51 25.05
C ASN A 412 44.15 -8.90 26.42
N SER A 413 44.62 -7.68 26.62
CA SER A 413 44.43 -7.03 27.90
C SER A 413 42.97 -6.67 28.10
N VAL A 414 42.32 -6.14 27.05
CA VAL A 414 40.90 -5.82 27.18
C VAL A 414 40.13 -7.05 27.65
N PHE A 415 40.44 -8.19 27.03
CA PHE A 415 39.76 -9.45 27.30
C PHE A 415 39.92 -9.88 28.75
N ARG A 416 41.16 -9.92 29.26
CA ARG A 416 41.29 -10.42 30.64
C ARG A 416 40.73 -9.43 31.66
N ILE A 417 40.82 -8.12 31.38
CA ILE A 417 40.24 -7.13 32.29
C ILE A 417 38.71 -7.26 32.35
N TRP A 418 38.08 -7.49 31.19
CA TRP A 418 36.64 -7.67 31.20
C TRP A 418 36.24 -8.97 31.91
N ALA A 419 36.87 -10.09 31.54
CA ALA A 419 36.38 -11.39 32.01
C ALA A 419 36.68 -11.63 33.51
N SER A 420 37.83 -11.17 34.00
CA SER A 420 38.09 -11.33 35.43
C SER A 420 37.02 -10.59 36.24
N ALA A 421 36.64 -9.39 35.79
CA ALA A 421 35.61 -8.65 36.48
C ALA A 421 34.27 -9.34 36.36
N SER A 422 34.02 -10.00 35.23
CA SER A 422 32.80 -10.79 35.13
C SER A 422 32.72 -11.73 36.33
N VAL A 423 33.79 -12.49 36.56
CA VAL A 423 33.78 -13.45 37.66
C VAL A 423 33.60 -12.74 39.01
N ILE A 424 34.36 -11.68 39.25
CA ILE A 424 34.33 -11.06 40.57
C ILE A 424 32.98 -10.42 40.86
N GLY A 425 32.44 -9.67 39.90
CA GLY A 425 31.14 -9.04 40.12
C GLY A 425 30.02 -10.05 40.23
N GLY A 426 30.12 -11.14 39.45
CA GLY A 426 29.15 -12.21 39.60
C GLY A 426 29.13 -12.73 41.02
N LYS A 427 30.32 -13.04 41.57
CA LYS A 427 30.36 -13.51 42.96
C LYS A 427 29.87 -12.44 43.91
N ARG A 428 30.09 -11.16 43.61
CA ARG A 428 29.55 -10.12 44.49
C ARG A 428 28.03 -10.25 44.63
N ILE A 429 27.34 -10.25 43.48
CA ILE A 429 25.87 -10.33 43.50
C ILE A 429 25.41 -11.67 44.11
N LEU A 430 26.06 -12.77 43.73
CA LEU A 430 25.71 -14.08 44.24
C LEU A 430 25.84 -14.16 45.76
N ASN A 431 26.92 -13.58 46.28
CA ASN A 431 27.10 -13.55 47.71
C ASN A 431 25.96 -12.79 48.38
N ALA A 432 25.60 -11.62 47.86
CA ALA A 432 24.46 -10.90 48.44
C ALA A 432 23.20 -11.75 48.39
N LEU A 433 23.01 -12.49 47.30
CA LEU A 433 21.80 -13.30 47.12
C LEU A 433 21.72 -14.44 48.12
N THR A 434 22.78 -15.24 48.19
CA THR A 434 22.79 -16.30 49.17
C THR A 434 22.66 -15.74 50.56
N ARG A 435 23.18 -14.57 50.83
CA ARG A 435 23.15 -14.29 52.26
C ARG A 435 21.76 -13.77 52.61
N THR A 436 21.09 -13.11 51.67
CA THR A 436 19.69 -12.76 51.85
C THR A 436 18.82 -14.01 51.99
N LYS A 437 19.14 -15.06 51.24
CA LYS A 437 18.39 -16.31 51.37
C LYS A 437 18.63 -16.98 52.72
N GLU A 438 19.78 -16.75 53.32
CA GLU A 438 20.02 -17.41 54.61
C GLU A 438 19.49 -16.62 55.80
N THR A 439 19.61 -15.29 55.81
CA THR A 439 19.11 -14.53 56.96
C THR A 439 17.66 -14.05 56.78
N GLY A 440 17.11 -14.10 55.58
CA GLY A 440 15.80 -13.54 55.33
C GLY A 440 15.73 -12.04 55.46
N ASP A 441 16.84 -11.35 55.20
CA ASP A 441 16.94 -9.89 55.37
C ASP A 441 17.31 -9.31 54.02
N ASP A 442 16.49 -8.39 53.50
CA ASP A 442 16.74 -7.75 52.21
C ASP A 442 17.86 -6.72 52.23
N SER A 443 18.29 -6.28 53.43
CA SER A 443 19.37 -5.31 53.50
C SER A 443 20.56 -5.76 52.68
N HIS A 444 20.88 -7.07 52.74
CA HIS A 444 22.06 -7.58 52.06
C HIS A 444 21.95 -7.44 50.55
N CYS A 445 20.72 -7.43 50.02
CA CYS A 445 20.56 -7.13 48.60
C CYS A 445 20.60 -5.62 48.34
N GLN A 446 20.01 -4.84 49.25
CA GLN A 446 19.98 -3.39 49.05
C GLN A 446 21.36 -2.76 49.17
N ALA A 447 22.28 -3.42 49.87
CA ALA A 447 23.65 -2.93 49.97
C ALA A 447 24.34 -2.91 48.62
N LEU A 448 23.78 -3.59 47.61
CA LEU A 448 24.38 -3.51 46.29
C LEU A 448 24.21 -2.12 45.69
N ASP A 449 23.17 -1.38 46.10
CA ASP A 449 22.96 -0.03 45.60
C ASP A 449 23.91 1.01 46.20
N ASP A 450 24.71 0.64 47.20
CA ASP A 450 25.71 1.55 47.77
C ASP A 450 27.08 1.31 47.15
N ASN A 451 27.11 1.35 45.83
CA ASN A 451 28.40 1.25 45.20
C ASN A 451 28.80 2.61 44.67
N PRO A 452 30.07 2.97 44.75
CA PRO A 452 30.50 4.29 44.27
C PRO A 452 30.42 4.47 42.77
N TYR A 453 30.29 3.40 42.00
CA TYR A 453 30.32 3.44 40.53
C TYR A 453 29.09 2.76 39.95
N PRO A 454 27.95 3.42 39.94
CA PRO A 454 26.73 2.78 39.40
C PRO A 454 26.86 2.53 37.89
N GLY A 455 26.64 1.28 37.51
CA GLY A 455 26.78 0.82 36.14
C GLY A 455 28.04 0.01 35.88
N LEU A 456 29.07 0.13 36.71
CA LEU A 456 30.27 -0.67 36.58
C LEU A 456 30.02 -2.07 37.14
N TRP A 457 30.30 -3.10 36.35
CA TRP A 457 29.99 -4.47 36.75
C TRP A 457 30.80 -4.93 37.96
N CYS A 458 32.00 -4.35 38.14
CA CYS A 458 32.89 -4.60 39.28
C CYS A 458 33.17 -3.28 39.99
N PRO A 459 32.30 -2.84 40.94
CA PRO A 459 32.37 -1.48 41.48
C PRO A 459 33.43 -1.33 42.56
N LEU A 460 34.68 -1.64 42.21
CA LEU A 460 35.78 -1.59 43.16
C LEU A 460 36.83 -0.60 42.68
N ASP A 461 37.53 0.00 43.63
CA ASP A 461 38.48 1.06 43.29
C ASP A 461 39.60 0.56 42.40
N PHE A 462 40.20 -0.60 42.74
CA PHE A 462 41.32 -1.06 41.93
C PHE A 462 40.85 -1.43 40.52
N TYR A 463 39.64 -1.96 40.40
CA TYR A 463 39.13 -2.26 39.06
C TYR A 463 38.86 -1.00 38.28
N LYS A 464 38.26 0.00 38.91
CA LYS A 464 37.99 1.27 38.21
C LYS A 464 39.29 1.93 37.74
N GLU A 465 40.35 1.84 38.56
CA GLU A 465 41.66 2.34 38.15
C GLU A 465 42.15 1.58 36.93
N ALA A 466 42.09 0.24 36.97
CA ALA A 466 42.54 -0.57 35.84
C ALA A 466 41.75 -0.24 34.58
N PHE A 467 40.44 -0.11 34.73
CA PHE A 467 39.58 0.15 33.59
C PHE A 467 39.77 1.55 33.06
N ASP A 468 39.99 2.52 33.95
CA ASP A 468 40.30 3.89 33.54
C ASP A 468 41.57 3.92 32.73
N GLU A 469 42.60 3.23 33.20
CA GLU A 469 43.85 3.23 32.47
C GLU A 469 43.67 2.58 31.11
N LEU A 470 42.98 1.44 31.07
CA LEU A 470 42.67 0.82 29.78
C LEU A 470 41.96 1.79 28.85
N THR A 471 40.99 2.54 29.38
CA THR A 471 40.20 3.42 28.55
C THR A 471 41.03 4.60 28.02
N GLU A 472 41.89 5.20 28.84
CA GLU A 472 42.70 6.30 28.32
C GLU A 472 43.68 5.81 27.27
N LEU A 473 44.26 4.62 27.44
CA LEU A 473 45.15 4.12 26.40
C LEU A 473 44.40 3.83 25.10
N CYS A 474 43.24 3.19 25.18
CA CYS A 474 42.49 2.87 23.97
C CYS A 474 42.00 4.13 23.27
N GLU A 475 41.52 5.13 24.03
CA GLU A 475 41.08 6.36 23.39
C GLU A 475 42.25 7.15 22.78
N ALA A 476 43.44 7.05 23.39
CA ALA A 476 44.62 7.65 22.78
C ALA A 476 45.03 6.93 21.50
N VAL A 477 44.90 5.59 21.47
CA VAL A 477 45.18 4.87 20.23
C VAL A 477 44.20 5.29 19.14
N ASP A 478 42.91 5.42 19.50
CA ASP A 478 41.90 5.84 18.53
C ASP A 478 42.18 7.23 17.98
N ALA A 479 42.73 8.12 18.82
CA ALA A 479 43.00 9.48 18.46
C ALA A 479 44.36 9.71 17.78
N GLY A 480 45.21 8.70 17.62
CA GLY A 480 46.50 8.87 16.96
C GLY A 480 47.65 9.31 17.86
N ARG A 481 47.37 9.48 19.14
CA ARG A 481 48.38 9.97 20.11
C ARG A 481 49.32 8.83 20.54
N THR A 482 48.87 7.58 20.49
CA THR A 482 49.69 6.47 20.91
C THR A 482 49.50 5.32 19.94
N THR A 483 50.52 4.50 19.77
CA THR A 483 50.34 3.35 18.90
C THR A 483 49.73 2.19 19.68
N ALA A 484 49.06 1.29 18.95
CA ALA A 484 48.49 0.10 19.59
C ALA A 484 49.57 -0.73 20.26
N GLU A 485 50.76 -0.81 19.64
CA GLU A 485 51.84 -1.62 20.20
C GLU A 485 52.26 -1.06 21.55
N GLU A 486 52.38 0.25 21.65
CA GLU A 486 52.81 0.84 22.92
C GLU A 486 51.78 0.63 24.02
N ALA A 487 50.50 0.87 23.71
CA ALA A 487 49.45 0.68 24.71
C ALA A 487 49.37 -0.79 25.15
N ALA A 488 49.58 -1.70 24.20
CA ALA A 488 49.58 -3.12 24.54
C ALA A 488 50.75 -3.44 25.46
N ARG A 489 51.91 -2.80 25.22
CA ARG A 489 53.05 -3.05 26.08
C ARG A 489 52.79 -2.57 27.51
N VAL A 490 52.22 -1.37 27.64
CA VAL A 490 51.95 -0.80 28.95
C VAL A 490 50.92 -1.64 29.70
N LEU A 491 49.83 -2.01 29.01
CA LEU A 491 48.77 -2.74 29.66
C LEU A 491 49.23 -4.15 30.04
N GLU A 492 50.01 -4.78 29.16
CA GLU A 492 50.54 -6.09 29.50
C GLU A 492 51.43 -6.01 30.74
N GLN A 493 52.22 -4.93 30.87
CA GLN A 493 53.00 -4.75 32.11
C GLN A 493 52.07 -4.65 33.32
N ARG A 494 51.03 -3.83 33.22
CA ARG A 494 50.11 -3.69 34.35
C ARG A 494 49.50 -5.04 34.74
N VAL A 495 49.10 -5.81 33.74
CA VAL A 495 48.48 -7.11 33.99
C VAL A 495 49.47 -8.05 34.66
N ARG A 496 50.74 -8.02 34.22
CA ARG A 496 51.75 -8.93 34.71
C ARG A 496 52.26 -8.59 36.10
N GLU A 497 52.06 -7.34 36.55
CA GLU A 497 52.50 -6.90 37.86
C GLU A 497 51.33 -6.75 38.83
N SER A 498 50.14 -7.16 38.44
CA SER A 498 48.95 -7.02 39.24
C SER A 498 48.86 -8.15 40.24
N ASP A 499 48.14 -7.90 41.34
CA ASP A 499 48.01 -8.90 42.38
C ASP A 499 46.58 -9.41 42.55
N TRP A 500 45.61 -8.85 41.82
CA TRP A 500 44.20 -9.13 42.08
C TRP A 500 43.53 -10.00 41.01
N LEU A 502 42.74 -12.96 39.75
CA LEU A 502 42.47 -14.39 39.89
C LEU A 502 43.52 -15.26 39.24
N PRO A 503 44.77 -15.26 39.71
CA PRO A 503 45.82 -15.96 38.95
C PRO A 503 45.55 -17.45 38.73
N ALA A 504 44.88 -18.15 39.63
CA ALA A 504 44.65 -19.58 39.40
C ALA A 504 43.90 -19.85 38.10
N LEU A 505 43.05 -18.92 37.67
CA LEU A 505 42.36 -19.05 36.40
C LEU A 505 43.19 -18.60 35.21
N GLY A 506 44.25 -17.82 35.45
CA GLY A 506 45.17 -17.42 34.42
C GLY A 506 44.98 -16.01 33.91
N PHE A 507 44.20 -15.17 34.59
CA PHE A 507 43.90 -13.85 34.05
C PHE A 507 45.12 -12.93 33.99
N ASN A 508 46.10 -13.12 34.88
CA ASN A 508 47.32 -12.30 34.89
C ASN A 508 48.45 -12.85 34.02
N ASP A 509 48.22 -13.96 33.30
CA ASP A 509 49.14 -14.57 32.35
C ASP A 509 48.70 -14.23 30.91
N PRO A 510 49.33 -13.25 30.26
CA PRO A 510 48.94 -12.93 28.87
C PRO A 510 49.10 -14.05 27.87
N ASP A 511 49.84 -15.12 28.18
CA ASP A 511 49.96 -16.23 27.24
C ASP A 511 48.87 -17.26 27.41
N THR A 512 48.09 -17.17 28.48
CA THR A 512 46.91 -18.01 28.67
C THR A 512 45.71 -17.31 28.03
N HIS A 513 45.35 -17.80 26.84
CA HIS A 513 44.23 -17.27 26.06
C HIS A 513 42.90 -17.94 26.39
N HIS A 514 42.92 -19.16 26.93
CA HIS A 514 41.71 -19.94 27.18
C HIS A 514 41.55 -20.04 28.69
N ILE A 515 40.77 -19.13 29.24
CA ILE A 515 40.44 -19.17 30.65
C ILE A 515 39.43 -20.29 30.86
N ASN A 516 39.82 -21.30 31.65
CA ASN A 516 39.03 -22.50 31.89
C ASN A 516 38.81 -22.72 33.38
N PRO A 517 37.79 -22.11 33.96
CA PRO A 517 37.56 -22.24 35.40
C PRO A 517 37.04 -23.61 35.82
N THR A 518 37.95 -24.56 36.01
CA THR A 518 37.60 -25.87 36.52
C THR A 518 37.36 -25.82 38.04
N ALA A 519 36.84 -26.93 38.57
CA ALA A 519 36.52 -26.98 39.99
C ALA A 519 37.75 -26.82 40.87
N ASP A 520 38.87 -27.45 40.50
CA ASP A 520 40.08 -27.34 41.31
C ASP A 520 40.56 -25.88 41.36
N LYS A 521 40.56 -25.22 40.20
CA LYS A 521 41.00 -23.82 40.17
C LYS A 521 40.11 -22.94 41.05
N ILE A 523 38.65 -23.74 43.70
CA ILE A 523 39.11 -23.98 45.06
C ILE A 523 40.37 -23.18 45.34
N ARG A 524 41.31 -23.21 44.40
CA ARG A 524 42.52 -22.47 44.59
C ARG A 524 42.22 -20.97 44.71
N ILE A 525 41.21 -20.48 43.96
CA ILE A 525 40.85 -19.07 44.07
C ILE A 525 40.44 -18.75 45.50
N ALA A 526 39.61 -19.61 46.08
CA ALA A 526 39.16 -19.38 47.45
C ALA A 526 40.34 -19.36 48.41
N GLU A 527 41.28 -20.30 48.28
CA GLU A 527 42.43 -20.27 49.19
C GLU A 527 43.24 -19.02 48.96
N TRP A 528 43.51 -18.73 47.68
CA TRP A 528 44.28 -17.54 47.36
C TRP A 528 43.60 -16.30 47.91
N ALA A 529 42.26 -16.27 47.89
CA ALA A 529 41.57 -15.08 48.36
C ALA A 529 41.57 -14.96 49.88
N THR A 530 41.64 -16.09 50.60
CA THR A 530 41.48 -16.06 52.05
C THR A 530 42.55 -15.19 52.72
N GLY A 531 43.81 -15.36 52.35
CA GLY A 531 44.80 -14.53 53.00
C GLY A 531 45.30 -13.41 52.09
N HIS A 532 44.38 -12.82 51.34
CA HIS A 532 44.76 -11.77 50.41
C HIS A 532 44.74 -10.43 51.15
N HIS A 533 45.64 -9.53 50.75
CA HIS A 533 45.76 -8.29 51.50
C HIS A 533 44.62 -7.33 51.21
N ARG A 534 44.02 -7.39 50.03
CA ARG A 534 42.95 -6.47 49.65
C ARG A 534 41.64 -6.86 50.32
N PRO A 535 40.97 -5.95 51.04
CA PRO A 535 39.76 -6.36 51.77
C PRO A 535 38.62 -6.82 50.88
N GLU A 536 38.49 -6.25 49.67
CA GLU A 536 37.42 -6.63 48.75
C GLU A 536 37.65 -8.02 48.17
N ILE A 537 38.90 -8.38 47.86
CA ILE A 537 39.17 -9.74 47.41
C ILE A 537 38.77 -10.73 48.48
N ARG A 538 39.12 -10.42 49.72
CA ARG A 538 38.78 -11.27 50.86
C ARG A 538 37.26 -11.36 51.02
N GLU A 539 36.57 -10.24 50.87
CA GLU A 539 35.13 -10.25 51.10
C GLU A 539 34.42 -11.02 49.99
N LEU A 540 34.88 -10.92 48.75
CA LEU A 540 34.14 -11.47 47.62
C LEU A 540 34.52 -12.90 47.26
N LEU A 541 35.75 -13.32 47.52
CA LEU A 541 36.20 -14.61 47.02
C LEU A 541 36.78 -15.55 48.07
N ALA A 542 36.88 -15.13 49.31
CA ALA A 542 37.51 -15.99 50.31
C ALA A 542 36.47 -16.98 50.82
N ALA A 543 36.68 -18.25 50.51
CA ALA A 543 35.87 -19.35 50.99
C ALA A 543 36.80 -20.44 51.54
N SER A 544 36.23 -21.41 52.24
CA SER A 544 36.93 -22.65 52.51
C SER A 544 36.73 -23.61 51.34
N ALA A 545 37.61 -24.61 51.24
CA ALA A 545 37.40 -25.63 50.23
C ALA A 545 36.04 -26.32 50.41
N GLU A 546 35.60 -26.50 51.67
CA GLU A 546 34.28 -27.08 51.91
C GLU A 546 33.17 -26.25 51.27
N GLU A 547 33.20 -24.93 51.47
CA GLU A 547 32.13 -24.07 50.95
C GLU A 547 32.09 -24.10 49.43
N VAL A 548 33.27 -24.09 48.80
CA VAL A 548 33.36 -24.13 47.35
C VAL A 548 32.87 -25.49 46.82
N ARG A 549 33.26 -26.57 47.50
CA ARG A 549 32.83 -27.90 47.08
C ARG A 549 31.34 -28.11 47.30
N ALA A 550 30.78 -27.45 48.32
CA ALA A 550 29.37 -27.65 48.63
C ALA A 550 28.48 -27.08 47.53
N ALA A 551 28.82 -25.87 47.03
CA ALA A 551 27.98 -25.19 46.04
C ALA A 551 28.10 -25.75 44.63
N PRO B 16 -22.57 35.74 6.00
CA PRO B 16 -21.17 36.24 6.02
C PRO B 16 -20.11 35.12 6.11
N TYR B 17 -18.98 35.30 5.39
CA TYR B 17 -17.93 34.31 5.38
C TYR B 17 -16.82 34.70 6.36
N ASP B 18 -16.04 33.71 6.76
CA ASP B 18 -14.88 34.00 7.59
C ASP B 18 -13.79 34.68 6.77
N VAL B 19 -13.48 34.12 5.60
CA VAL B 19 -12.45 34.65 4.71
C VAL B 19 -13.02 34.63 3.30
N VAL B 20 -12.76 35.70 2.55
CA VAL B 20 -13.01 35.74 1.12
C VAL B 20 -11.64 35.73 0.44
N ILE B 21 -11.44 34.79 -0.48
CA ILE B 21 -10.19 34.67 -1.20
C ILE B 21 -10.45 34.99 -2.66
N ILE B 22 -9.74 35.99 -3.18
CA ILE B 22 -9.81 36.35 -4.58
C ILE B 22 -8.68 35.63 -5.31
N GLY B 23 -9.04 34.72 -6.20
CA GLY B 23 -8.04 33.97 -6.94
C GLY B 23 -8.17 32.47 -6.70
N SER B 24 -8.51 31.73 -7.73
CA SER B 24 -8.76 30.30 -7.61
C SER B 24 -7.64 29.45 -8.22
N GLY B 25 -6.44 30.01 -8.35
CA GLY B 25 -5.28 29.22 -8.68
C GLY B 25 -4.78 28.51 -7.45
N LEU B 26 -3.60 27.90 -7.55
CA LEU B 26 -3.09 27.14 -6.41
C LEU B 26 -3.02 28.01 -5.15
N SER B 27 -2.55 29.26 -5.27
CA SER B 27 -2.42 30.14 -4.12
C SER B 27 -3.70 30.20 -3.30
N GLY B 28 -4.83 30.44 -3.96
CA GLY B 28 -6.07 30.55 -3.23
C GLY B 28 -6.57 29.21 -2.73
N THR B 29 -6.55 28.19 -3.62
CA THR B 29 -7.24 26.95 -3.28
C THR B 29 -6.50 26.17 -2.18
N LEU B 31 -4.83 27.61 0.17
CA LEU B 31 -5.23 28.34 1.36
C LEU B 31 -6.67 28.01 1.69
N GLY B 32 -7.55 28.04 0.67
CA GLY B 32 -8.95 27.78 0.92
C GLY B 32 -9.13 26.42 1.53
N SER B 33 -8.39 25.42 1.03
CA SER B 33 -8.54 24.08 1.56
C SER B 33 -8.09 24.00 3.01
N ILE B 34 -6.96 24.65 3.30
CA ILE B 34 -6.49 24.66 4.68
C ILE B 34 -7.57 25.24 5.57
N LEU B 35 -8.20 26.33 5.13
CA LEU B 35 -9.15 27.00 6.00
C LEU B 35 -10.45 26.21 6.09
N ALA B 36 -10.89 25.58 4.99
CA ALA B 36 -12.16 24.87 5.07
C ALA B 36 -12.02 23.57 5.87
N LYS B 37 -10.87 22.88 5.74
CA LYS B 37 -10.66 21.66 6.50
C LYS B 37 -10.72 21.92 8.00
N HIS B 38 -10.41 23.15 8.43
CA HIS B 38 -10.48 23.54 9.82
C HIS B 38 -11.80 24.21 10.15
N GLY B 39 -12.80 24.08 9.28
CA GLY B 39 -14.14 24.44 9.65
C GLY B 39 -14.54 25.87 9.40
N PHE B 40 -13.67 26.70 8.80
CA PHE B 40 -14.02 28.09 8.58
C PHE B 40 -14.83 28.21 7.29
N ARG B 41 -15.68 29.23 7.25
CA ARG B 41 -16.57 29.43 6.12
C ARG B 41 -15.81 30.26 5.09
N ILE B 42 -15.53 29.66 3.92
CA ILE B 42 -14.64 30.24 2.93
C ILE B 42 -15.39 30.52 1.65
N LEU B 44 -14.34 31.64 -2.45
CA LEU B 44 -13.35 31.86 -3.50
C LEU B 44 -13.98 32.61 -4.67
N LEU B 45 -13.37 33.71 -5.09
CA LEU B 45 -13.88 34.48 -6.22
C LEU B 45 -12.83 34.55 -7.30
N ASP B 46 -13.22 34.29 -8.53
CA ASP B 46 -12.26 34.44 -9.61
C ASP B 46 -12.97 34.92 -10.86
N GLY B 47 -12.27 35.73 -11.65
CA GLY B 47 -12.82 36.24 -12.89
C GLY B 47 -12.78 35.27 -14.05
N ALA B 48 -12.09 34.14 -13.90
CA ALA B 48 -12.02 33.13 -14.93
C ALA B 48 -12.66 31.84 -14.41
N HIS B 49 -12.60 30.79 -15.23
CA HIS B 49 -13.24 29.52 -14.96
C HIS B 49 -12.23 28.41 -15.20
N HIS B 50 -12.35 27.32 -14.43
CA HIS B 50 -11.51 26.16 -14.71
C HIS B 50 -12.19 25.26 -15.74
N PRO B 51 -11.44 24.59 -16.64
CA PRO B 51 -9.97 24.57 -16.74
C PRO B 51 -9.45 25.82 -17.44
N ARG B 52 -8.23 26.24 -17.12
CA ARG B 52 -7.55 27.35 -17.80
C ARG B 52 -6.03 27.13 -17.74
N PHE B 53 -5.33 27.67 -18.74
CA PHE B 53 -3.87 27.64 -18.73
C PHE B 53 -3.34 28.49 -17.59
N ALA B 54 -2.18 28.10 -17.06
CA ALA B 54 -1.49 28.96 -16.11
C ALA B 54 0.02 28.68 -16.19
N VAL B 55 0.78 29.69 -15.79
CA VAL B 55 2.25 29.65 -15.83
C VAL B 55 2.77 29.13 -14.49
N GLY B 56 4.08 28.89 -14.43
CA GLY B 56 4.67 28.39 -13.20
C GLY B 56 4.74 26.88 -13.22
N GLU B 57 5.45 26.32 -14.20
CA GLU B 57 5.37 24.90 -14.44
C GLU B 57 6.40 24.08 -13.68
N SER B 58 7.66 24.49 -13.62
CA SER B 58 8.60 23.68 -12.87
C SER B 58 8.35 23.77 -11.39
N THR B 59 8.59 22.65 -10.71
CA THR B 59 8.61 22.60 -9.27
C THR B 59 10.07 22.36 -8.84
N ILE B 60 10.48 22.97 -7.73
CA ILE B 60 11.86 22.89 -7.26
C ILE B 60 11.91 22.21 -5.89
N GLY B 61 13.14 21.93 -5.44
CA GLY B 61 13.30 21.20 -4.19
C GLY B 61 12.63 21.89 -3.01
N GLN B 62 12.83 23.20 -2.90
CA GLN B 62 12.21 23.92 -1.79
C GLN B 62 10.69 23.82 -1.85
N THR B 63 10.14 23.92 -3.05
CA THR B 63 8.70 23.74 -3.19
C THR B 63 8.26 22.40 -2.63
N LEU B 64 8.99 21.34 -2.94
CA LEU B 64 8.61 20.02 -2.44
C LEU B 64 8.58 20.00 -0.92
N VAL B 65 9.64 20.53 -0.28
CA VAL B 65 9.65 20.43 1.18
C VAL B 65 8.56 21.32 1.78
N VAL B 66 8.30 22.50 1.20
CA VAL B 66 7.27 23.33 1.83
C VAL B 66 5.85 22.86 1.53
N LEU B 67 5.61 22.21 0.39
CA LEU B 67 4.34 21.53 0.13
C LEU B 67 4.07 20.47 1.18
N ARG B 68 5.05 19.61 1.39
CA ARG B 68 5.08 18.61 2.47
C ARG B 68 4.93 19.21 3.88
N LEU B 69 5.53 20.35 4.12
CA LEU B 69 5.34 21.01 5.41
C LEU B 69 3.89 21.45 5.61
N ILE B 70 3.30 22.20 4.67
CA ILE B 70 1.94 22.69 4.92
C ILE B 70 0.93 21.54 4.87
N SER B 71 1.15 20.54 4.03
CA SER B 71 0.23 19.41 3.95
C SER B 71 0.19 18.63 5.25
N ASP B 72 1.36 18.30 5.82
CA ASP B 72 1.34 17.55 7.07
C ASP B 72 0.95 18.43 8.25
N ARG B 73 1.49 19.65 8.31
CA ARG B 73 1.22 20.53 9.44
C ARG B 73 -0.26 20.87 9.54
N TYR B 74 -0.94 21.05 8.41
CA TYR B 74 -2.34 21.46 8.45
C TYR B 74 -3.29 20.33 8.07
N GLY B 75 -2.77 19.17 7.70
CA GLY B 75 -3.64 18.02 7.45
C GLY B 75 -4.41 18.03 6.15
N VAL B 76 -3.81 18.49 5.06
CA VAL B 76 -4.45 18.51 3.76
C VAL B 76 -3.65 17.63 2.82
N PRO B 77 -4.04 16.36 2.66
CA PRO B 77 -3.21 15.41 1.89
C PRO B 77 -3.11 15.75 0.43
N GLU B 78 -4.16 16.38 -0.11
CA GLU B 78 -4.17 16.72 -1.53
C GLU B 78 -2.93 17.53 -1.87
N ILE B 79 -2.52 18.42 -0.95
CA ILE B 79 -1.33 19.23 -1.14
C ILE B 79 -0.08 18.37 -1.15
N ALA B 80 -0.05 17.30 -0.36
CA ALA B 80 1.16 16.47 -0.41
C ALA B 80 1.28 15.76 -1.74
N ASN B 81 0.15 15.54 -2.41
CA ASN B 81 0.24 14.89 -3.72
C ASN B 81 0.96 15.74 -4.74
N LEU B 82 1.05 17.06 -4.54
CA LEU B 82 1.80 17.85 -5.51
C LEU B 82 3.31 17.75 -5.29
N ALA B 83 3.77 17.11 -4.22
CA ALA B 83 5.17 17.14 -3.84
C ALA B 83 5.99 16.03 -4.47
N SER B 84 5.40 15.26 -5.37
CA SER B 84 6.04 14.10 -5.95
C SER B 84 5.55 13.88 -7.37
N PHE B 85 6.47 13.59 -8.28
CA PHE B 85 6.05 13.22 -9.63
C PHE B 85 5.11 12.00 -9.61
N GLN B 86 5.45 10.98 -8.81
CA GLN B 86 4.66 9.76 -8.75
C GLN B 86 3.26 10.02 -8.22
N ASP B 87 3.15 10.81 -7.14
CA ASP B 87 1.83 11.11 -6.61
C ASP B 87 1.04 12.04 -7.51
N VAL B 88 1.71 12.95 -8.23
CA VAL B 88 1.02 13.82 -9.17
C VAL B 88 0.38 12.99 -10.28
N LEU B 89 1.16 12.08 -10.88
CA LEU B 89 0.56 11.22 -11.90
C LEU B 89 -0.54 10.32 -11.35
N ALA B 90 -0.43 9.91 -10.11
CA ALA B 90 -1.39 8.93 -9.63
C ALA B 90 -2.65 9.56 -9.09
N ASN B 91 -2.59 10.85 -8.74
CA ASN B 91 -3.69 11.50 -8.05
C ASN B 91 -4.22 12.75 -8.70
N VAL B 92 -3.46 13.40 -9.55
CA VAL B 92 -3.97 14.62 -10.16
C VAL B 92 -4.43 14.27 -11.56
N SER B 93 -3.49 13.96 -12.42
CA SER B 93 -3.74 13.56 -13.80
C SER B 93 -2.43 13.05 -14.39
N SER B 94 -2.54 12.41 -15.54
CA SER B 94 -1.40 11.80 -16.19
C SER B 94 -0.67 12.78 -17.06
N SER B 95 -1.06 14.06 -17.05
CA SER B 95 -0.70 14.99 -18.10
C SER B 95 0.57 15.76 -17.79
N HIS B 96 1.39 15.29 -16.86
CA HIS B 96 2.51 16.04 -16.33
C HIS B 96 3.82 15.42 -16.77
N GLY B 97 4.89 16.20 -16.68
CA GLY B 97 6.22 15.73 -17.02
C GLY B 97 7.01 15.58 -15.75
N GLN B 98 8.18 14.96 -15.88
CA GLN B 98 9.08 14.79 -14.74
C GLN B 98 10.16 15.87 -14.80
N LYS B 99 10.76 16.14 -13.65
CA LYS B 99 11.87 17.09 -13.57
C LYS B 99 12.95 16.44 -12.72
N SER B 100 13.96 15.85 -13.37
CA SER B 100 15.09 15.25 -12.67
C SER B 100 16.26 16.22 -12.51
N ASN B 101 16.28 17.32 -13.27
CA ASN B 101 17.42 18.20 -13.18
C ASN B 101 17.05 19.58 -13.68
N PHE B 102 17.84 20.57 -13.24
CA PHE B 102 17.92 21.90 -13.85
C PHE B 102 19.08 21.83 -14.83
N GLY B 103 18.85 22.24 -16.07
CA GLY B 103 19.89 22.25 -17.10
C GLY B 103 20.09 23.63 -17.68
N PHE B 104 21.34 24.00 -17.92
CA PHE B 104 21.69 25.32 -18.42
C PHE B 104 22.67 25.21 -19.57
N PHE B 106 24.71 27.60 -22.67
CA PHE B 106 25.01 28.90 -23.25
C PHE B 106 25.07 28.84 -24.77
N HIS B 107 24.53 29.87 -25.39
CA HIS B 107 24.58 30.07 -26.83
C HIS B 107 25.09 31.47 -27.12
N ARG B 108 25.89 31.61 -28.17
CA ARG B 108 26.24 32.91 -28.71
C ARG B 108 25.76 32.98 -30.16
N ASP B 109 25.41 34.18 -30.62
CA ASP B 109 24.79 34.33 -31.93
C ASP B 109 25.65 33.69 -33.00
N GLY B 110 25.01 32.85 -33.81
CA GLY B 110 25.59 32.17 -34.95
C GLY B 110 26.39 30.91 -34.66
N GLU B 111 26.71 30.63 -33.40
CA GLU B 111 27.60 29.53 -33.07
C GLU B 111 26.91 28.39 -32.36
N GLU B 112 27.49 27.21 -32.55
CA GLU B 112 27.10 26.03 -31.80
C GLU B 112 27.40 26.24 -30.32
N PRO B 113 26.64 25.61 -29.44
CA PRO B 113 26.88 25.77 -28.00
C PRO B 113 28.21 25.14 -27.61
N ASP B 114 28.92 25.83 -26.73
CA ASP B 114 30.20 25.34 -26.21
C ASP B 114 29.93 24.30 -25.13
N PRO B 115 30.37 23.05 -25.33
CA PRO B 115 30.08 21.99 -24.32
C PRO B 115 30.72 22.22 -22.97
N ASN B 116 31.64 23.16 -22.84
CA ASN B 116 32.21 23.52 -21.55
C ASN B 116 31.46 24.67 -20.92
N GLU B 117 30.37 25.13 -21.53
CA GLU B 117 29.59 26.25 -21.04
C GLU B 117 28.16 25.83 -20.72
N THR B 118 28.02 24.68 -20.06
CA THR B 118 26.76 24.14 -19.59
C THR B 118 26.84 23.92 -18.08
N SER B 119 25.68 23.90 -17.43
CA SER B 119 25.60 23.60 -16.01
C SER B 119 24.45 22.64 -15.81
N GLN B 120 24.59 21.77 -14.83
CA GLN B 120 23.43 20.96 -14.52
C GLN B 120 23.41 20.68 -13.03
N PHE B 121 22.24 20.79 -12.45
CA PHE B 121 22.04 20.39 -11.07
C PHE B 121 20.96 19.33 -11.07
N ARG B 122 21.35 18.07 -10.83
CA ARG B 122 20.40 16.99 -10.65
C ARG B 122 19.79 17.08 -9.27
N ILE B 123 18.48 17.03 -9.20
CA ILE B 123 17.82 17.25 -7.90
C ILE B 123 17.99 15.99 -7.05
N PRO B 124 18.49 16.11 -5.82
CA PRO B 124 18.74 14.93 -4.98
C PRO B 124 17.45 14.23 -4.52
N SER B 125 17.54 12.91 -4.31
CA SER B 125 16.36 12.15 -3.90
C SER B 125 15.87 12.55 -2.49
N ILE B 126 16.78 13.09 -1.64
CA ILE B 126 16.55 13.54 -0.26
C ILE B 126 15.36 14.47 -0.23
N VAL B 127 15.27 15.32 -1.25
CA VAL B 127 14.27 16.38 -1.29
C VAL B 127 12.94 15.95 -1.93
N GLY B 128 12.95 14.94 -2.79
CA GLY B 128 11.75 14.49 -3.46
C GLY B 128 11.94 14.38 -4.95
N ASN B 129 10.89 13.92 -5.63
CA ASN B 129 10.85 13.82 -7.09
C ASN B 129 10.04 14.98 -7.64
N ALA B 130 10.67 15.83 -8.40
CA ALA B 130 10.07 17.05 -8.90
C ALA B 130 9.40 16.80 -10.27
N ALA B 131 8.57 17.75 -10.70
CA ALA B 131 7.70 17.53 -11.85
C ALA B 131 7.57 18.80 -12.67
N HIS B 132 7.12 18.62 -13.91
CA HIS B 132 6.64 19.67 -14.80
C HIS B 132 5.10 19.65 -14.68
N PHE B 133 4.56 20.63 -13.94
CA PHE B 133 3.12 20.73 -13.70
C PHE B 133 2.43 21.26 -14.95
N PHE B 134 1.48 20.51 -15.47
CA PHE B 134 0.50 21.01 -16.44
C PHE B 134 -0.56 21.71 -15.57
N ARG B 135 -0.39 23.03 -15.41
CA ARG B 135 -1.06 23.73 -14.31
C ARG B 135 -2.57 23.69 -14.47
N GLN B 136 -3.05 23.67 -15.70
CA GLN B 136 -4.44 23.39 -15.98
C GLN B 136 -4.98 22.28 -15.06
N ASP B 137 -4.27 21.14 -14.96
CA ASP B 137 -4.82 20.01 -14.20
C ASP B 137 -4.51 20.08 -12.69
N THR B 138 -3.35 20.57 -12.27
CA THR B 138 -3.13 20.76 -10.83
C THR B 138 -4.09 21.79 -10.25
N ASP B 139 -4.32 22.88 -10.98
CA ASP B 139 -5.17 23.96 -10.48
C ASP B 139 -6.63 23.53 -10.46
N SER B 140 -7.07 22.79 -11.48
CA SER B 140 -8.37 22.15 -11.38
C SER B 140 -8.44 21.25 -10.15
N TYR B 141 -7.40 20.42 -9.94
CA TYR B 141 -7.38 19.47 -8.82
C TYR B 141 -7.58 20.18 -7.48
N PHE B 143 -8.74 23.25 -6.93
CA PHE B 143 -10.05 23.88 -6.88
C PHE B 143 -11.13 22.86 -6.47
N HIS B 144 -11.07 21.66 -7.06
CA HIS B 144 -12.04 20.63 -6.72
C HIS B 144 -11.93 20.24 -5.25
N ALA B 145 -10.69 20.08 -4.76
CA ALA B 145 -10.50 19.73 -3.35
C ALA B 145 -11.05 20.83 -2.44
N ALA B 146 -10.83 22.08 -2.81
CA ALA B 146 -11.33 23.18 -1.99
C ALA B 146 -12.84 23.11 -1.89
N VAL B 147 -13.51 22.90 -3.02
CA VAL B 147 -14.98 22.83 -2.98
C VAL B 147 -15.42 21.62 -2.16
N ARG B 148 -14.70 20.51 -2.26
CA ARG B 148 -15.02 19.31 -1.48
C ARG B 148 -14.90 19.56 0.02
N TYR B 149 -13.96 20.40 0.44
CA TYR B 149 -13.82 20.71 1.85
C TYR B 149 -14.85 21.69 2.35
N GLY B 150 -15.66 22.30 1.48
CA GLY B 150 -16.70 23.20 1.92
C GLY B 150 -16.63 24.60 1.35
N CYS B 151 -15.54 25.01 0.67
CA CYS B 151 -15.43 26.37 0.16
C CYS B 151 -16.55 26.64 -0.82
N ASP B 152 -17.09 27.85 -0.78
CA ASP B 152 -17.94 28.29 -1.87
C ASP B 152 -17.08 28.93 -2.95
N ALA B 153 -17.61 28.97 -4.17
CA ALA B 153 -16.84 29.50 -5.29
C ALA B 153 -17.77 30.21 -6.26
N ARG B 154 -17.31 31.36 -6.75
CA ARG B 154 -17.99 32.12 -7.78
C ARG B 154 -16.97 32.38 -8.87
N GLN B 155 -17.17 31.76 -10.02
CA GLN B 155 -16.28 31.89 -11.15
C GLN B 155 -16.89 32.88 -12.15
N TYR B 156 -16.05 33.35 -13.09
CA TYR B 156 -16.43 34.44 -13.99
C TYR B 156 -16.95 35.62 -13.16
N TYR B 157 -16.32 35.86 -12.03
CA TYR B 157 -16.75 36.85 -11.06
C TYR B 157 -15.73 38.01 -11.10
N ARG B 158 -16.19 39.17 -11.55
CA ARG B 158 -15.38 40.38 -11.70
C ARG B 158 -15.60 41.24 -10.46
N VAL B 159 -14.54 41.47 -9.68
CA VAL B 159 -14.66 42.32 -8.49
C VAL B 159 -14.61 43.78 -8.93
N GLU B 160 -15.64 44.56 -8.55
CA GLU B 160 -15.69 45.98 -8.86
C GLU B 160 -15.31 46.87 -7.69
N ASN B 161 -15.48 46.42 -6.45
CA ASN B 161 -15.17 47.32 -5.35
C ASN B 161 -14.92 46.51 -4.07
N ILE B 162 -13.92 46.93 -3.31
CA ILE B 162 -13.60 46.37 -1.99
C ILE B 162 -13.69 47.45 -0.95
N GLU B 163 -14.28 47.14 0.17
CA GLU B 163 -14.82 48.17 1.02
C GLU B 163 -14.55 47.69 2.43
N PHE B 164 -13.75 48.42 3.20
CA PHE B 164 -13.41 47.96 4.54
C PHE B 164 -14.14 48.77 5.60
N ASP B 165 -14.55 48.08 6.66
CA ASP B 165 -15.08 48.74 7.83
C ASP B 165 -14.52 48.02 9.06
N ASP B 166 -15.11 48.28 10.22
CA ASP B 166 -14.55 47.75 11.45
C ASP B 166 -15.02 46.33 11.73
N GLY B 167 -16.05 45.86 11.03
CA GLY B 167 -16.55 44.52 11.29
C GLY B 167 -16.05 43.49 10.28
N GLY B 168 -15.55 43.96 9.15
CA GLY B 168 -15.05 43.09 8.11
C GLY B 168 -14.85 43.82 6.78
N VAL B 169 -15.14 43.12 5.69
CA VAL B 169 -14.88 43.60 4.35
C VAL B 169 -16.11 43.25 3.51
N THR B 170 -16.43 44.12 2.57
CA THR B 170 -17.52 43.95 1.64
C THR B 170 -16.94 43.98 0.24
N VAL B 171 -17.14 42.91 -0.51
CA VAL B 171 -16.72 42.78 -1.90
C VAL B 171 -17.94 42.91 -2.79
N SER B 172 -17.86 43.80 -3.78
CA SER B 172 -18.92 44.06 -4.74
C SER B 172 -18.41 43.65 -6.11
N GLY B 173 -19.25 42.89 -6.84
CA GLY B 173 -18.91 42.42 -8.17
C GLY B 173 -19.69 43.13 -9.27
N ALA B 174 -19.22 42.92 -10.51
CA ALA B 174 -19.84 43.55 -11.67
C ALA B 174 -21.31 43.15 -11.83
N ASP B 175 -21.69 41.93 -11.45
CA ASP B 175 -23.09 41.52 -11.59
C ASP B 175 -24.02 42.19 -10.57
N GLY B 176 -23.49 43.07 -9.73
CA GLY B 176 -24.28 43.76 -8.73
C GLY B 176 -24.45 43.01 -7.42
N SER B 177 -23.84 41.84 -7.28
CA SER B 177 -23.93 41.07 -6.05
C SER B 177 -22.90 41.55 -5.00
N THR B 178 -22.97 40.94 -3.83
CA THR B 178 -22.21 41.36 -2.68
C THR B 178 -21.80 40.13 -1.87
N VAL B 179 -20.52 40.13 -1.46
CA VAL B 179 -19.99 39.14 -0.52
C VAL B 179 -19.45 39.87 0.70
N ARG B 180 -19.79 39.39 1.88
CA ARG B 180 -19.35 39.98 3.13
C ARG B 180 -18.45 38.97 3.84
N ALA B 181 -17.33 39.43 4.37
CA ALA B 181 -16.45 38.51 5.08
C ALA B 181 -15.74 39.21 6.22
N ARG B 182 -15.12 38.43 7.09
CA ARG B 182 -14.33 39.00 8.17
C ARG B 182 -12.90 39.32 7.76
N TYR B 183 -12.36 38.63 6.75
CA TYR B 183 -11.00 38.82 6.28
C TYR B 183 -11.00 38.67 4.76
N LEU B 184 -10.07 39.35 4.10
CA LEU B 184 -9.90 39.22 2.66
C LEU B 184 -8.46 38.84 2.34
N VAL B 185 -8.29 37.81 1.52
CA VAL B 185 -7.00 37.42 0.99
C VAL B 185 -7.10 37.56 -0.53
N ASP B 186 -6.26 38.42 -1.11
CA ASP B 186 -6.16 38.57 -2.56
C ASP B 186 -4.94 37.78 -3.02
N ALA B 187 -5.20 36.69 -3.73
CA ALA B 187 -4.14 35.79 -4.19
C ALA B 187 -4.19 35.62 -5.69
N SER B 188 -4.68 36.63 -6.40
CA SER B 188 -4.86 36.50 -7.84
C SER B 188 -3.55 36.82 -8.57
N GLY B 189 -3.44 37.98 -9.21
CA GLY B 189 -2.23 38.27 -9.95
C GLY B 189 -1.99 39.75 -10.21
N PHE B 190 -1.47 40.07 -11.39
CA PHE B 190 -1.16 41.47 -11.68
C PHE B 190 -2.39 42.35 -11.57
N ARG B 191 -3.54 41.88 -12.05
CA ARG B 191 -4.73 42.72 -12.07
C ARG B 191 -5.46 42.67 -10.75
N SER B 192 -4.74 42.45 -9.66
CA SER B 192 -5.28 42.32 -8.31
C SER B 192 -6.24 43.47 -7.96
N PRO B 193 -7.52 43.18 -7.67
CA PRO B 193 -8.43 44.25 -7.25
C PRO B 193 -8.10 44.88 -5.91
N LEU B 194 -7.48 44.18 -4.96
CA LEU B 194 -7.10 44.84 -3.71
C LEU B 194 -5.96 45.84 -3.92
N ALA B 195 -4.95 45.47 -4.70
CA ALA B 195 -3.89 46.43 -5.01
C ALA B 195 -4.44 47.63 -5.77
N ARG B 196 -5.39 47.43 -6.69
CA ARG B 196 -5.96 48.55 -7.42
C ARG B 196 -6.77 49.45 -6.48
N GLN B 197 -7.56 48.84 -5.59
CA GLN B 197 -8.38 49.61 -4.65
C GLN B 197 -7.52 50.45 -3.71
N LEU B 198 -6.48 49.85 -3.14
CA LEU B 198 -5.74 50.51 -2.08
C LEU B 198 -4.48 51.24 -2.58
N GLY B 199 -4.26 51.29 -3.90
CA GLY B 199 -3.04 51.84 -4.47
C GLY B 199 -1.76 51.28 -3.89
N LEU B 200 -1.65 49.94 -3.81
CA LEU B 200 -0.50 49.26 -3.19
C LEU B 200 0.65 49.06 -4.13
N ARG B 201 0.39 49.12 -5.43
CA ARG B 201 1.42 48.92 -6.43
C ARG B 201 2.47 50.04 -6.36
N GLU B 202 3.77 49.68 -6.35
CA GLU B 202 4.87 50.64 -6.37
C GLU B 202 5.10 51.12 -7.80
N GLU B 203 5.10 52.43 -8.01
CA GLU B 203 5.37 53.01 -9.33
C GLU B 203 6.43 54.09 -9.27
N PRO B 204 7.64 53.88 -9.81
CA PRO B 204 8.06 52.63 -10.45
C PRO B 204 8.36 51.55 -9.41
N SER B 205 8.44 50.30 -9.86
CA SER B 205 8.76 49.21 -8.94
C SER B 205 10.19 49.38 -8.42
N ARG B 206 10.39 48.92 -7.18
CA ARG B 206 11.73 48.93 -6.60
C ARG B 206 12.65 47.87 -7.17
N LEU B 207 12.15 46.97 -8.03
CA LEU B 207 12.89 45.76 -8.43
C LEU B 207 14.01 46.09 -9.40
N LYS B 208 15.21 45.45 -9.25
CA LYS B 208 16.29 45.80 -10.16
C LYS B 208 16.25 44.92 -11.40
N HIS B 209 15.54 43.77 -11.39
CA HIS B 209 15.51 42.87 -12.55
C HIS B 209 14.52 43.35 -13.62
N HIS B 210 14.93 43.24 -14.88
CA HIS B 210 14.09 43.58 -16.01
C HIS B 210 13.99 42.40 -16.97
N ALA B 211 12.76 41.97 -17.26
CA ALA B 211 12.57 41.07 -18.40
C ALA B 211 11.11 41.10 -18.86
N ARG B 212 10.93 41.05 -20.18
CA ARG B 212 9.65 40.81 -20.83
C ARG B 212 9.65 39.38 -21.40
N SER B 213 8.49 38.94 -21.88
CA SER B 213 8.29 37.53 -22.14
C SER B 213 7.55 37.30 -23.45
N ILE B 214 7.85 36.16 -24.08
CA ILE B 214 7.02 35.56 -25.13
C ILE B 214 6.97 34.06 -24.90
N PHE B 215 5.77 33.49 -24.71
CA PHE B 215 5.71 32.06 -24.35
C PHE B 215 4.45 31.43 -24.90
N THR B 216 4.47 30.10 -24.97
CA THR B 216 3.34 29.31 -25.43
C THR B 216 3.56 27.85 -25.04
N HIS B 217 2.59 27.02 -25.40
CA HIS B 217 2.75 25.58 -25.40
C HIS B 217 2.83 25.09 -26.84
N VAL B 219 3.60 21.60 -29.68
CA VAL B 219 3.63 20.17 -29.97
C VAL B 219 4.79 19.91 -30.92
N GLY B 220 5.45 18.77 -30.76
CA GLY B 220 6.52 18.38 -31.66
C GLY B 220 7.91 18.86 -31.31
N VAL B 221 8.14 19.32 -30.10
CA VAL B 221 9.47 19.73 -29.67
C VAL B 221 10.29 18.49 -29.39
N ASP B 222 11.50 18.44 -29.95
CA ASP B 222 12.41 17.33 -29.75
C ASP B 222 13.22 17.54 -28.48
N ALA B 223 13.96 16.51 -28.10
CA ALA B 223 14.89 16.62 -26.99
C ALA B 223 16.17 17.29 -27.46
N ILE B 224 16.68 18.26 -26.69
CA ILE B 224 17.93 18.90 -27.10
C ILE B 224 19.05 17.87 -27.13
N ASP B 225 18.95 16.82 -26.30
CA ASP B 225 20.00 15.80 -26.24
C ASP B 225 20.28 15.20 -27.60
N ASP B 226 19.28 15.17 -28.49
CA ASP B 226 19.41 14.56 -29.79
C ASP B 226 19.87 15.53 -30.86
N HIS B 227 20.12 16.77 -30.49
CA HIS B 227 20.43 17.77 -31.51
C HIS B 227 21.70 18.52 -31.17
N VAL B 228 22.43 18.12 -30.14
CA VAL B 228 23.76 18.66 -29.90
C VAL B 228 24.79 17.53 -29.99
N ASP B 229 25.92 17.84 -30.65
CA ASP B 229 27.11 16.97 -30.70
C ASP B 229 28.01 17.26 -29.52
N THR B 230 27.85 16.48 -28.48
CA THR B 230 28.66 16.72 -27.34
C THR B 230 29.55 15.51 -27.19
N PRO B 231 30.83 15.72 -27.01
CA PRO B 231 31.74 14.62 -26.71
C PRO B 231 31.28 13.88 -25.45
N ALA B 232 31.49 12.57 -25.44
CA ALA B 232 30.92 11.68 -24.42
C ALA B 232 31.26 12.09 -22.99
N GLU B 233 32.45 12.65 -22.77
CA GLU B 233 32.99 13.04 -21.49
C GLU B 233 32.33 14.30 -20.94
N LEU B 234 31.63 15.04 -21.81
CA LEU B 234 30.93 16.25 -21.44
C LEU B 234 29.42 16.11 -21.47
N ARG B 235 28.90 14.94 -21.78
CA ARG B 235 27.47 14.76 -21.77
C ARG B 235 27.01 14.71 -20.32
N PRO B 236 25.84 15.23 -20.01
CA PRO B 236 25.39 15.33 -18.63
C PRO B 236 25.11 13.94 -18.07
N PRO B 237 25.28 13.73 -16.76
CA PRO B 237 24.97 12.42 -16.17
C PRO B 237 23.51 12.02 -16.37
N VAL B 238 22.58 12.96 -16.34
CA VAL B 238 21.17 12.66 -16.60
C VAL B 238 20.74 13.46 -17.83
N PRO B 239 19.79 12.97 -18.65
CA PRO B 239 19.47 13.68 -19.90
C PRO B 239 18.89 15.09 -19.68
N TRP B 240 19.26 15.99 -20.60
CA TRP B 240 18.74 17.35 -20.57
C TRP B 240 17.23 17.37 -20.61
N ASN B 241 16.64 16.60 -21.53
CA ASN B 241 15.19 16.56 -21.69
C ASN B 241 14.49 15.96 -20.48
N ASP B 242 15.22 15.35 -19.54
CA ASP B 242 14.54 14.83 -18.36
C ASP B 242 14.28 15.90 -17.31
N GLY B 243 14.61 17.16 -17.59
CA GLY B 243 14.37 18.25 -16.67
C GLY B 243 14.04 19.55 -17.38
N THR B 244 14.28 20.69 -16.72
CA THR B 244 14.03 22.01 -17.29
C THR B 244 15.28 22.50 -18.02
N HIS B 246 17.36 25.41 -19.74
CA HIS B 246 17.49 26.86 -19.83
C HIS B 246 18.50 27.13 -20.90
N HIS B 247 18.04 27.67 -22.03
CA HIS B 247 18.93 28.18 -23.08
C HIS B 247 19.30 29.61 -22.72
N ILE B 248 20.54 29.84 -22.35
CA ILE B 248 21.02 31.11 -21.82
C ILE B 248 21.73 31.88 -22.92
N PHE B 249 21.46 33.18 -23.00
CA PHE B 249 22.15 34.03 -23.97
C PHE B 249 22.24 35.43 -23.37
N GLU B 250 22.86 36.36 -24.09
CA GLU B 250 23.12 37.65 -23.48
C GLU B 250 21.80 38.32 -23.05
N ARG B 251 21.69 38.60 -21.75
CA ARG B 251 20.55 39.31 -21.17
C ARG B 251 19.22 38.64 -21.49
N GLY B 252 19.21 37.33 -21.57
CA GLY B 252 17.96 36.63 -21.81
C GLY B 252 18.15 35.14 -21.69
N TRP B 253 17.04 34.42 -21.61
CA TRP B 253 17.07 32.97 -21.55
C TRP B 253 15.74 32.40 -22.01
N TRP B 255 13.19 28.70 -21.99
CA TRP B 255 12.89 27.48 -21.28
C TRP B 255 12.29 26.44 -22.22
N ILE B 256 12.66 25.19 -21.94
CA ILE B 256 12.09 24.01 -22.59
C ILE B 256 11.61 23.10 -21.46
N ILE B 257 10.29 22.97 -21.31
CA ILE B 257 9.71 22.20 -20.22
C ILE B 257 8.77 21.17 -20.82
N PRO B 258 9.25 19.96 -21.13
CA PRO B 258 8.37 18.97 -21.74
C PRO B 258 7.41 18.36 -20.72
N PHE B 259 6.19 18.07 -21.16
CA PHE B 259 5.26 17.30 -20.35
C PHE B 259 5.25 15.83 -20.73
N ASN B 260 6.00 15.45 -21.76
CA ASN B 260 6.03 14.09 -22.28
C ASN B 260 7.40 13.44 -22.17
N ASN B 261 8.22 13.88 -21.22
CA ASN B 261 9.58 13.35 -21.09
C ASN B 261 9.64 12.09 -20.24
N HIS B 262 8.69 11.16 -20.36
CA HIS B 262 8.77 9.90 -19.65
C HIS B 262 8.04 8.84 -20.46
N PRO B 263 8.34 7.56 -20.23
CA PRO B 263 7.77 6.51 -21.10
C PRO B 263 6.26 6.44 -20.98
N GLY B 264 5.59 6.41 -22.14
CA GLY B 264 4.15 6.28 -22.16
C GLY B 264 3.40 7.54 -21.78
N ALA B 265 4.05 8.72 -21.84
CA ALA B 265 3.41 9.97 -21.44
C ALA B 265 2.20 10.29 -22.31
N THR B 266 1.14 10.82 -21.67
CA THR B 266 -0.10 11.12 -22.40
C THR B 266 -0.18 12.54 -22.93
N ASN B 267 0.60 13.48 -22.37
CA ASN B 267 0.57 14.86 -22.81
C ASN B 267 1.68 15.13 -23.82
N PRO B 268 1.37 15.39 -25.10
CA PRO B 268 2.44 15.65 -26.08
C PRO B 268 3.00 17.06 -26.05
N LEU B 269 2.58 17.91 -25.14
CA LEU B 269 2.91 19.32 -25.20
C LEU B 269 4.23 19.61 -24.51
N CYS B 270 4.75 20.80 -24.79
CA CYS B 270 5.98 21.24 -24.17
C CYS B 270 5.85 22.74 -23.98
N SER B 271 6.07 23.21 -22.76
CA SER B 271 6.07 24.64 -22.48
C SER B 271 7.38 25.27 -22.98
N VAL B 272 7.25 26.31 -23.79
CA VAL B 272 8.40 26.97 -24.40
C VAL B 272 8.24 28.47 -24.22
N GLY B 273 9.26 29.13 -23.71
CA GLY B 273 9.15 30.57 -23.57
C GLY B 273 10.51 31.21 -23.56
N ILE B 274 10.51 32.51 -23.81
CA ILE B 274 11.73 33.29 -23.87
C ILE B 274 11.54 34.53 -23.01
N GLN B 275 12.56 34.82 -22.19
CA GLN B 275 12.66 36.00 -21.34
C GLN B 275 13.76 36.90 -21.91
N LEU B 276 13.46 38.19 -22.01
CA LEU B 276 14.39 39.15 -22.61
C LEU B 276 14.40 40.42 -21.77
N ASP B 277 15.59 40.84 -21.36
CA ASP B 277 15.76 42.17 -20.80
C ASP B 277 15.40 43.22 -21.87
N GLU B 278 14.33 43.99 -21.62
CA GLU B 278 13.81 44.93 -22.61
C GLU B 278 14.70 46.16 -22.75
N ARG B 279 15.57 46.41 -21.78
CA ARG B 279 16.55 47.48 -21.92
C ARG B 279 17.56 47.14 -23.01
N ARG B 280 17.86 45.86 -23.19
CA ARG B 280 18.77 45.42 -24.24
C ARG B 280 18.03 44.93 -25.49
N TYR B 281 16.77 44.52 -25.35
CA TYR B 281 15.96 43.99 -26.45
C TYR B 281 14.69 44.81 -26.54
N PRO B 282 14.71 45.92 -27.26
CA PRO B 282 13.53 46.80 -27.31
C PRO B 282 12.36 46.12 -28.00
N ALA B 283 11.15 46.57 -27.66
CA ALA B 283 9.94 45.92 -28.17
C ALA B 283 9.86 45.96 -29.69
N ARG B 284 9.19 44.94 -30.26
CA ARG B 284 9.01 44.83 -31.70
C ARG B 284 7.54 44.75 -32.09
N PRO B 285 6.80 45.85 -32.00
CA PRO B 285 5.39 45.85 -32.40
C PRO B 285 5.20 45.53 -33.86
N ASP B 286 6.23 45.73 -34.70
CA ASP B 286 6.12 45.43 -36.12
C ASP B 286 6.08 43.94 -36.40
N LEU B 287 6.47 43.13 -35.42
CA LEU B 287 6.45 41.67 -35.53
C LEU B 287 5.28 41.11 -34.75
N THR B 288 4.79 39.95 -35.18
CA THR B 288 3.87 39.17 -34.37
C THR B 288 4.63 38.43 -33.27
N PRO B 289 3.96 38.08 -32.16
CA PRO B 289 4.65 37.31 -31.11
C PRO B 289 5.40 36.10 -31.63
N GLU B 290 4.78 35.32 -32.51
CA GLU B 290 5.46 34.20 -33.15
C GLU B 290 6.69 34.65 -33.94
N GLU B 291 6.59 35.75 -34.69
CA GLU B 291 7.74 36.17 -35.49
C GLU B 291 8.90 36.57 -34.60
N GLU B 292 8.62 37.33 -33.54
CA GLU B 292 9.69 37.76 -32.66
C GLU B 292 10.35 36.56 -32.00
N PHE B 293 9.52 35.62 -31.51
CA PHE B 293 10.03 34.38 -30.93
C PHE B 293 10.94 33.66 -31.91
N TRP B 294 10.45 33.47 -33.14
CA TRP B 294 11.25 32.70 -34.08
C TRP B 294 12.52 33.45 -34.49
N SER B 295 12.49 34.79 -34.50
CA SER B 295 13.72 35.53 -34.79
C SER B 295 14.78 35.25 -33.74
N HIS B 296 14.35 35.13 -32.48
CA HIS B 296 15.31 34.83 -31.42
C HIS B 296 15.78 33.38 -31.51
N VAL B 297 14.86 32.47 -31.82
CA VAL B 297 15.30 31.09 -32.02
C VAL B 297 16.33 31.02 -33.14
N ASP B 298 16.13 31.82 -34.20
CA ASP B 298 17.01 31.70 -35.36
C ASP B 298 18.40 32.21 -35.07
N ARG B 299 18.55 33.03 -34.02
CA ARG B 299 19.92 33.39 -33.62
C ARG B 299 20.78 32.18 -33.25
N PHE B 300 20.19 31.07 -32.80
CA PHE B 300 20.94 30.00 -32.14
C PHE B 300 20.77 28.64 -32.81
N PRO B 301 21.78 28.14 -33.54
CA PRO B 301 21.54 26.95 -34.37
C PRO B 301 21.11 25.70 -33.61
N ALA B 302 21.58 25.46 -32.39
CA ALA B 302 21.12 24.26 -31.71
C ALA B 302 19.65 24.35 -31.32
N VAL B 303 19.21 25.52 -30.83
CA VAL B 303 17.79 25.71 -30.51
C VAL B 303 16.94 25.58 -31.76
N GLN B 304 17.39 26.19 -32.88
CA GLN B 304 16.70 26.06 -34.16
C GLN B 304 16.49 24.60 -34.53
N ARG B 305 17.50 23.76 -34.31
CA ARG B 305 17.35 22.35 -34.61
C ARG B 305 16.37 21.69 -33.64
N GLN B 306 16.41 22.08 -32.36
CA GLN B 306 15.51 21.48 -31.40
C GLN B 306 14.06 21.85 -31.68
N LEU B 307 13.81 23.01 -32.29
CA LEU B 307 12.45 23.52 -32.43
C LEU B 307 11.91 23.41 -33.86
N LYS B 308 12.57 22.65 -34.73
CA LYS B 308 12.26 22.69 -36.15
C LYS B 308 10.81 22.31 -36.41
N GLY B 309 10.38 21.16 -35.91
CA GLY B 309 9.03 20.75 -36.21
C GLY B 309 8.00 21.18 -35.19
N ALA B 310 8.34 22.16 -34.34
CA ALA B 310 7.46 22.52 -33.25
C ALA B 310 6.39 23.50 -33.75
N ARG B 311 5.15 23.29 -33.27
CA ARG B 311 4.02 24.13 -33.67
C ARG B 311 3.29 24.57 -32.41
N SER B 312 2.90 25.84 -32.39
CA SER B 312 2.19 26.38 -31.24
C SER B 312 0.76 25.88 -31.24
N VAL B 313 0.25 25.53 -30.05
CA VAL B 313 -1.14 25.11 -29.92
C VAL B 313 -1.96 26.13 -29.16
N ARG B 314 -1.40 27.30 -28.85
CA ARG B 314 -2.12 28.35 -28.14
C ARG B 314 -1.89 29.68 -28.83
N GLU B 315 -2.72 30.66 -28.48
CA GLU B 315 -2.42 32.04 -28.87
C GLU B 315 -1.21 32.51 -28.08
N TRP B 316 -0.22 33.01 -28.79
CA TRP B 316 1.00 33.45 -28.14
C TRP B 316 0.72 34.58 -27.16
N VAL B 317 1.47 34.60 -26.07
CA VAL B 317 1.43 35.71 -25.12
C VAL B 317 2.73 36.45 -25.23
N ARG B 318 2.65 37.77 -25.44
CA ARG B 318 3.81 38.68 -25.42
C ARG B 318 3.58 39.78 -24.39
N THR B 319 4.53 39.96 -23.49
CA THR B 319 4.33 40.92 -22.40
C THR B 319 5.20 42.16 -22.55
N ASP B 320 4.93 43.11 -21.68
CA ASP B 320 5.88 44.19 -21.44
C ASP B 320 6.75 43.77 -20.28
N ARG B 321 7.45 44.71 -19.65
CA ARG B 321 8.21 44.37 -18.47
C ARG B 321 7.28 43.71 -17.46
N GLN B 323 8.01 42.69 -14.14
CA GLN B 323 8.25 42.80 -12.72
C GLN B 323 7.33 43.85 -12.12
N TYR B 324 6.82 43.54 -10.93
CA TYR B 324 6.05 44.50 -10.15
C TYR B 324 6.20 44.20 -8.67
N SER B 325 5.94 45.20 -7.86
CA SER B 325 6.12 45.11 -6.42
C SER B 325 5.08 45.98 -5.74
N SER B 326 4.97 45.81 -4.41
CA SER B 326 3.97 46.49 -3.60
C SER B 326 4.60 47.14 -2.36
N SER B 327 4.00 48.27 -1.93
CA SER B 327 4.52 48.99 -0.76
C SER B 327 4.05 48.38 0.56
N ARG B 328 2.83 47.87 0.61
CA ARG B 328 2.29 47.17 1.77
C ARG B 328 1.72 45.83 1.30
N THR B 329 1.77 44.84 2.19
CA THR B 329 1.28 43.50 1.88
C THR B 329 0.20 43.02 2.85
N VAL B 330 0.22 43.47 4.10
CA VAL B 330 -0.86 43.16 5.02
C VAL B 330 -1.44 44.47 5.54
N GLY B 331 -2.71 44.41 5.86
CA GLY B 331 -3.37 45.54 6.46
C GLY B 331 -4.41 44.94 7.37
N GLU B 332 -5.32 45.79 7.82
CA GLU B 332 -6.43 45.34 8.69
C GLU B 332 -7.47 44.59 7.88
N ARG B 333 -7.63 43.31 8.16
CA ARG B 333 -8.59 42.41 7.59
C ARG B 333 -8.27 42.14 6.13
N TRP B 334 -6.98 42.30 5.77
CA TRP B 334 -6.59 41.97 4.41
C TRP B 334 -5.11 41.56 4.29
N CYS B 335 -4.85 40.75 3.27
CA CYS B 335 -3.52 40.26 2.97
C CYS B 335 -3.36 40.18 1.46
N LEU B 336 -2.37 40.89 0.92
CA LEU B 336 -2.00 40.84 -0.49
C LEU B 336 -0.94 39.77 -0.65
N SER B 338 1.38 36.58 -2.54
CA SER B 338 2.05 35.87 -3.62
C SER B 338 2.05 36.69 -4.92
N HIS B 339 1.44 36.17 -5.97
CA HIS B 339 1.54 36.84 -7.26
C HIS B 339 0.71 38.12 -7.32
N ALA B 340 -0.19 38.35 -6.33
CA ALA B 340 -0.88 39.64 -6.21
C ALA B 340 0.04 40.71 -5.63
N ALA B 341 1.06 40.33 -4.89
CA ALA B 341 1.99 41.29 -4.32
C ALA B 341 3.13 41.63 -5.28
N GLY B 342 3.66 40.66 -6.00
CA GLY B 342 4.83 40.95 -6.80
C GLY B 342 5.15 39.79 -7.72
N PHE B 343 6.08 40.04 -8.63
CA PHE B 343 6.56 39.01 -9.52
C PHE B 343 7.97 39.37 -9.95
N ILE B 344 8.83 38.36 -10.11
CA ILE B 344 10.18 38.61 -10.62
C ILE B 344 10.37 38.00 -12.01
N ASP B 345 10.41 36.68 -12.08
CA ASP B 345 10.75 35.99 -13.32
C ASP B 345 10.41 34.51 -13.14
N PRO B 346 10.18 33.78 -14.24
CA PRO B 346 10.07 32.32 -14.13
C PRO B 346 11.36 31.61 -13.76
N LEU B 347 12.53 32.25 -13.91
CA LEU B 347 13.81 31.59 -13.69
C LEU B 347 13.94 31.10 -12.26
N PHE B 348 14.32 29.82 -12.13
CA PHE B 348 14.48 29.08 -10.87
C PHE B 348 13.17 28.71 -10.22
N SER B 349 12.03 29.04 -10.84
CA SER B 349 10.71 28.62 -10.39
C SER B 349 10.47 28.92 -8.91
N ARG B 350 10.88 30.12 -8.49
CA ARG B 350 10.74 30.47 -7.08
C ARG B 350 9.29 30.78 -6.69
N GLY B 351 8.47 31.19 -7.68
CA GLY B 351 7.12 31.67 -7.39
C GLY B 351 6.29 30.69 -6.59
N LEU B 352 6.16 29.46 -7.08
CA LEU B 352 5.37 28.48 -6.34
C LEU B 352 5.94 28.26 -4.95
N SER B 353 7.27 28.14 -4.85
CA SER B 353 7.87 27.97 -3.55
C SER B 353 7.52 29.16 -2.65
N ASN B 354 7.59 30.38 -3.20
CA ASN B 354 7.23 31.55 -2.43
C ASN B 354 5.81 31.46 -1.90
N THR B 355 4.87 31.08 -2.79
CA THR B 355 3.49 30.96 -2.37
C THR B 355 3.38 30.04 -1.16
N CYS B 356 4.06 28.89 -1.22
CA CYS B 356 3.92 27.93 -0.14
C CYS B 356 4.44 28.53 1.16
N GLU B 357 5.57 29.21 1.12
CA GLU B 357 6.07 29.79 2.36
C GLU B 357 5.08 30.78 2.93
N ILE B 358 4.47 31.59 2.08
CA ILE B 358 3.52 32.54 2.63
C ILE B 358 2.32 31.80 3.23
N ILE B 359 1.82 30.78 2.53
CA ILE B 359 0.68 30.07 3.08
C ILE B 359 1.06 29.46 4.42
N ASN B 360 2.30 28.96 4.51
CA ASN B 360 2.73 28.33 5.75
C ASN B 360 2.72 29.32 6.89
N ALA B 361 3.16 30.55 6.62
CA ALA B 361 3.20 31.54 7.69
C ALA B 361 1.84 32.19 7.89
N LEU B 362 1.01 32.26 6.85
CA LEU B 362 -0.22 33.03 7.04
C LEU B 362 -1.28 32.21 7.75
N SER B 363 -1.39 30.93 7.39
CA SER B 363 -2.53 30.13 7.78
C SER B 363 -2.70 30.12 9.30
N TRP B 364 -1.69 29.65 10.03
CA TRP B 364 -1.83 29.51 11.47
C TRP B 364 -2.09 30.85 12.14
N ARG B 365 -1.56 31.95 11.57
CA ARG B 365 -1.86 33.26 12.13
C ARG B 365 -3.31 33.62 11.86
N LEU B 366 -3.74 33.45 10.60
CA LEU B 366 -5.10 33.82 10.23
C LEU B 366 -6.11 33.07 11.08
N ALA B 368 -5.78 31.71 14.03
CA ALA B 368 -5.79 32.27 15.39
C ALA B 368 -6.61 33.54 15.43
N ALA B 369 -6.34 34.46 14.51
CA ALA B 369 -7.10 35.71 14.50
C ALA B 369 -8.58 35.42 14.46
N LEU B 370 -8.99 34.49 13.58
CA LEU B 370 -10.41 34.19 13.44
C LEU B 370 -10.99 33.63 14.73
N ARG B 371 -10.22 32.82 15.44
CA ARG B 371 -10.77 32.26 16.66
C ARG B 371 -10.74 33.24 17.83
N GLU B 372 -10.05 34.37 17.69
CA GLU B 372 -9.97 35.34 18.77
C GLU B 372 -10.65 36.66 18.42
N ASP B 373 -11.24 36.76 17.22
CA ASP B 373 -11.80 37.99 16.65
C ASP B 373 -10.89 39.21 16.86
N ASP B 374 -9.57 38.98 16.83
CA ASP B 374 -8.57 40.04 17.01
C ASP B 374 -7.75 40.14 15.72
N PHE B 375 -7.98 41.19 14.95
CA PHE B 375 -7.28 41.30 13.69
C PHE B 375 -6.17 42.34 13.73
N ALA B 376 -5.37 42.36 14.80
CA ALA B 376 -4.37 43.39 14.98
C ALA B 376 -3.21 43.17 14.04
N VAL B 377 -2.83 44.24 13.33
CA VAL B 377 -1.86 44.15 12.24
C VAL B 377 -0.51 43.59 12.73
N GLU B 378 -0.20 43.76 14.02
CA GLU B 378 1.07 43.25 14.54
C GLU B 378 1.15 41.74 14.40
N ARG B 379 0.03 41.03 14.57
CA ARG B 379 0.07 39.58 14.44
C ARG B 379 0.45 39.15 13.03
N PHE B 380 0.22 40.00 12.03
CA PHE B 380 0.55 39.69 10.65
C PHE B 380 1.82 40.38 10.16
N ALA B 381 2.54 41.08 11.04
CA ALA B 381 3.71 41.81 10.59
C ALA B 381 4.72 40.89 9.91
N TYR B 382 5.00 39.72 10.51
CA TYR B 382 5.97 38.81 9.91
C TYR B 382 5.55 38.38 8.51
N VAL B 383 4.26 38.15 8.29
CA VAL B 383 3.82 37.77 6.96
C VAL B 383 4.25 38.83 5.95
N GLU B 384 4.04 40.11 6.25
CA GLU B 384 4.49 41.14 5.32
C GLU B 384 6.00 41.10 5.17
N GLU B 385 6.71 41.04 6.31
CA GLU B 385 8.17 40.95 6.26
C GLU B 385 8.57 39.78 5.37
N LEU B 386 7.88 38.63 5.52
CA LEU B 386 8.19 37.48 4.69
C LEU B 386 7.96 37.76 3.21
N GLU B 387 6.77 38.24 2.84
CA GLU B 387 6.48 38.50 1.43
C GLU B 387 7.53 39.41 0.79
N GLN B 388 7.77 40.56 1.40
CA GLN B 388 8.71 41.52 0.84
C GLN B 388 10.10 40.91 0.77
N GLY B 389 10.48 40.15 1.81
CA GLY B 389 11.80 39.54 1.81
C GLY B 389 11.95 38.56 0.67
N LEU B 390 10.93 37.70 0.49
CA LEU B 390 10.94 36.76 -0.62
C LEU B 390 11.13 37.47 -1.93
N LEU B 391 10.44 38.61 -2.11
CA LEU B 391 10.56 39.31 -3.37
C LEU B 391 11.95 39.88 -3.55
N ASP B 392 12.49 40.52 -2.50
CA ASP B 392 13.75 41.24 -2.67
C ASP B 392 14.89 40.27 -2.95
N TRP B 393 14.98 39.19 -2.16
CA TRP B 393 16.00 38.18 -2.39
C TRP B 393 15.81 37.53 -3.75
N ASN B 394 14.56 37.19 -4.09
CA ASN B 394 14.31 36.64 -5.42
C ASN B 394 14.86 37.60 -6.49
N ASP B 395 14.64 38.91 -6.29
CA ASP B 395 15.13 39.92 -7.20
C ASP B 395 16.64 39.80 -7.39
N LYS B 396 17.40 39.78 -6.28
CA LYS B 396 18.86 39.72 -6.42
C LYS B 396 19.28 38.47 -7.18
N LEU B 397 18.70 37.34 -6.77
CA LEU B 397 19.06 36.07 -7.40
C LEU B 397 18.88 36.15 -8.91
N VAL B 398 17.78 36.73 -9.36
CA VAL B 398 17.54 36.72 -10.80
C VAL B 398 18.36 37.81 -11.48
N ASN B 399 18.46 38.98 -10.86
CA ASN B 399 19.24 40.04 -11.47
C ASN B 399 20.71 39.63 -11.62
N ASN B 400 21.29 39.09 -10.53
CA ASN B 400 22.65 38.55 -10.60
C ASN B 400 22.77 37.59 -11.78
N SER B 401 21.81 36.66 -11.89
CA SER B 401 21.87 35.67 -12.95
C SER B 401 21.88 36.33 -14.31
N PHE B 402 20.96 37.28 -14.53
CA PHE B 402 20.88 37.89 -15.85
C PHE B 402 22.19 38.59 -16.17
N ILE B 403 22.78 39.27 -15.17
CA ILE B 403 24.04 39.95 -15.42
C ILE B 403 25.12 38.93 -15.77
N SER B 404 25.16 37.82 -15.05
CA SER B 404 26.20 36.83 -15.29
C SER B 404 26.06 36.13 -16.65
N PHE B 405 24.91 36.25 -17.32
CA PHE B 405 24.74 35.48 -18.54
C PHE B 405 25.74 35.85 -19.63
N SER B 406 26.44 36.98 -19.52
CA SER B 406 27.38 37.42 -20.56
C SER B 406 28.77 36.80 -20.43
N HIS B 407 29.07 36.14 -19.30
CA HIS B 407 30.39 35.60 -19.03
C HIS B 407 30.20 34.31 -18.24
N TYR B 408 30.36 33.17 -18.90
CA TYR B 408 30.11 31.89 -18.23
C TYR B 408 30.87 31.70 -16.93
N PRO B 409 32.13 32.11 -16.81
CA PRO B 409 32.82 31.93 -15.51
C PRO B 409 32.15 32.67 -14.37
N LEU B 410 31.42 33.75 -14.64
CA LEU B 410 30.67 34.44 -13.60
C LEU B 410 29.38 33.68 -13.26
N TRP B 411 28.66 33.25 -14.30
CA TRP B 411 27.51 32.38 -14.10
C TRP B 411 27.89 31.18 -13.26
N ASN B 412 29.10 30.65 -13.45
CA ASN B 412 29.49 29.45 -12.73
C ASN B 412 29.40 29.66 -11.21
N SER B 413 29.81 30.85 -10.74
CA SER B 413 29.71 31.12 -9.31
C SER B 413 28.29 31.38 -8.87
N VAL B 414 27.51 32.13 -9.67
CA VAL B 414 26.09 32.30 -9.33
C VAL B 414 25.42 30.94 -9.18
N PHE B 415 25.69 30.05 -10.13
CA PHE B 415 25.08 28.74 -10.18
C PHE B 415 25.39 27.93 -8.93
N ARG B 416 26.68 27.83 -8.59
CA ARG B 416 26.98 26.98 -7.43
C ARG B 416 26.51 27.62 -6.12
N ILE B 417 26.54 28.95 -6.00
CA ILE B 417 26.04 29.56 -4.77
C ILE B 417 24.55 29.30 -4.60
N TRP B 418 23.78 29.46 -5.67
CA TRP B 418 22.34 29.22 -5.55
C TRP B 418 22.05 27.74 -5.23
N ALA B 419 22.64 26.83 -6.00
CA ALA B 419 22.27 25.42 -5.89
C ALA B 419 22.75 24.84 -4.56
N SER B 420 23.97 25.18 -4.12
CA SER B 420 24.45 24.67 -2.84
C SER B 420 23.54 25.13 -1.71
N ALA B 421 23.04 26.38 -1.75
CA ALA B 421 22.12 26.78 -0.69
C ALA B 421 20.81 26.02 -0.73
N SER B 422 20.37 25.59 -1.92
CA SER B 422 19.10 24.87 -2.01
C SER B 422 19.01 23.73 -1.01
N VAL B 423 20.01 22.83 -1.04
CA VAL B 423 19.99 21.62 -0.20
C VAL B 423 19.92 21.98 1.28
N ILE B 424 20.73 22.94 1.70
CA ILE B 424 20.82 23.29 3.12
C ILE B 424 19.51 23.86 3.63
N GLY B 425 18.89 24.77 2.86
CA GLY B 425 17.63 25.34 3.32
C GLY B 425 16.52 24.30 3.35
N GLY B 426 16.52 23.40 2.38
CA GLY B 426 15.58 22.29 2.40
C GLY B 426 15.70 21.47 3.67
N LYS B 427 16.94 21.11 4.04
CA LYS B 427 17.12 20.35 5.27
C LYS B 427 16.65 21.14 6.49
N ARG B 428 16.81 22.46 6.48
CA ARG B 428 16.28 23.26 7.59
C ARG B 428 14.78 23.04 7.77
N ILE B 429 14.02 23.24 6.69
CA ILE B 429 12.57 23.08 6.78
C ILE B 429 12.19 21.64 7.12
N LEU B 430 12.86 20.66 6.53
CA LEU B 430 12.55 19.26 6.82
C LEU B 430 12.79 18.91 8.28
N ASN B 431 13.89 19.40 8.85
CA ASN B 431 14.14 19.13 10.25
C ASN B 431 13.03 19.69 11.12
N ALA B 432 12.59 20.92 10.80
CA ALA B 432 11.47 21.46 11.57
C ALA B 432 10.22 20.60 11.42
N LEU B 433 9.97 20.10 10.21
CA LEU B 433 8.77 19.30 9.96
C LEU B 433 8.82 18.00 10.76
N THR B 434 9.95 17.30 10.73
CA THR B 434 10.03 16.04 11.46
C THR B 434 9.94 16.26 12.96
N ARG B 435 10.55 17.34 13.47
CA ARG B 435 10.38 17.65 14.90
C ARG B 435 8.91 17.85 15.25
N THR B 436 8.18 18.62 14.43
CA THR B 436 6.76 18.81 14.72
C THR B 436 5.97 17.51 14.60
N LYS B 437 6.34 16.64 13.65
CA LYS B 437 5.63 15.37 13.52
C LYS B 437 5.88 14.46 14.71
N GLU B 438 7.04 14.58 15.35
CA GLU B 438 7.33 13.68 16.47
C GLU B 438 6.82 14.23 17.80
N THR B 439 6.89 15.54 18.03
CA THR B 439 6.41 16.08 19.29
C THR B 439 4.93 16.41 19.28
N GLY B 440 4.32 16.49 18.10
CA GLY B 440 2.92 16.88 18.01
C GLY B 440 2.67 18.30 18.45
N ASP B 441 3.65 19.18 18.30
CA ASP B 441 3.58 20.56 18.76
C ASP B 441 3.86 21.52 17.61
N ASP B 442 3.00 22.53 17.45
CA ASP B 442 3.19 23.54 16.40
C ASP B 442 4.37 24.46 16.68
N SER B 443 4.89 24.46 17.90
CA SER B 443 6.01 25.33 18.24
C SER B 443 7.17 25.19 17.27
N HIS B 444 7.54 23.96 16.93
CA HIS B 444 8.71 23.76 16.10
C HIS B 444 8.51 24.25 14.67
N CYS B 445 7.27 24.20 14.17
CA CYS B 445 7.02 24.77 12.86
C CYS B 445 6.93 26.28 12.91
N GLN B 446 6.39 26.82 14.00
CA GLN B 446 6.34 28.27 14.14
C GLN B 446 7.72 28.85 14.35
N ALA B 447 8.67 28.05 14.83
CA ALA B 447 10.04 28.51 15.02
C ALA B 447 10.74 28.83 13.71
N LEU B 448 10.22 28.34 12.58
CA LEU B 448 10.80 28.70 11.29
C LEU B 448 10.59 30.18 11.00
N ASP B 449 9.56 30.77 11.57
CA ASP B 449 9.28 32.18 11.43
C ASP B 449 10.22 33.07 12.23
N ASP B 450 11.17 32.51 12.99
CA ASP B 450 12.21 33.31 13.67
C ASP B 450 13.51 33.27 12.88
N ASN B 451 13.51 33.54 11.57
CA ASN B 451 14.86 33.50 11.01
C ASN B 451 15.40 34.91 10.83
N PRO B 452 16.71 35.08 10.97
CA PRO B 452 17.25 36.44 10.87
C PRO B 452 17.09 37.08 9.51
N TYR B 453 16.91 36.30 8.44
CA TYR B 453 16.80 36.86 7.08
C TYR B 453 15.56 36.30 6.38
N PRO B 454 14.39 36.80 6.72
CA PRO B 454 13.18 36.26 6.07
C PRO B 454 13.21 36.49 4.56
N GLY B 455 12.99 35.40 3.83
CA GLY B 455 13.00 35.37 2.39
C GLY B 455 14.23 34.73 1.79
N LEU B 456 15.32 34.66 2.54
CA LEU B 456 16.52 34.00 2.04
C LEU B 456 16.32 32.49 2.17
N TRP B 457 16.54 31.77 1.05
CA TRP B 457 16.23 30.34 1.00
C TRP B 457 17.12 29.54 1.96
N CYS B 458 18.32 30.03 2.26
CA CYS B 458 19.24 29.45 3.24
C CYS B 458 19.62 30.52 4.26
N PRO B 459 18.82 30.70 5.34
CA PRO B 459 18.93 31.91 6.17
C PRO B 459 20.07 31.85 7.20
N LEU B 460 21.29 31.65 6.73
CA LEU B 460 22.44 31.56 7.62
C LEU B 460 23.44 32.67 7.32
N ASP B 461 24.18 33.06 8.37
CA ASP B 461 25.05 34.23 8.29
C ASP B 461 26.15 34.07 7.25
N PHE B 462 26.80 32.91 7.20
CA PHE B 462 27.86 32.74 6.21
C PHE B 462 27.29 32.75 4.79
N TYR B 463 26.07 32.20 4.62
CA TYR B 463 25.45 32.25 3.31
C TYR B 463 25.07 33.67 2.93
N LYS B 464 24.53 34.44 3.87
CA LYS B 464 24.20 35.83 3.58
C LYS B 464 25.44 36.63 3.19
N GLU B 465 26.59 36.40 3.86
CA GLU B 465 27.82 37.10 3.46
C GLU B 465 28.21 36.72 2.05
N ALA B 466 28.23 35.42 1.75
CA ALA B 466 28.59 35.00 0.39
C ALA B 466 27.65 35.61 -0.64
N PHE B 467 26.34 35.59 -0.36
CA PHE B 467 25.39 36.12 -1.34
C PHE B 467 25.49 37.63 -1.44
N ASP B 468 25.75 38.32 -0.33
CA ASP B 468 25.95 39.76 -0.38
C ASP B 468 27.11 40.09 -1.31
N GLU B 469 28.22 39.35 -1.19
CA GLU B 469 29.38 39.62 -2.05
C GLU B 469 29.10 39.35 -3.51
N LEU B 470 28.44 38.22 -3.81
CA LEU B 470 28.02 37.95 -5.18
C LEU B 470 27.16 39.09 -5.73
N THR B 471 26.19 39.58 -4.94
CA THR B 471 25.31 40.65 -5.40
C THR B 471 26.08 41.96 -5.61
N GLU B 472 26.99 42.31 -4.69
CA GLU B 472 27.76 43.55 -4.86
C GLU B 472 28.62 43.48 -6.12
N LEU B 473 29.29 42.35 -6.35
CA LEU B 473 30.09 42.25 -7.58
C LEU B 473 29.22 42.29 -8.82
N CYS B 474 28.09 41.56 -8.82
CA CYS B 474 27.24 41.56 -10.01
C CYS B 474 26.69 42.94 -10.29
N GLU B 475 26.30 43.67 -9.25
CA GLU B 475 25.80 45.00 -9.50
C GLU B 475 26.91 45.91 -10.00
N ALA B 476 28.14 45.69 -9.53
CA ALA B 476 29.27 46.49 -10.02
C ALA B 476 29.55 46.21 -11.49
N VAL B 477 29.41 44.95 -11.91
CA VAL B 477 29.53 44.63 -13.33
C VAL B 477 28.41 45.30 -14.12
N ASP B 478 27.18 45.29 -13.57
CA ASP B 478 26.05 45.92 -14.26
C ASP B 478 26.28 47.41 -14.45
N ALA B 479 26.95 48.05 -13.49
CA ALA B 479 27.18 49.48 -13.47
C ALA B 479 28.45 49.89 -14.20
N GLY B 480 29.24 48.92 -14.66
CA GLY B 480 30.47 49.19 -15.35
C GLY B 480 31.67 49.46 -14.46
N ARG B 481 31.51 49.43 -13.13
CA ARG B 481 32.65 49.70 -12.24
C ARG B 481 33.64 48.55 -12.18
N THR B 482 33.24 47.35 -12.58
CA THR B 482 34.12 46.18 -12.58
C THR B 482 33.79 45.35 -13.81
N THR B 483 34.77 44.62 -14.31
CA THR B 483 34.55 43.72 -15.44
C THR B 483 34.02 42.37 -14.98
N ALA B 484 33.32 41.70 -15.90
CA ALA B 484 32.84 40.35 -15.62
C ALA B 484 34.01 39.44 -15.27
N GLU B 485 35.15 39.63 -15.94
CA GLU B 485 36.33 38.80 -15.71
C GLU B 485 36.84 38.96 -14.28
N GLU B 486 36.93 40.22 -13.80
CA GLU B 486 37.44 40.43 -12.44
C GLU B 486 36.47 39.91 -11.39
N ALA B 487 35.16 40.14 -11.58
CA ALA B 487 34.21 39.57 -10.64
C ALA B 487 34.30 38.05 -10.62
N ALA B 488 34.48 37.44 -11.80
CA ALA B 488 34.60 35.99 -11.87
C ALA B 488 35.82 35.51 -11.12
N ARG B 489 36.92 36.26 -11.22
CA ARG B 489 38.14 35.87 -10.52
C ARG B 489 37.94 35.94 -9.00
N VAL B 490 37.38 37.05 -8.50
CA VAL B 490 37.16 37.18 -7.05
C VAL B 490 36.18 36.12 -6.56
N LEU B 491 35.10 35.89 -7.30
CA LEU B 491 34.11 34.93 -6.84
C LEU B 491 34.67 33.51 -6.85
N GLU B 492 35.43 33.14 -7.88
CA GLU B 492 36.06 31.83 -7.87
C GLU B 492 37.01 31.69 -6.68
N GLN B 493 37.70 32.76 -6.32
CA GLN B 493 38.51 32.65 -5.11
C GLN B 493 37.63 32.34 -3.91
N ARG B 494 36.52 33.09 -3.74
CA ARG B 494 35.67 32.84 -2.57
C ARG B 494 35.14 31.41 -2.56
N VAL B 495 34.73 30.89 -3.72
CA VAL B 495 34.23 29.53 -3.77
C VAL B 495 35.33 28.55 -3.37
N ARG B 496 36.56 28.76 -3.86
CA ARG B 496 37.64 27.81 -3.61
C ARG B 496 38.20 27.90 -2.19
N GLU B 497 37.97 28.96 -1.45
CA GLU B 497 38.46 28.97 -0.08
C GLU B 497 37.36 28.79 0.95
N SER B 498 36.18 28.38 0.50
CA SER B 498 35.06 28.12 1.39
C SER B 498 35.20 26.74 2.02
N ASP B 499 34.59 26.57 3.19
CA ASP B 499 34.60 25.29 3.86
C ASP B 499 33.23 24.66 3.97
N TRP B 500 32.16 25.33 3.50
CA TRP B 500 30.79 24.88 3.73
C TRP B 500 30.08 24.39 2.48
N LEU B 502 29.24 21.94 0.52
CA LEU B 502 29.01 20.51 0.30
C LEU B 502 30.05 19.92 -0.64
N PRO B 503 31.32 19.86 -0.22
CA PRO B 503 32.39 19.54 -1.17
C PRO B 503 32.25 18.20 -1.83
N ALA B 504 31.68 17.19 -1.15
CA ALA B 504 31.50 15.89 -1.79
C ALA B 504 30.63 15.97 -3.03
N LEU B 505 29.71 16.94 -3.09
CA LEU B 505 28.88 17.08 -4.27
C LEU B 505 29.58 17.86 -5.37
N GLY B 506 30.58 18.64 -5.03
CA GLY B 506 31.35 19.37 -6.00
C GLY B 506 31.01 20.83 -6.10
N PHE B 507 30.30 21.38 -5.14
CA PHE B 507 29.87 22.77 -5.25
C PHE B 507 31.03 23.73 -5.13
N ASN B 508 32.08 23.36 -4.39
CA ASN B 508 33.27 24.18 -4.26
C ASN B 508 34.30 23.90 -5.35
N ASP B 509 34.01 22.99 -6.28
CA ASP B 509 34.92 22.79 -7.41
C ASP B 509 34.35 23.52 -8.64
N PRO B 510 34.89 24.70 -8.99
CA PRO B 510 34.40 25.40 -10.19
C PRO B 510 34.50 24.58 -11.48
N ASP B 511 35.28 23.53 -11.50
CA ASP B 511 35.38 22.73 -12.71
C ASP B 511 34.35 21.62 -12.76
N THR B 512 33.58 21.41 -11.69
CA THR B 512 32.45 20.48 -11.70
C THR B 512 31.20 21.24 -12.19
N HIS B 513 30.85 21.03 -13.45
CA HIS B 513 29.71 21.74 -14.00
C HIS B 513 28.40 20.99 -13.80
N HIS B 514 28.47 19.66 -13.67
CA HIS B 514 27.31 18.80 -13.59
C HIS B 514 27.29 18.20 -12.19
N ILE B 515 26.59 18.88 -11.30
CA ILE B 515 26.43 18.42 -9.92
C ILE B 515 25.47 17.24 -9.92
N ASN B 516 25.96 16.07 -9.52
CA ASN B 516 25.21 14.83 -9.56
C ASN B 516 25.16 14.22 -8.16
N PRO B 517 24.13 14.54 -7.36
CA PRO B 517 24.06 14.04 -5.97
C PRO B 517 23.70 12.57 -5.83
N THR B 518 24.67 11.69 -5.99
CA THR B 518 24.45 10.25 -5.83
C THR B 518 24.32 9.85 -4.36
N ALA B 519 23.91 8.59 -4.18
CA ALA B 519 23.69 8.07 -2.83
C ALA B 519 24.98 8.05 -2.02
N ASP B 520 26.11 7.63 -2.62
CA ASP B 520 27.38 7.62 -1.90
C ASP B 520 27.78 9.02 -1.48
N LYS B 521 27.68 9.97 -2.42
CA LYS B 521 28.07 11.34 -2.12
C LYS B 521 27.23 11.89 -0.97
N ILE B 523 25.88 10.20 1.44
CA ILE B 523 26.41 9.58 2.66
C ILE B 523 27.67 10.31 3.10
N ARG B 524 28.56 10.59 2.15
CA ARG B 524 29.78 11.32 2.48
C ARG B 524 29.46 12.68 3.06
N ILE B 525 28.40 13.33 2.54
CA ILE B 525 28.02 14.65 3.04
C ILE B 525 27.74 14.57 4.53
N ALA B 526 26.96 13.55 4.94
CA ALA B 526 26.64 13.40 6.36
C ALA B 526 27.91 13.22 7.20
N GLU B 527 28.86 12.37 6.76
CA GLU B 527 30.06 12.23 7.58
C GLU B 527 30.80 13.55 7.65
N TRP B 528 30.95 14.21 6.49
CA TRP B 528 31.62 15.51 6.46
C TRP B 528 30.91 16.48 7.37
N ALA B 529 29.58 16.43 7.41
CA ALA B 529 28.86 17.40 8.22
C ALA B 529 29.04 17.10 9.70
N THR B 530 29.23 15.83 10.07
CA THR B 530 29.27 15.48 11.49
C THR B 530 30.42 16.20 12.20
N GLY B 531 31.60 16.26 11.57
CA GLY B 531 32.70 16.90 12.25
C GLY B 531 33.06 18.28 11.76
N HIS B 532 32.05 19.07 11.39
CA HIS B 532 32.29 20.40 10.88
C HIS B 532 32.36 21.39 12.03
N HIS B 533 33.16 22.42 11.83
CA HIS B 533 33.33 23.38 12.90
C HIS B 533 32.11 24.30 13.04
N ARG B 534 31.39 24.53 11.95
CA ARG B 534 30.20 25.40 12.01
C ARG B 534 29.02 24.63 12.62
N PRO B 535 28.40 25.16 13.67
CA PRO B 535 27.29 24.42 14.28
C PRO B 535 26.11 24.25 13.34
N GLU B 536 25.87 25.20 12.43
CA GLU B 536 24.72 25.10 11.52
C GLU B 536 24.88 23.92 10.55
N ILE B 537 26.09 23.72 10.03
CA ILE B 537 26.30 22.56 9.16
C ILE B 537 26.05 21.28 9.92
N ARG B 538 26.49 21.23 11.19
CA ARG B 538 26.28 20.04 12.01
C ARG B 538 24.79 19.79 12.25
N GLU B 539 24.03 20.83 12.60
CA GLU B 539 22.62 20.61 12.93
C GLU B 539 21.81 20.26 11.68
N LEU B 540 22.14 20.86 10.54
CA LEU B 540 21.29 20.75 9.37
C LEU B 540 21.61 19.54 8.50
N LEU B 541 22.84 19.00 8.54
CA LEU B 541 23.21 18.00 7.55
C LEU B 541 23.59 16.64 8.12
N ALA B 542 23.47 16.42 9.43
CA ALA B 542 23.87 15.14 10.00
C ALA B 542 22.78 14.07 9.95
N ALA B 543 21.50 14.45 9.97
CA ALA B 543 20.43 13.47 9.91
C ALA B 543 20.33 12.86 8.52
N ASP C 8 25.90 -19.04 -5.55
CA ASP C 8 25.87 -18.21 -6.76
C ASP C 8 25.82 -16.73 -6.45
N GLN C 9 25.64 -15.93 -7.51
CA GLN C 9 25.41 -14.48 -7.43
C GLN C 9 24.00 -14.21 -7.96
N THR C 10 23.00 -14.53 -7.11
CA THR C 10 21.61 -14.66 -7.55
C THR C 10 21.09 -13.39 -8.24
N ARG C 11 21.53 -12.21 -7.80
CA ARG C 11 20.98 -10.96 -8.34
C ARG C 11 21.43 -10.72 -9.78
N HIS C 12 22.69 -11.08 -10.10
CA HIS C 12 23.23 -10.83 -11.43
C HIS C 12 22.75 -11.83 -12.47
N GLY C 13 22.38 -13.04 -12.04
CA GLY C 13 21.81 -14.02 -12.98
C GLY C 13 20.33 -13.85 -13.22
N ASP C 14 19.57 -13.37 -12.23
CA ASP C 14 18.12 -13.12 -12.27
C ASP C 14 17.36 -14.33 -12.83
N ARG C 15 17.43 -15.46 -12.10
CA ARG C 15 16.97 -16.65 -12.80
C ARG C 15 15.49 -16.94 -12.53
N PRO C 16 14.76 -17.36 -13.55
CA PRO C 16 13.36 -17.73 -13.36
C PRO C 16 13.21 -18.99 -12.50
N TYR C 17 12.06 -19.05 -11.82
CA TYR C 17 11.78 -20.20 -11.00
C TYR C 17 10.93 -21.21 -11.77
N ASP C 18 10.97 -22.46 -11.32
CA ASP C 18 10.06 -23.46 -11.86
C ASP C 18 8.64 -23.21 -11.35
N VAL C 19 8.49 -23.06 -10.03
CA VAL C 19 7.20 -22.82 -9.40
C VAL C 19 7.35 -21.68 -8.40
N VAL C 20 6.36 -20.78 -8.37
CA VAL C 20 6.24 -19.79 -7.30
C VAL C 20 5.01 -20.16 -6.46
N ILE C 21 5.19 -20.26 -5.14
CA ILE C 21 4.13 -20.66 -4.22
C ILE C 21 3.80 -19.45 -3.35
N ILE C 22 2.53 -19.07 -3.36
CA ILE C 22 2.04 -18.00 -2.50
C ILE C 22 1.46 -18.60 -1.22
N GLY C 23 2.09 -18.30 -0.07
CA GLY C 23 1.64 -18.84 1.19
C GLY C 23 2.69 -19.71 1.85
N SER C 24 3.22 -19.30 3.00
CA SER C 24 4.28 -20.05 3.67
C SER C 24 3.79 -20.79 4.91
N GLY C 25 2.50 -21.09 5.00
CA GLY C 25 2.00 -22.03 5.97
C GLY C 25 2.29 -23.43 5.47
N LEU C 26 1.74 -24.43 6.18
CA LEU C 26 2.04 -25.83 5.88
C LEU C 26 1.78 -26.21 4.42
N SER C 27 0.65 -25.76 3.85
CA SER C 27 0.30 -26.01 2.46
C SER C 27 1.48 -25.74 1.54
N GLY C 28 1.98 -24.52 1.65
CA GLY C 28 3.01 -24.05 0.76
C GLY C 28 4.34 -24.68 1.06
N THR C 29 4.71 -24.75 2.34
CA THR C 29 6.05 -25.21 2.66
C THR C 29 6.17 -26.71 2.44
N LEU C 31 4.50 -28.66 0.24
CA LEU C 31 4.64 -28.68 -1.22
C LEU C 31 5.99 -28.13 -1.65
N GLY C 32 6.38 -26.98 -1.10
CA GLY C 32 7.64 -26.39 -1.53
C GLY C 32 8.81 -27.32 -1.25
N SER C 33 8.84 -27.91 -0.06
CA SER C 33 9.96 -28.77 0.26
C SER C 33 9.94 -30.01 -0.62
N ILE C 34 8.74 -30.48 -1.01
CA ILE C 34 8.69 -31.61 -1.93
C ILE C 34 9.34 -31.25 -3.26
N LEU C 35 9.02 -30.06 -3.78
CA LEU C 35 9.51 -29.75 -5.12
C LEU C 35 11.00 -29.43 -5.11
N ALA C 36 11.47 -28.73 -4.07
CA ALA C 36 12.89 -28.38 -4.00
C ALA C 36 13.75 -29.63 -3.74
N LYS C 37 13.25 -30.56 -2.93
CA LYS C 37 14.00 -31.79 -2.69
C LYS C 37 14.25 -32.56 -3.98
N HIS C 38 13.36 -32.42 -4.96
CA HIS C 38 13.52 -33.07 -6.24
C HIS C 38 14.19 -32.15 -7.27
N GLY C 39 14.87 -31.10 -6.81
CA GLY C 39 15.77 -30.35 -7.66
C GLY C 39 15.18 -29.17 -8.39
N PHE C 40 13.92 -28.84 -8.12
CA PHE C 40 13.26 -27.72 -8.78
C PHE C 40 13.53 -26.42 -8.06
N ARG C 41 13.45 -25.33 -8.81
CA ARG C 41 13.70 -24.01 -8.29
C ARG C 41 12.37 -23.45 -7.79
N ILE C 42 12.26 -23.22 -6.49
CA ILE C 42 11.00 -22.85 -5.85
C ILE C 42 11.14 -21.47 -5.22
N LEU C 44 9.00 -18.97 -2.48
CA LEU C 44 7.92 -18.85 -1.50
C LEU C 44 7.62 -17.39 -1.25
N LEU C 45 6.36 -17.00 -1.38
CA LEU C 45 5.93 -15.62 -1.13
C LEU C 45 4.83 -15.62 -0.07
N ASP C 46 4.97 -14.75 0.92
CA ASP C 46 3.92 -14.58 1.89
C ASP C 46 3.95 -13.15 2.43
N GLY C 47 2.77 -12.63 2.75
CA GLY C 47 2.66 -11.29 3.30
C GLY C 47 2.95 -11.17 4.78
N ALA C 48 3.10 -12.29 5.48
CA ALA C 48 3.44 -12.26 6.89
C ALA C 48 4.83 -12.87 7.09
N HIS C 49 5.26 -12.92 8.35
CA HIS C 49 6.58 -13.40 8.68
C HIS C 49 6.49 -14.44 9.79
N HIS C 50 7.41 -15.43 9.74
CA HIS C 50 7.43 -16.38 10.84
C HIS C 50 8.25 -15.82 11.99
N PRO C 51 7.89 -16.06 13.26
CA PRO C 51 6.74 -16.86 13.69
C PRO C 51 5.44 -16.06 13.59
N ARG C 52 4.34 -16.79 13.41
CA ARG C 52 3.02 -16.20 13.44
C ARG C 52 2.02 -17.27 13.89
N PHE C 53 0.97 -16.81 14.57
CA PHE C 53 -0.13 -17.69 14.92
C PHE C 53 -0.81 -18.21 13.65
N ALA C 54 -1.37 -19.41 13.78
CA ALA C 54 -2.21 -19.93 12.71
C ALA C 54 -3.26 -20.86 13.30
N VAL C 55 -4.36 -21.01 12.60
CA VAL C 55 -5.44 -21.89 13.07
C VAL C 55 -5.25 -23.27 12.47
N GLY C 56 -6.07 -24.23 12.91
CA GLY C 56 -5.95 -25.59 12.44
C GLY C 56 -5.06 -26.44 13.35
N GLU C 57 -5.46 -26.55 14.61
CA GLU C 57 -4.61 -27.14 15.65
C GLU C 57 -4.74 -28.66 15.78
N SER C 58 -5.96 -29.21 15.76
CA SER C 58 -6.14 -30.66 15.92
C SER C 58 -5.67 -31.41 14.69
N THR C 59 -5.10 -32.57 14.93
CA THR C 59 -4.74 -33.47 13.85
C THR C 59 -5.58 -34.73 14.01
N ILE C 60 -6.02 -35.29 12.89
CA ILE C 60 -6.91 -36.43 12.88
C ILE C 60 -6.21 -37.60 12.20
N GLY C 61 -6.82 -38.79 12.33
CA GLY C 61 -6.16 -40.00 11.82
C GLY C 61 -5.85 -39.92 10.34
N GLN C 62 -6.81 -39.43 9.55
CA GLN C 62 -6.58 -39.30 8.11
C GLN C 62 -5.40 -38.40 7.82
N THR C 63 -5.30 -37.29 8.57
CA THR C 63 -4.12 -36.44 8.44
C THR C 63 -2.84 -37.21 8.68
N LEU C 64 -2.83 -38.03 9.73
CA LEU C 64 -1.60 -38.76 10.08
C LEU C 64 -1.19 -39.69 8.94
N VAL C 65 -2.13 -40.47 8.41
CA VAL C 65 -1.72 -41.42 7.38
C VAL C 65 -1.33 -40.68 6.11
N VAL C 66 -2.01 -39.58 5.79
CA VAL C 66 -1.65 -38.92 4.54
C VAL C 66 -0.32 -38.16 4.67
N LEU C 67 -0.02 -37.65 5.87
CA LEU C 67 1.32 -37.13 6.11
C LEU C 67 2.34 -38.23 5.87
N ARG C 68 2.11 -39.41 6.44
CA ARG C 68 3.03 -40.52 6.19
C ARG C 68 3.10 -40.86 4.70
N LEU C 69 1.96 -40.79 4.01
CA LEU C 69 1.92 -41.10 2.59
C LEU C 69 2.80 -40.15 1.77
N ILE C 70 2.61 -38.84 1.93
CA ILE C 70 3.38 -37.93 1.10
C ILE C 70 4.82 -37.90 1.54
N SER C 71 5.09 -38.16 2.83
CA SER C 71 6.46 -38.22 3.31
C SER C 71 7.22 -39.38 2.67
N ASP C 72 6.64 -40.57 2.70
CA ASP C 72 7.34 -41.73 2.16
C ASP C 72 7.35 -41.71 0.64
N ARG C 73 6.24 -41.34 0.02
CA ARG C 73 6.17 -41.29 -1.43
C ARG C 73 7.12 -40.27 -2.02
N TYR C 74 7.29 -39.13 -1.36
CA TYR C 74 8.07 -38.08 -1.96
C TYR C 74 9.45 -37.91 -1.34
N GLY C 75 9.79 -38.70 -0.33
CA GLY C 75 11.14 -38.66 0.21
C GLY C 75 11.45 -37.43 1.02
N VAL C 76 10.48 -36.91 1.75
CA VAL C 76 10.65 -35.74 2.60
C VAL C 76 10.42 -36.15 4.04
N PRO C 77 11.50 -36.42 4.78
CA PRO C 77 11.34 -36.97 6.15
C PRO C 77 10.73 -35.99 7.14
N GLU C 78 10.94 -34.69 6.94
CA GLU C 78 10.39 -33.71 7.87
C GLU C 78 8.86 -33.82 7.97
N ILE C 79 8.18 -34.12 6.86
CA ILE C 79 6.72 -34.23 6.90
C ILE C 79 6.25 -35.38 7.77
N ALA C 80 6.99 -36.50 7.82
CA ALA C 80 6.54 -37.62 8.65
C ALA C 80 6.62 -37.31 10.15
N ASN C 81 7.47 -36.38 10.56
CA ASN C 81 7.55 -36.03 11.97
C ASN C 81 6.29 -35.36 12.47
N LEU C 82 5.48 -34.78 11.57
CA LEU C 82 4.23 -34.23 12.01
C LEU C 82 3.18 -35.30 12.25
N ALA C 83 3.45 -36.56 11.90
CA ALA C 83 2.46 -37.63 11.93
C ALA C 83 2.43 -38.35 13.27
N SER C 84 3.18 -37.86 14.26
CA SER C 84 3.31 -38.51 15.56
C SER C 84 3.48 -37.45 16.64
N PHE C 85 2.75 -37.58 17.75
CA PHE C 85 2.95 -36.66 18.87
C PHE C 85 4.39 -36.70 19.36
N GLN C 86 4.93 -37.92 19.54
CA GLN C 86 6.29 -38.05 20.05
C GLN C 86 7.31 -37.49 19.08
N ASP C 87 7.12 -37.69 17.78
CA ASP C 87 8.03 -37.14 16.78
C ASP C 87 7.91 -35.63 16.71
N VAL C 88 6.72 -35.08 16.94
CA VAL C 88 6.57 -33.63 16.97
C VAL C 88 7.34 -33.04 18.15
N LEU C 89 7.19 -33.65 19.32
CA LEU C 89 7.97 -33.20 20.48
C LEU C 89 9.47 -33.36 20.28
N ALA C 90 9.88 -34.37 19.53
CA ALA C 90 11.31 -34.63 19.43
C ALA C 90 11.97 -33.91 18.30
N ASN C 91 11.21 -33.45 17.29
CA ASN C 91 11.82 -32.85 16.11
C ASN C 91 11.35 -31.45 15.81
N VAL C 92 10.18 -31.06 16.29
CA VAL C 92 9.66 -29.74 15.98
C VAL C 92 9.88 -28.85 17.19
N SER C 93 9.18 -29.11 18.29
CA SER C 93 9.34 -28.31 19.49
C SER C 93 8.54 -28.98 20.60
N SER C 94 8.79 -28.53 21.83
CA SER C 94 8.11 -29.11 22.98
C SER C 94 6.72 -28.52 23.25
N SER C 95 6.22 -27.64 22.38
CA SER C 95 5.14 -26.74 22.73
C SER C 95 3.76 -27.28 22.40
N HIS C 96 3.62 -28.56 22.16
CA HIS C 96 2.38 -29.08 21.62
C HIS C 96 1.60 -29.89 22.65
N GLY C 97 0.33 -30.13 22.33
CA GLY C 97 -0.51 -30.94 23.15
C GLY C 97 -0.64 -32.29 22.50
N GLN C 98 -1.18 -33.24 23.23
CA GLN C 98 -1.48 -34.55 22.67
C GLN C 98 -2.96 -34.60 22.35
N LYS C 99 -3.33 -35.48 21.44
CA LYS C 99 -4.74 -35.73 21.13
C LYS C 99 -4.96 -37.24 21.10
N SER C 100 -5.46 -37.79 22.21
CA SER C 100 -5.80 -39.21 22.25
C SER C 100 -7.24 -39.46 21.82
N ASN C 101 -8.09 -38.45 21.79
CA ASN C 101 -9.49 -38.70 21.50
C ASN C 101 -10.20 -37.44 21.02
N PHE C 102 -11.33 -37.64 20.34
CA PHE C 102 -12.35 -36.61 20.15
C PHE C 102 -13.43 -36.77 21.21
N GLY C 103 -13.75 -35.68 21.91
CA GLY C 103 -14.78 -35.69 22.93
C GLY C 103 -15.86 -34.68 22.63
N PHE C 104 -17.10 -35.08 22.83
CA PHE C 104 -18.26 -34.25 22.54
C PHE C 104 -19.19 -34.30 23.73
N PHE C 106 -22.90 -32.43 25.21
CA PHE C 106 -24.04 -31.58 24.91
C PHE C 106 -24.38 -30.68 26.10
N HIS C 107 -24.67 -29.42 25.80
CA HIS C 107 -25.10 -28.45 26.81
C HIS C 107 -26.38 -27.76 26.36
N ARG C 108 -27.24 -27.49 27.34
CA ARG C 108 -28.45 -26.68 27.09
C ARG C 108 -28.35 -25.51 28.07
N ASP C 109 -28.95 -24.37 27.75
CA ASP C 109 -28.78 -23.14 28.57
C ASP C 109 -29.27 -23.32 30.00
N GLY C 110 -28.46 -22.93 30.98
CA GLY C 110 -28.82 -22.96 32.40
C GLY C 110 -28.77 -24.34 32.99
N GLU C 111 -28.43 -25.35 32.19
CA GLU C 111 -28.49 -26.74 32.67
C GLU C 111 -27.12 -27.37 32.75
N GLU C 112 -26.92 -28.25 33.74
CA GLU C 112 -25.65 -29.01 33.81
C GLU C 112 -25.68 -30.06 32.70
N PRO C 113 -24.52 -30.51 32.19
CA PRO C 113 -24.51 -31.43 31.07
C PRO C 113 -25.15 -32.78 31.41
N ASP C 114 -25.97 -33.35 30.51
CA ASP C 114 -26.53 -34.69 30.77
C ASP C 114 -25.45 -35.73 30.47
N PRO C 115 -25.06 -36.55 31.45
CA PRO C 115 -23.99 -37.53 31.20
C PRO C 115 -24.34 -38.56 30.14
N ASN C 116 -25.59 -38.66 29.75
CA ASN C 116 -25.94 -39.57 28.67
C ASN C 116 -25.92 -38.89 27.32
N GLU C 117 -25.46 -37.66 27.26
CA GLU C 117 -25.41 -36.93 26.00
C GLU C 117 -23.95 -36.54 25.67
N THR C 118 -23.04 -37.50 25.84
CA THR C 118 -21.65 -37.32 25.46
C THR C 118 -21.22 -38.40 24.47
N SER C 119 -20.20 -38.09 23.69
CA SER C 119 -19.64 -39.06 22.76
C SER C 119 -18.13 -38.97 22.90
N GLN C 120 -17.46 -40.09 22.68
CA GLN C 120 -16.02 -40.07 22.63
C GLN C 120 -15.54 -41.08 21.62
N PHE C 121 -14.57 -40.68 20.82
CA PHE C 121 -13.90 -41.58 19.90
C PHE C 121 -12.42 -41.53 20.22
N ARG C 122 -11.89 -42.59 20.85
CA ARG C 122 -10.46 -42.68 21.07
C ARG C 122 -9.78 -43.07 19.75
N ILE C 123 -8.72 -42.36 19.40
CA ILE C 123 -8.08 -42.61 18.10
C ILE C 123 -7.31 -43.93 18.17
N PRO C 124 -7.51 -44.84 17.20
CA PRO C 124 -6.84 -46.14 17.25
C PRO C 124 -5.33 -46.00 17.12
N SER C 125 -4.62 -46.89 17.81
CA SER C 125 -3.17 -46.78 17.85
C SER C 125 -2.54 -47.05 16.48
N ILE C 126 -3.18 -47.88 15.65
CA ILE C 126 -2.60 -48.26 14.37
C ILE C 126 -2.38 -47.04 13.48
N VAL C 127 -3.29 -46.09 13.52
CA VAL C 127 -3.23 -44.95 12.61
C VAL C 127 -2.17 -43.92 13.01
N GLY C 128 -1.75 -43.92 14.27
CA GLY C 128 -0.73 -43.03 14.78
C GLY C 128 -1.20 -42.35 16.04
N ASN C 129 -0.29 -41.58 16.65
CA ASN C 129 -0.60 -40.78 17.83
C ASN C 129 -0.76 -39.33 17.38
N ALA C 130 -1.93 -38.78 17.61
CA ALA C 130 -2.26 -37.45 17.14
C ALA C 130 -1.87 -36.39 18.18
N ALA C 131 -1.90 -35.13 17.74
CA ALA C 131 -1.34 -34.04 18.53
C ALA C 131 -2.23 -32.81 18.42
N HIS C 132 -2.05 -31.91 19.38
CA HIS C 132 -2.55 -30.55 19.33
C HIS C 132 -1.39 -29.69 18.83
N PHE C 133 -1.45 -29.31 17.55
CA PHE C 133 -0.38 -28.54 16.95
C PHE C 133 -0.43 -27.10 17.45
N PHE C 134 0.66 -26.64 18.02
CA PHE C 134 0.90 -25.21 18.19
C PHE C 134 1.41 -24.69 16.85
N ARG C 135 0.53 -24.14 16.02
CA ARG C 135 0.87 -23.98 14.60
C ARG C 135 2.03 -23.01 14.37
N GLN C 136 2.19 -21.98 15.18
CA GLN C 136 3.41 -21.17 15.12
C GLN C 136 4.68 -22.02 14.95
N ASP C 137 4.84 -23.07 15.75
CA ASP C 137 6.09 -23.84 15.73
C ASP C 137 6.15 -24.89 14.61
N THR C 138 5.04 -25.57 14.30
CA THR C 138 5.02 -26.48 13.15
C THR C 138 5.27 -25.75 11.85
N ASP C 139 4.65 -24.58 11.68
CA ASP C 139 4.82 -23.84 10.44
C ASP C 139 6.22 -23.23 10.33
N SER C 140 6.79 -22.73 11.42
CA SER C 140 8.21 -22.37 11.35
C SER C 140 9.06 -23.57 10.95
N TYR C 141 8.81 -24.72 11.59
CA TYR C 141 9.58 -25.92 11.30
C TYR C 141 9.54 -26.26 9.82
N PHE C 143 8.73 -24.36 7.31
CA PHE C 143 9.36 -23.31 6.53
C PHE C 143 10.87 -23.43 6.55
N HIS C 144 11.45 -23.73 7.73
CA HIS C 144 12.90 -23.90 7.78
C HIS C 144 13.33 -25.07 6.92
N ALA C 145 12.56 -26.16 6.95
CA ALA C 145 12.89 -27.30 6.11
C ALA C 145 12.85 -26.92 4.63
N ALA C 146 11.83 -26.14 4.25
CA ALA C 146 11.68 -25.74 2.87
C ALA C 146 12.88 -24.93 2.42
N VAL C 147 13.28 -23.93 3.22
CA VAL C 147 14.44 -23.12 2.84
C VAL C 147 15.70 -23.98 2.79
N ARG C 148 15.82 -24.95 3.71
CA ARG C 148 16.99 -25.83 3.71
C ARG C 148 17.04 -26.72 2.47
N TYR C 149 15.89 -27.10 1.91
CA TYR C 149 15.93 -27.89 0.69
C TYR C 149 16.28 -27.07 -0.54
N GLY C 150 16.28 -25.75 -0.45
CA GLY C 150 16.61 -24.94 -1.61
C GLY C 150 15.62 -23.86 -1.98
N CYS C 151 14.43 -23.87 -1.37
CA CYS C 151 13.42 -22.85 -1.66
C CYS C 151 13.96 -21.48 -1.32
N ASP C 152 13.68 -20.50 -2.20
CA ASP C 152 13.89 -19.10 -1.86
C ASP C 152 12.61 -18.57 -1.23
N ALA C 153 12.74 -17.51 -0.46
CA ALA C 153 11.57 -17.02 0.23
C ALA C 153 11.60 -15.52 0.31
N ARG C 154 10.44 -14.92 0.12
CA ARG C 154 10.27 -13.50 0.39
C ARG C 154 9.06 -13.40 1.31
N GLN C 155 9.32 -12.98 2.54
CA GLN C 155 8.29 -12.76 3.53
C GLN C 155 7.99 -11.26 3.59
N TYR C 156 6.87 -10.90 4.25
CA TYR C 156 6.40 -9.52 4.25
C TYR C 156 6.23 -9.01 2.80
N TYR C 157 5.75 -9.89 1.94
CA TYR C 157 5.66 -9.69 0.50
C TYR C 157 4.20 -9.66 0.09
N ARG C 158 3.77 -8.47 -0.32
CA ARG C 158 2.38 -8.28 -0.75
C ARG C 158 2.35 -8.45 -2.26
N VAL C 159 1.52 -9.37 -2.71
CA VAL C 159 1.38 -9.64 -4.15
C VAL C 159 0.38 -8.63 -4.72
N GLU C 160 0.80 -7.84 -5.71
CA GLU C 160 -0.08 -6.85 -6.33
C GLU C 160 -0.65 -7.28 -7.67
N ASN C 161 0.05 -8.13 -8.41
CA ASN C 161 -0.44 -8.51 -9.75
C ASN C 161 0.12 -9.86 -10.19
N ILE C 162 -0.74 -10.69 -10.78
CA ILE C 162 -0.28 -11.99 -11.35
C ILE C 162 -0.64 -11.97 -12.84
N GLU C 163 0.35 -12.11 -13.70
CA GLU C 163 0.14 -12.07 -15.16
C GLU C 163 0.57 -13.41 -15.76
N PHE C 164 -0.35 -14.05 -16.46
CA PHE C 164 -0.03 -15.35 -17.09
C PHE C 164 0.17 -15.14 -18.59
N ASP C 165 1.27 -15.65 -19.12
CA ASP C 165 1.52 -15.59 -20.58
C ASP C 165 1.74 -17.01 -21.07
N ASP C 166 2.29 -17.16 -22.26
CA ASP C 166 2.46 -18.48 -22.83
C ASP C 166 3.78 -19.13 -22.41
N GLY C 167 4.69 -18.36 -21.81
CA GLY C 167 5.97 -18.87 -21.36
C GLY C 167 6.04 -19.12 -19.86
N GLY C 168 5.08 -18.57 -19.13
CA GLY C 168 5.04 -18.77 -17.67
C GLY C 168 4.17 -17.76 -16.95
N VAL C 169 4.62 -17.33 -15.77
CA VAL C 169 3.81 -16.39 -14.95
C VAL C 169 4.74 -15.33 -14.37
N THR C 170 4.27 -14.09 -14.35
CA THR C 170 5.05 -12.99 -13.74
C THR C 170 4.25 -12.45 -12.56
N VAL C 171 4.80 -12.53 -11.35
CA VAL C 171 4.18 -12.02 -10.14
C VAL C 171 4.85 -10.69 -9.80
N SER C 172 3.99 -9.69 -9.61
CA SER C 172 4.47 -8.33 -9.28
C SER C 172 4.05 -8.03 -7.84
N GLY C 173 4.95 -7.48 -7.04
CA GLY C 173 4.67 -7.16 -5.66
C GLY C 173 4.60 -5.66 -5.43
N ALA C 174 4.08 -5.30 -4.27
CA ALA C 174 3.96 -3.89 -3.90
C ALA C 174 5.32 -3.20 -3.87
N ASP C 175 6.39 -3.93 -3.55
CA ASP C 175 7.72 -3.34 -3.51
C ASP C 175 8.30 -3.05 -4.90
N GLY C 176 7.55 -3.33 -5.97
CA GLY C 176 8.01 -3.07 -7.32
C GLY C 176 8.87 -4.14 -7.93
N SER C 177 9.10 -5.24 -7.21
CA SER C 177 9.90 -6.34 -7.74
C SER C 177 9.04 -7.28 -8.56
N THR C 178 9.71 -8.28 -9.14
CA THR C 178 9.11 -9.20 -10.07
C THR C 178 9.67 -10.59 -9.83
N VAL C 179 8.80 -11.59 -9.85
CA VAL C 179 9.20 -12.98 -9.83
C VAL C 179 8.66 -13.65 -11.08
N ARG C 180 9.52 -14.39 -11.77
CA ARG C 180 9.14 -15.11 -12.97
C ARG C 180 9.19 -16.61 -12.69
N ALA C 181 8.15 -17.33 -13.07
CA ALA C 181 8.19 -18.78 -12.90
C ALA C 181 7.36 -19.47 -13.98
N ARG C 182 7.51 -20.78 -14.09
CA ARG C 182 6.74 -21.54 -15.05
C ARG C 182 5.35 -21.92 -14.54
N TYR C 183 5.16 -21.97 -13.23
CA TYR C 183 3.89 -22.36 -12.64
C TYR C 183 3.66 -21.55 -11.37
N LEU C 184 2.40 -21.30 -11.05
CA LEU C 184 2.00 -20.57 -9.86
C LEU C 184 1.08 -21.46 -9.04
N VAL C 185 1.36 -21.59 -7.75
CA VAL C 185 0.45 -22.24 -6.81
C VAL C 185 0.09 -21.21 -5.75
N ASP C 186 -1.21 -20.93 -5.59
CA ASP C 186 -1.67 -20.06 -4.51
C ASP C 186 -2.21 -20.95 -3.40
N ALA C 187 -1.54 -20.95 -2.27
CA ALA C 187 -1.90 -21.75 -1.11
C ALA C 187 -2.05 -20.88 0.13
N SER C 188 -2.43 -19.61 -0.06
CA SER C 188 -2.52 -18.68 1.05
C SER C 188 -3.86 -18.94 1.75
N GLY C 189 -4.83 -18.06 1.62
CA GLY C 189 -6.10 -18.27 2.30
C GLY C 189 -7.21 -17.44 1.71
N PHE C 190 -8.08 -16.90 2.57
CA PHE C 190 -9.24 -16.16 2.07
C PHE C 190 -8.83 -15.03 1.13
N ARG C 191 -7.80 -14.25 1.47
CA ARG C 191 -7.54 -13.15 0.57
C ARG C 191 -6.55 -13.52 -0.54
N SER C 192 -6.62 -14.77 -1.03
CA SER C 192 -5.78 -15.31 -2.07
C SER C 192 -5.65 -14.33 -3.22
N PRO C 193 -4.46 -13.87 -3.54
CA PRO C 193 -4.30 -12.97 -4.70
C PRO C 193 -4.65 -13.63 -6.03
N LEU C 194 -4.49 -14.95 -6.16
CA LEU C 194 -4.88 -15.58 -7.41
C LEU C 194 -6.39 -15.55 -7.62
N ALA C 195 -7.16 -15.90 -6.58
CA ALA C 195 -8.61 -15.83 -6.65
C ALA C 195 -9.07 -14.42 -6.93
N ARG C 196 -8.41 -13.43 -6.36
CA ARG C 196 -8.78 -12.05 -6.61
C ARG C 196 -8.52 -11.67 -8.07
N GLN C 197 -7.36 -12.05 -8.62
CA GLN C 197 -6.98 -11.64 -9.99
C GLN C 197 -7.92 -12.27 -11.02
N LEU C 198 -8.25 -13.54 -10.84
CA LEU C 198 -9.08 -14.21 -11.85
C LEU C 198 -10.57 -14.25 -11.50
N GLY C 199 -11.01 -13.58 -10.43
CA GLY C 199 -12.39 -13.66 -9.99
C GLY C 199 -12.90 -15.09 -9.81
N LEU C 200 -12.14 -15.91 -9.06
CA LEU C 200 -12.45 -17.34 -8.88
C LEU C 200 -13.42 -17.62 -7.75
N ARG C 201 -13.55 -16.70 -6.81
CA ARG C 201 -14.44 -16.86 -5.67
C ARG C 201 -15.89 -16.91 -6.16
N GLU C 202 -16.70 -17.83 -5.62
CA GLU C 202 -18.11 -17.88 -5.97
C GLU C 202 -18.93 -16.83 -5.18
N GLU C 203 -19.66 -15.97 -5.86
CA GLU C 203 -20.72 -15.13 -5.26
C GLU C 203 -22.09 -15.57 -5.66
N PRO C 204 -22.94 -16.08 -4.76
CA PRO C 204 -22.67 -16.38 -3.36
C PRO C 204 -22.03 -17.75 -3.27
N SER C 205 -21.55 -18.13 -2.09
CA SER C 205 -20.98 -19.46 -1.96
C SER C 205 -22.02 -20.54 -2.20
N ARG C 206 -21.61 -21.64 -2.84
CA ARG C 206 -22.51 -22.77 -3.04
C ARG C 206 -22.76 -23.55 -1.76
N LEU C 207 -22.07 -23.20 -0.68
CA LEU C 207 -22.01 -24.04 0.51
C LEU C 207 -23.25 -23.91 1.36
N LYS C 208 -23.68 -25.05 1.93
CA LYS C 208 -24.84 -25.10 2.81
C LYS C 208 -24.51 -24.90 4.29
N HIS C 209 -23.26 -25.07 4.73
CA HIS C 209 -22.94 -24.84 6.13
C HIS C 209 -22.74 -23.35 6.42
N HIS C 210 -23.30 -22.89 7.55
CA HIS C 210 -23.18 -21.51 7.99
C HIS C 210 -22.61 -21.46 9.40
N ALA C 211 -21.46 -20.81 9.57
CA ALA C 211 -20.98 -20.49 10.90
C ALA C 211 -19.97 -19.35 10.85
N ARG C 212 -20.06 -18.45 11.82
CA ARG C 212 -19.07 -17.43 12.12
C ARG C 212 -18.37 -17.86 13.41
N SER C 213 -17.32 -17.13 13.77
CA SER C 213 -16.38 -17.64 14.77
C SER C 213 -15.90 -16.55 15.72
N ILE C 214 -15.59 -16.96 16.96
CA ILE C 214 -14.82 -16.15 17.91
C ILE C 214 -13.80 -17.04 18.62
N PHE C 215 -12.51 -16.69 18.53
CA PHE C 215 -11.50 -17.58 19.09
C PHE C 215 -10.27 -16.82 19.60
N THR C 216 -9.49 -17.51 20.42
CA THR C 216 -8.26 -16.97 21.01
C THR C 216 -7.43 -18.14 21.55
N HIS C 217 -6.27 -17.80 22.08
CA HIS C 217 -5.49 -18.67 22.97
C HIS C 217 -5.60 -18.14 24.39
N VAL C 219 -4.50 -18.66 28.77
CA VAL C 219 -3.74 -19.33 29.83
C VAL C 219 -4.70 -19.56 31.00
N GLY C 220 -4.55 -20.69 31.67
CA GLY C 220 -5.38 -20.97 32.83
C GLY C 220 -6.66 -21.74 32.59
N VAL C 221 -6.80 -22.43 31.45
CA VAL C 221 -7.99 -23.25 31.20
C VAL C 221 -7.88 -24.55 31.98
N ASP C 222 -8.96 -24.93 32.65
CA ASP C 222 -8.92 -26.18 33.39
C ASP C 222 -9.42 -27.34 32.53
N ALA C 223 -9.20 -28.54 33.04
CA ALA C 223 -9.70 -29.74 32.41
C ALA C 223 -11.18 -29.91 32.75
N ILE C 224 -12.00 -30.21 31.72
CA ILE C 224 -13.43 -30.40 31.97
C ILE C 224 -13.67 -31.59 32.91
N ASP C 225 -12.75 -32.56 32.96
CA ASP C 225 -12.90 -33.70 33.86
C ASP C 225 -13.06 -33.28 35.31
N ASP C 226 -12.44 -32.17 35.69
CA ASP C 226 -12.45 -31.67 37.06
C ASP C 226 -13.65 -30.77 37.35
N HIS C 227 -14.55 -30.58 36.39
CA HIS C 227 -15.65 -29.65 36.59
C HIS C 227 -17.02 -30.21 36.19
N VAL C 228 -17.13 -31.50 35.85
CA VAL C 228 -18.42 -32.15 35.61
C VAL C 228 -18.62 -33.23 36.67
N ASP C 229 -19.85 -33.35 37.15
CA ASP C 229 -20.22 -34.37 38.14
C ASP C 229 -20.86 -35.54 37.41
N THR C 230 -20.04 -36.54 37.10
CA THR C 230 -20.45 -37.66 36.28
C THR C 230 -20.41 -38.95 37.08
N PRO C 231 -21.48 -39.74 37.05
CA PRO C 231 -21.43 -41.08 37.65
C PRO C 231 -20.29 -41.89 37.05
N ALA C 232 -19.62 -42.68 37.90
CA ALA C 232 -18.42 -43.39 37.47
C ALA C 232 -18.64 -44.26 36.23
N GLU C 233 -19.82 -44.86 36.09
CA GLU C 233 -20.08 -45.76 34.96
C GLU C 233 -20.28 -45.01 33.65
N LEU C 234 -20.45 -43.69 33.68
CA LEU C 234 -20.61 -42.90 32.48
C LEU C 234 -19.36 -42.08 32.16
N ARG C 235 -18.28 -42.26 32.92
CA ARG C 235 -17.02 -41.56 32.70
C ARG C 235 -16.25 -42.17 31.53
N PRO C 236 -15.60 -41.33 30.73
CA PRO C 236 -14.99 -41.83 29.51
C PRO C 236 -13.74 -42.67 29.84
N PRO C 237 -13.42 -43.62 28.98
CA PRO C 237 -12.20 -44.42 29.24
C PRO C 237 -10.93 -43.59 29.29
N VAL C 238 -10.82 -42.56 28.47
CA VAL C 238 -9.65 -41.69 28.53
C VAL C 238 -10.13 -40.29 28.89
N PRO C 239 -9.32 -39.51 29.59
CA PRO C 239 -9.79 -38.22 30.07
C PRO C 239 -10.16 -37.33 28.90
N TRP C 240 -11.20 -36.54 29.11
CA TRP C 240 -11.57 -35.55 28.11
C TRP C 240 -10.41 -34.61 27.79
N ASN C 241 -9.71 -34.13 28.82
CA ASN C 241 -8.64 -33.16 28.61
C ASN C 241 -7.47 -33.75 27.85
N ASP C 242 -7.43 -35.07 27.67
CA ASP C 242 -6.34 -35.67 26.89
C ASP C 242 -6.59 -35.58 25.40
N GLY C 243 -7.69 -34.97 24.97
CA GLY C 243 -7.92 -34.81 23.55
C GLY C 243 -8.66 -33.52 23.28
N THR C 244 -9.31 -33.43 22.12
CA THR C 244 -10.04 -32.24 21.72
C THR C 244 -11.46 -32.33 22.25
N HIS C 246 -15.24 -30.87 22.38
CA HIS C 246 -16.26 -30.08 21.66
C HIS C 246 -17.46 -29.93 22.58
N HIS C 247 -17.73 -28.70 23.02
CA HIS C 247 -18.95 -28.39 23.75
C HIS C 247 -20.05 -28.08 22.73
N ILE C 248 -21.05 -28.97 22.64
CA ILE C 248 -22.10 -28.89 21.62
C ILE C 248 -23.32 -28.20 22.21
N PHE C 249 -23.91 -27.28 21.44
CA PHE C 249 -25.15 -26.63 21.83
C PHE C 249 -25.92 -26.29 20.54
N GLU C 250 -27.08 -25.66 20.69
CA GLU C 250 -27.96 -25.41 19.54
C GLU C 250 -27.23 -24.61 18.46
N ARG C 251 -27.06 -25.22 17.29
CA ARG C 251 -26.49 -24.53 16.13
C ARG C 251 -25.15 -23.87 16.46
N GLY C 252 -24.36 -24.52 17.32
CA GLY C 252 -23.05 -24.01 17.66
C GLY C 252 -22.26 -25.03 18.46
N TRP C 253 -20.96 -24.78 18.57
CA TRP C 253 -20.10 -25.62 19.37
C TRP C 253 -18.86 -24.84 19.75
N TRP C 255 -14.60 -25.31 21.08
CA TRP C 255 -13.46 -26.19 21.23
C TRP C 255 -12.58 -25.77 22.39
N ILE C 256 -12.03 -26.78 23.06
CA ILE C 256 -11.00 -26.63 24.07
C ILE C 256 -9.87 -27.52 23.59
N ILE C 257 -8.75 -26.91 23.19
CA ILE C 257 -7.59 -27.63 22.64
C ILE C 257 -6.37 -27.29 23.50
N PRO C 258 -6.09 -28.09 24.52
CA PRO C 258 -4.97 -27.78 25.41
C PRO C 258 -3.64 -28.14 24.79
N PHE C 259 -2.63 -27.31 25.04
CA PHE C 259 -1.28 -27.64 24.66
C PHE C 259 -0.48 -28.17 25.83
N ASN C 260 -1.06 -28.18 27.04
CA ASN C 260 -0.35 -28.62 28.23
C ASN C 260 -0.98 -29.87 28.85
N ASN C 261 -1.66 -30.67 28.05
CA ASN C 261 -2.34 -31.84 28.60
C ASN C 261 -1.44 -33.09 28.67
N HIS C 262 -0.16 -32.95 29.04
CA HIS C 262 0.70 -34.11 29.22
C HIS C 262 1.75 -33.75 30.26
N PRO C 263 2.42 -34.75 30.83
CA PRO C 263 3.32 -34.46 31.96
C PRO C 263 4.50 -33.57 31.55
N GLY C 264 4.72 -32.51 32.32
CA GLY C 264 5.86 -31.64 32.08
C GLY C 264 5.78 -30.75 30.85
N ALA C 265 4.57 -30.55 30.31
CA ALA C 265 4.40 -29.76 29.10
C ALA C 265 4.88 -28.33 29.32
N THR C 266 5.52 -27.77 28.31
CA THR C 266 6.07 -26.42 28.44
C THR C 266 5.12 -25.33 27.99
N ASN C 267 4.16 -25.66 27.16
CA ASN C 267 3.24 -24.66 26.62
C ASN C 267 2.02 -24.64 27.53
N PRO C 268 1.82 -23.60 28.34
CA PRO C 268 0.65 -23.56 29.23
C PRO C 268 -0.62 -23.08 28.56
N LEU C 269 -0.60 -22.84 27.24
CA LEU C 269 -1.73 -22.22 26.58
C LEU C 269 -2.77 -23.26 26.15
N CYS C 270 -3.95 -22.76 25.81
CA CYS C 270 -5.05 -23.61 25.36
C CYS C 270 -5.83 -22.83 24.31
N SER C 271 -6.05 -23.43 23.15
CA SER C 271 -6.82 -22.80 22.09
C SER C 271 -8.31 -22.96 22.41
N VAL C 272 -9.06 -21.85 22.37
CA VAL C 272 -10.47 -21.83 22.72
C VAL C 272 -11.22 -21.03 21.66
N GLY C 273 -12.30 -21.58 21.15
CA GLY C 273 -13.09 -20.86 20.17
C GLY C 273 -14.50 -21.37 20.15
N ILE C 274 -15.38 -20.58 19.54
CA ILE C 274 -16.79 -20.89 19.43
C ILE C 274 -17.22 -20.65 17.99
N GLN C 275 -17.99 -21.61 17.46
CA GLN C 275 -18.63 -21.52 16.15
C GLN C 275 -20.12 -21.31 16.37
N LEU C 276 -20.69 -20.37 15.63
CA LEU C 276 -22.10 -20.02 15.76
C LEU C 276 -22.72 -19.91 14.38
N ASP C 277 -23.80 -20.64 14.14
CA ASP C 277 -24.62 -20.43 12.96
C ASP C 277 -25.19 -19.01 13.00
N GLU C 278 -24.75 -18.13 12.10
CA GLU C 278 -25.15 -16.74 12.24
C GLU C 278 -26.62 -16.52 11.88
N ARG C 279 -27.22 -17.47 11.14
CA ARG C 279 -28.65 -17.36 10.87
C ARG C 279 -29.44 -17.45 12.17
N ARG C 280 -28.95 -18.24 13.13
CA ARG C 280 -29.55 -18.34 14.44
C ARG C 280 -28.91 -17.40 15.45
N TYR C 281 -27.68 -16.95 15.21
CA TYR C 281 -26.99 -16.04 16.13
C TYR C 281 -26.49 -14.80 15.40
N PRO C 282 -27.33 -13.78 15.27
CA PRO C 282 -26.91 -12.59 14.53
C PRO C 282 -25.78 -11.84 15.22
N ALA C 283 -25.12 -11.01 14.43
CA ALA C 283 -24.01 -10.22 14.93
C ALA C 283 -24.44 -9.37 16.11
N ARG C 284 -23.50 -9.13 17.02
CA ARG C 284 -23.73 -8.28 18.20
C ARG C 284 -22.62 -7.23 18.24
N PRO C 285 -22.66 -6.25 17.32
CA PRO C 285 -21.61 -5.22 17.31
C PRO C 285 -21.60 -4.38 18.57
N ASP C 286 -22.66 -4.43 19.36
CA ASP C 286 -22.64 -3.71 20.62
C ASP C 286 -21.66 -4.33 21.60
N LEU C 287 -21.25 -5.57 21.35
CA LEU C 287 -20.35 -6.25 22.27
C LEU C 287 -18.93 -6.28 21.70
N THR C 288 -17.97 -6.28 22.62
CA THR C 288 -16.62 -6.61 22.19
C THR C 288 -16.55 -8.11 21.95
N PRO C 289 -15.64 -8.55 21.07
CA PRO C 289 -15.47 -9.99 20.84
C PRO C 289 -15.32 -10.82 22.13
N GLU C 290 -14.46 -10.38 23.05
CA GLU C 290 -14.33 -11.08 24.34
C GLU C 290 -15.67 -11.11 25.06
N GLU C 291 -16.43 -10.01 25.00
CA GLU C 291 -17.72 -9.95 25.67
C GLU C 291 -18.72 -10.94 25.07
N GLU C 292 -18.78 -11.03 23.74
CA GLU C 292 -19.70 -11.96 23.10
C GLU C 292 -19.34 -13.40 23.44
N PHE C 293 -18.05 -13.72 23.36
CA PHE C 293 -17.56 -15.04 23.75
C PHE C 293 -18.03 -15.41 25.15
N TRP C 294 -17.80 -14.50 26.10
CA TRP C 294 -18.15 -14.82 27.48
C TRP C 294 -19.66 -14.91 27.68
N SER C 295 -20.46 -14.15 26.92
CA SER C 295 -21.91 -14.31 27.04
C SER C 295 -22.35 -15.73 26.69
N HIS C 296 -21.70 -16.30 25.67
CA HIS C 296 -22.05 -17.68 25.35
C HIS C 296 -21.51 -18.64 26.39
N VAL C 297 -20.31 -18.39 26.91
CA VAL C 297 -19.81 -19.21 28.00
C VAL C 297 -20.77 -19.18 29.18
N ASP C 298 -21.31 -18.01 29.48
CA ASP C 298 -22.15 -17.86 30.67
C ASP C 298 -23.49 -18.55 30.49
N ARG C 299 -23.89 -18.85 29.24
CA ARG C 299 -25.07 -19.70 29.05
C ARG C 299 -24.93 -21.08 29.68
N PHE C 300 -23.72 -21.60 29.83
CA PHE C 300 -23.55 -23.02 30.20
C PHE C 300 -22.67 -23.21 31.43
N PRO C 301 -23.26 -23.51 32.62
CA PRO C 301 -22.51 -23.58 33.88
C PRO C 301 -21.26 -24.45 33.93
N ALA C 302 -21.26 -25.59 33.23
CA ALA C 302 -20.05 -26.41 33.28
C ALA C 302 -18.92 -25.76 32.48
N VAL C 303 -19.24 -25.24 31.29
CA VAL C 303 -18.23 -24.53 30.53
C VAL C 303 -17.73 -23.33 31.33
N GLN C 304 -18.64 -22.61 31.97
CA GLN C 304 -18.27 -21.49 32.83
C GLN C 304 -17.28 -21.92 33.92
N ARG C 305 -17.49 -23.09 34.55
CA ARG C 305 -16.58 -23.54 35.59
C ARG C 305 -15.21 -23.87 35.03
N GLN C 306 -15.17 -24.51 33.85
CA GLN C 306 -13.88 -24.87 33.27
C GLN C 306 -13.05 -23.63 32.90
N LEU C 307 -13.71 -22.52 32.58
CA LEU C 307 -13.02 -21.34 32.06
C LEU C 307 -12.90 -20.21 33.09
N LYS C 308 -13.18 -20.47 34.37
CA LYS C 308 -13.31 -19.38 35.33
C LYS C 308 -12.05 -18.53 35.42
N GLY C 309 -10.88 -19.17 35.59
CA GLY C 309 -9.68 -18.37 35.69
C GLY C 309 -8.92 -18.14 34.41
N ALA C 310 -9.56 -18.38 33.27
CA ALA C 310 -8.85 -18.30 32.00
C ALA C 310 -8.81 -16.87 31.50
N ARG C 311 -7.63 -16.47 30.97
CA ARG C 311 -7.41 -15.11 30.49
C ARG C 311 -6.78 -15.20 29.11
N SER C 312 -7.27 -14.37 28.20
CA SER C 312 -6.79 -14.41 26.82
C SER C 312 -5.42 -13.76 26.71
N VAL C 313 -4.55 -14.37 25.89
CA VAL C 313 -3.21 -13.84 25.65
C VAL C 313 -3.06 -13.32 24.23
N ARG C 314 -4.14 -13.28 23.46
CA ARG C 314 -4.10 -12.76 22.11
C ARG C 314 -5.22 -11.74 21.95
N GLU C 315 -5.11 -10.94 20.88
CA GLU C 315 -6.20 -10.10 20.45
C GLU C 315 -7.27 -11.00 19.84
N TRP C 316 -8.49 -10.86 20.35
CA TRP C 316 -9.59 -11.71 19.92
C TRP C 316 -9.87 -11.58 18.43
N VAL C 317 -10.24 -12.69 17.81
CA VAL C 317 -10.69 -12.70 16.42
C VAL C 317 -12.19 -12.99 16.43
N ARG C 318 -12.96 -12.12 15.78
CA ARG C 318 -14.38 -12.30 15.54
C ARG C 318 -14.59 -12.23 14.03
N THR C 319 -15.25 -13.23 13.47
CA THR C 319 -15.40 -13.28 12.02
C THR C 319 -16.84 -13.06 11.59
N ASP C 320 -17.02 -12.91 10.29
CA ASP C 320 -18.34 -13.02 9.68
C ASP C 320 -18.53 -14.48 9.25
N ARG C 321 -19.52 -14.78 8.41
CA ARG C 321 -19.63 -16.14 7.88
C ARG C 321 -18.30 -16.53 7.25
N GLN C 323 -17.46 -19.47 5.49
CA GLN C 323 -17.41 -20.44 4.41
C GLN C 323 -17.31 -19.72 3.08
N TYR C 324 -16.48 -20.25 2.18
CA TYR C 324 -16.32 -19.70 0.84
C TYR C 324 -15.85 -20.81 -0.07
N SER C 325 -16.04 -20.61 -1.37
CA SER C 325 -15.77 -21.65 -2.36
C SER C 325 -15.35 -20.98 -3.66
N SER C 326 -14.87 -21.81 -4.61
CA SER C 326 -14.38 -21.31 -5.87
C SER C 326 -14.96 -22.10 -7.04
N SER C 327 -15.10 -21.42 -8.19
CA SER C 327 -15.71 -22.00 -9.39
C SER C 327 -14.74 -22.87 -10.21
N ARG C 328 -13.48 -22.46 -10.39
CA ARG C 328 -12.44 -23.38 -10.93
C ARG C 328 -11.33 -23.30 -9.92
N THR C 329 -10.51 -24.34 -9.90
CA THR C 329 -9.38 -24.50 -9.00
C THR C 329 -8.04 -24.68 -9.74
N VAL C 330 -8.07 -25.15 -10.98
CA VAL C 330 -6.86 -25.24 -11.77
C VAL C 330 -7.02 -24.42 -13.04
N GLY C 331 -5.89 -23.97 -13.58
CA GLY C 331 -5.86 -23.23 -14.82
C GLY C 331 -4.60 -23.46 -15.62
N GLU C 332 -4.42 -22.69 -16.68
CA GLU C 332 -3.19 -22.75 -17.45
C GLU C 332 -2.06 -22.20 -16.58
N ARG C 333 -1.16 -23.08 -16.14
CA ARG C 333 0.01 -22.70 -15.34
C ARG C 333 -0.35 -22.21 -13.94
N TRP C 334 -1.49 -22.63 -13.40
CA TRP C 334 -1.82 -22.24 -12.03
C TRP C 334 -2.72 -23.26 -11.36
N CYS C 335 -2.66 -23.25 -10.03
CA CYS C 335 -3.45 -24.11 -9.17
C CYS C 335 -3.81 -23.34 -7.91
N LEU C 336 -5.12 -23.29 -7.60
CA LEU C 336 -5.65 -22.72 -6.36
C LEU C 336 -5.81 -23.84 -5.32
N SER C 338 -6.30 -25.65 -1.37
CA SER C 338 -6.76 -25.76 0.01
C SER C 338 -7.52 -24.49 0.40
N HIS C 339 -7.04 -23.76 1.41
CA HIS C 339 -7.77 -22.62 1.98
C HIS C 339 -7.82 -21.41 1.06
N ALA C 340 -7.02 -21.40 -0.01
CA ALA C 340 -7.19 -20.38 -1.03
C ALA C 340 -8.39 -20.70 -1.93
N ALA C 341 -8.80 -21.97 -2.01
CA ALA C 341 -9.98 -22.33 -2.79
C ALA C 341 -11.27 -22.26 -1.95
N GLY C 342 -11.25 -22.76 -0.70
CA GLY C 342 -12.44 -22.78 0.13
C GLY C 342 -12.16 -23.16 1.57
N PHE C 343 -13.17 -22.96 2.41
CA PHE C 343 -13.14 -23.28 3.84
C PHE C 343 -14.55 -23.63 4.34
N ILE C 344 -14.64 -24.63 5.23
CA ILE C 344 -15.93 -25.00 5.80
C ILE C 344 -16.02 -24.60 7.26
N ASP C 345 -15.31 -25.31 8.13
CA ASP C 345 -15.44 -25.16 9.58
C ASP C 345 -14.25 -25.87 10.19
N PRO C 346 -13.79 -25.46 11.37
CA PRO C 346 -12.79 -26.25 12.09
C PRO C 346 -13.28 -27.61 12.58
N LEU C 347 -14.59 -27.86 12.62
CA LEU C 347 -15.13 -29.08 13.19
C LEU C 347 -14.63 -30.32 12.45
N PHE C 348 -14.08 -31.28 13.20
CA PHE C 348 -13.47 -32.52 12.70
C PHE C 348 -12.11 -32.29 12.04
N SER C 349 -11.61 -31.06 12.00
CA SER C 349 -10.25 -30.77 11.57
C SER C 349 -9.94 -31.37 10.20
N ARG C 350 -10.90 -31.28 9.27
CA ARG C 350 -10.67 -31.82 7.92
C ARG C 350 -9.73 -30.94 7.08
N GLY C 351 -9.62 -29.66 7.40
CA GLY C 351 -8.85 -28.75 6.58
C GLY C 351 -7.43 -29.24 6.35
N LEU C 352 -6.68 -29.50 7.43
CA LEU C 352 -5.31 -29.96 7.22
C LEU C 352 -5.29 -31.24 6.41
N SER C 353 -6.19 -32.16 6.70
CA SER C 353 -6.21 -33.40 5.95
C SER C 353 -6.47 -33.13 4.48
N ASN C 354 -7.42 -32.25 4.19
CA ASN C 354 -7.66 -31.89 2.80
C ASN C 354 -6.38 -31.35 2.17
N THR C 355 -5.69 -30.46 2.88
CA THR C 355 -4.45 -29.91 2.37
C THR C 355 -3.52 -31.04 1.95
N CYS C 356 -3.35 -32.03 2.84
CA CYS C 356 -2.43 -33.12 2.54
C CYS C 356 -2.90 -33.90 1.32
N GLU C 357 -4.20 -34.17 1.21
CA GLU C 357 -4.67 -34.93 0.05
C GLU C 357 -4.39 -34.17 -1.24
N ILE C 358 -4.62 -32.85 -1.23
CA ILE C 358 -4.34 -32.11 -2.45
C ILE C 358 -2.85 -32.20 -2.75
N ILE C 359 -1.99 -32.04 -1.73
CA ILE C 359 -0.57 -32.08 -2.01
C ILE C 359 -0.19 -33.43 -2.58
N ASN C 360 -0.81 -34.49 -2.04
CA ASN C 360 -0.46 -35.80 -2.54
C ASN C 360 -0.79 -35.94 -4.02
N ALA C 361 -1.93 -35.38 -4.44
CA ALA C 361 -2.31 -35.54 -5.84
C ALA C 361 -1.59 -34.54 -6.73
N LEU C 362 -1.22 -33.37 -6.21
CA LEU C 362 -0.69 -32.37 -7.12
C LEU C 362 0.76 -32.65 -7.46
N SER C 363 1.54 -33.07 -6.45
CA SER C 363 3.01 -33.11 -6.57
C SER C 363 3.48 -33.89 -7.78
N TRP C 364 3.16 -35.19 -7.82
CA TRP C 364 3.61 -36.04 -8.90
C TRP C 364 3.09 -35.57 -10.25
N ARG C 365 1.91 -34.94 -10.28
CA ARG C 365 1.44 -34.38 -11.54
C ARG C 365 2.24 -33.15 -11.93
N LEU C 366 2.44 -32.22 -10.97
CA LEU C 366 3.12 -30.96 -11.26
C LEU C 366 4.56 -31.22 -11.70
N ALA C 368 5.62 -33.97 -13.09
CA ALA C 368 5.57 -34.51 -14.45
C ALA C 368 5.49 -33.38 -15.46
N ALA C 369 4.55 -32.45 -15.23
CA ALA C 369 4.38 -31.34 -16.15
C ALA C 369 5.69 -30.57 -16.32
N LEU C 370 6.37 -30.28 -15.20
CA LEU C 370 7.60 -29.47 -15.27
C LEU C 370 8.69 -30.20 -16.05
N ARG C 371 8.81 -31.51 -15.87
CA ARG C 371 9.90 -32.15 -16.59
C ARG C 371 9.55 -32.41 -18.05
N GLU C 372 8.32 -32.11 -18.47
CA GLU C 372 7.91 -32.28 -19.86
C GLU C 372 7.50 -30.97 -20.52
N ASP C 373 7.59 -29.84 -19.80
CA ASP C 373 7.11 -28.53 -20.24
C ASP C 373 5.72 -28.58 -20.89
N ASP C 374 4.83 -29.45 -20.38
CA ASP C 374 3.47 -29.58 -20.89
C ASP C 374 2.49 -29.21 -19.78
N PHE C 375 1.93 -28.00 -19.85
CA PHE C 375 1.06 -27.50 -18.81
C PHE C 375 -0.39 -27.49 -19.24
N ALA C 376 -0.83 -28.58 -19.87
CA ALA C 376 -2.20 -28.68 -20.34
C ALA C 376 -3.09 -28.98 -19.16
N VAL C 377 -4.17 -28.21 -19.01
CA VAL C 377 -5.01 -28.31 -17.84
C VAL C 377 -5.58 -29.72 -17.68
N GLU C 378 -5.57 -30.53 -18.76
CA GLU C 378 -6.09 -31.89 -18.73
C GLU C 378 -5.37 -32.77 -17.71
N ARG C 379 -4.06 -32.56 -17.51
CA ARG C 379 -3.31 -33.34 -16.53
C ARG C 379 -3.69 -32.99 -15.09
N PHE C 380 -4.23 -31.80 -14.86
CA PHE C 380 -4.60 -31.34 -13.53
C PHE C 380 -6.10 -31.43 -13.25
N ALA C 381 -6.88 -32.01 -14.16
CA ALA C 381 -8.34 -32.02 -13.98
C ALA C 381 -8.71 -32.72 -12.69
N TYR C 382 -8.04 -33.84 -12.38
CA TYR C 382 -8.34 -34.57 -11.15
C TYR C 382 -8.07 -33.71 -9.92
N VAL C 383 -7.01 -32.88 -9.93
CA VAL C 383 -6.76 -32.02 -8.77
C VAL C 383 -7.98 -31.15 -8.47
N GLU C 384 -8.55 -30.53 -9.50
CA GLU C 384 -9.75 -29.73 -9.29
C GLU C 384 -10.92 -30.59 -8.83
N GLU C 385 -11.14 -31.74 -9.47
CA GLU C 385 -12.20 -32.63 -9.03
C GLU C 385 -12.05 -32.97 -7.55
N LEU C 386 -10.83 -33.35 -7.12
CA LEU C 386 -10.55 -33.64 -5.72
C LEU C 386 -10.82 -32.42 -4.82
N GLU C 387 -10.29 -31.25 -5.18
CA GLU C 387 -10.53 -30.04 -4.40
C GLU C 387 -12.01 -29.76 -4.18
N GLN C 388 -12.77 -29.73 -5.27
CA GLN C 388 -14.19 -29.45 -5.16
C GLN C 388 -14.92 -30.54 -4.37
N GLY C 389 -14.56 -31.80 -4.59
CA GLY C 389 -15.17 -32.87 -3.82
C GLY C 389 -14.86 -32.79 -2.34
N LEU C 390 -13.59 -32.55 -2.01
CA LEU C 390 -13.21 -32.42 -0.62
C LEU C 390 -14.08 -31.35 0.02
N LEU C 391 -14.22 -30.21 -0.66
CA LEU C 391 -15.02 -29.16 -0.05
C LEU C 391 -16.48 -29.58 0.09
N ASP C 392 -17.06 -30.22 -0.93
CA ASP C 392 -18.49 -30.55 -0.85
C ASP C 392 -18.78 -31.59 0.23
N TRP C 393 -18.01 -32.68 0.27
CA TRP C 393 -18.24 -33.69 1.31
C TRP C 393 -18.01 -33.08 2.69
N ASN C 394 -16.96 -32.28 2.85
CA ASN C 394 -16.71 -31.58 4.11
C ASN C 394 -17.94 -30.76 4.54
N ASP C 395 -18.51 -30.03 3.57
CA ASP C 395 -19.71 -29.23 3.78
C ASP C 395 -20.87 -30.08 4.30
N LYS C 396 -21.13 -31.21 3.64
CA LYS C 396 -22.21 -32.09 4.10
C LYS C 396 -21.94 -32.57 5.53
N LEU C 397 -20.71 -32.98 5.80
CA LEU C 397 -20.38 -33.48 7.14
C LEU C 397 -20.69 -32.45 8.22
N VAL C 398 -20.26 -31.21 8.00
CA VAL C 398 -20.39 -30.22 9.05
C VAL C 398 -21.82 -29.72 9.15
N ASN C 399 -22.47 -29.57 8.01
CA ASN C 399 -23.87 -29.15 7.99
C ASN C 399 -24.76 -30.17 8.69
N ASN C 400 -24.60 -31.46 8.35
CA ASN C 400 -25.30 -32.51 9.05
C ASN C 400 -25.07 -32.39 10.55
N SER C 401 -23.81 -32.22 10.96
CA SER C 401 -23.52 -32.18 12.39
C SER C 401 -24.25 -31.02 13.06
N PHE C 402 -24.13 -29.83 12.47
CA PHE C 402 -24.78 -28.65 13.05
C PHE C 402 -26.29 -28.84 13.14
N ILE C 403 -26.91 -29.46 12.13
CA ILE C 403 -28.33 -29.74 12.22
C ILE C 403 -28.61 -30.69 13.38
N SER C 404 -27.78 -31.73 13.52
CA SER C 404 -27.98 -32.72 14.56
C SER C 404 -27.71 -32.18 15.95
N PHE C 405 -27.05 -31.04 16.09
CA PHE C 405 -26.76 -30.58 17.45
C PHE C 405 -28.03 -30.32 18.25
N SER C 406 -29.20 -30.31 17.61
CA SER C 406 -30.47 -30.05 18.29
C SER C 406 -31.06 -31.27 18.97
N HIS C 407 -30.61 -32.48 18.63
CA HIS C 407 -31.22 -33.69 19.17
C HIS C 407 -30.14 -34.76 19.30
N TYR C 408 -29.69 -35.03 20.52
CA TYR C 408 -28.57 -35.94 20.69
C TYR C 408 -28.75 -37.29 19.98
N PRO C 409 -29.91 -37.94 19.97
CA PRO C 409 -30.00 -39.22 19.24
C PRO C 409 -29.74 -39.08 17.75
N LEU C 410 -29.97 -37.91 17.17
CA LEU C 410 -29.58 -37.72 15.77
C LEU C 410 -28.06 -37.54 15.68
N TRP C 411 -27.50 -36.71 16.58
CA TRP C 411 -26.05 -36.56 16.67
C TRP C 411 -25.39 -37.92 16.79
N ASN C 412 -26.00 -38.85 17.52
CA ASN C 412 -25.42 -40.16 17.75
C ASN C 412 -25.17 -40.90 16.43
N SER C 413 -26.13 -40.81 15.50
CA SER C 413 -25.94 -41.46 14.21
C SER C 413 -24.89 -40.74 13.37
N VAL C 414 -24.92 -39.41 13.35
CA VAL C 414 -23.88 -38.68 12.62
C VAL C 414 -22.51 -39.11 13.12
N PHE C 415 -22.38 -39.17 14.46
CA PHE C 415 -21.12 -39.48 15.10
C PHE C 415 -20.61 -40.83 14.66
N ARG C 416 -21.44 -41.86 14.76
CA ARG C 416 -20.90 -43.18 14.45
C ARG C 416 -20.62 -43.34 12.96
N ILE C 417 -21.42 -42.71 12.10
CA ILE C 417 -21.18 -42.83 10.66
C ILE C 417 -19.86 -42.16 10.29
N TRP C 418 -19.61 -40.97 10.84
CA TRP C 418 -18.34 -40.31 10.57
C TRP C 418 -17.15 -41.10 11.14
N ALA C 419 -17.23 -41.46 12.41
CA ALA C 419 -16.05 -42.02 13.06
C ALA C 419 -15.68 -43.40 12.52
N SER C 420 -16.67 -44.26 12.21
CA SER C 420 -16.30 -45.56 11.65
C SER C 420 -15.60 -45.40 10.30
N ALA C 421 -16.07 -44.45 9.50
CA ALA C 421 -15.45 -44.23 8.20
C ALA C 421 -14.03 -43.77 8.36
N SER C 422 -13.75 -43.03 9.44
CA SER C 422 -12.37 -42.62 9.70
C SER C 422 -11.43 -43.83 9.72
N VAL C 423 -11.77 -44.85 10.50
CA VAL C 423 -10.92 -46.03 10.60
C VAL C 423 -10.77 -46.71 9.24
N ILE C 424 -11.90 -46.92 8.55
CA ILE C 424 -11.85 -47.67 7.29
C ILE C 424 -11.05 -46.91 6.23
N GLY C 425 -11.27 -45.61 6.10
CA GLY C 425 -10.55 -44.83 5.10
C GLY C 425 -9.09 -44.69 5.42
N GLY C 426 -8.76 -44.55 6.71
CA GLY C 426 -7.37 -44.61 7.11
C GLY C 426 -6.71 -45.88 6.65
N LYS C 427 -7.37 -47.02 6.88
CA LYS C 427 -6.78 -48.28 6.43
C LYS C 427 -6.61 -48.32 4.92
N ARG C 428 -7.50 -47.68 4.17
CA ARG C 428 -7.29 -47.60 2.73
C ARG C 428 -5.94 -46.93 2.40
N ILE C 429 -5.70 -45.76 2.98
CA ILE C 429 -4.47 -45.03 2.70
C ILE C 429 -3.25 -45.85 3.13
N LEU C 430 -3.32 -46.46 4.32
CA LEU C 430 -2.20 -47.24 4.84
C LEU C 430 -1.90 -48.45 3.96
N ASN C 431 -2.93 -49.14 3.48
CA ASN C 431 -2.68 -50.27 2.60
C ASN C 431 -1.95 -49.82 1.35
N ALA C 432 -2.37 -48.69 0.76
CA ALA C 432 -1.64 -48.19 -0.40
C ALA C 432 -0.19 -47.88 -0.06
N LEU C 433 0.05 -47.30 1.12
CA LEU C 433 1.41 -46.93 1.52
C LEU C 433 2.30 -48.16 1.69
N THR C 434 1.83 -49.16 2.44
CA THR C 434 2.66 -50.35 2.66
C THR C 434 2.89 -51.12 1.38
N ARG C 435 1.89 -51.18 0.48
CA ARG C 435 2.14 -51.80 -0.81
C ARG C 435 3.25 -51.07 -1.57
N THR C 436 3.22 -49.73 -1.59
CA THR C 436 4.28 -49.00 -2.28
C THR C 436 5.64 -49.22 -1.62
N LYS C 437 5.66 -49.32 -0.29
CA LYS C 437 6.93 -49.58 0.38
C LYS C 437 7.45 -50.98 0.11
N GLU C 438 6.56 -51.93 -0.16
CA GLU C 438 7.05 -53.28 -0.39
C GLU C 438 7.43 -53.52 -1.86
N THR C 439 6.65 -53.03 -2.80
CA THR C 439 6.95 -53.25 -4.21
C THR C 439 7.85 -52.19 -4.82
N GLY C 440 8.02 -51.06 -4.16
CA GLY C 440 8.78 -49.98 -4.73
C GLY C 440 8.14 -49.35 -5.94
N ASP C 441 6.82 -49.37 -6.03
CA ASP C 441 6.09 -48.89 -7.20
C ASP C 441 5.12 -47.79 -6.76
N ASP C 442 5.20 -46.64 -7.44
CA ASP C 442 4.29 -45.54 -7.14
C ASP C 442 2.88 -45.80 -7.65
N SER C 443 2.71 -46.79 -8.53
CA SER C 443 1.40 -47.07 -9.10
C SER C 443 0.34 -47.25 -8.01
N HIS C 444 0.68 -47.97 -6.95
CA HIS C 444 -0.32 -48.26 -5.92
C HIS C 444 -0.77 -46.99 -5.21
N CYS C 445 0.07 -45.97 -5.18
CA CYS C 445 -0.36 -44.69 -4.63
C CYS C 445 -1.18 -43.90 -5.66
N GLN C 446 -0.81 -43.99 -6.93
CA GLN C 446 -1.60 -43.31 -7.95
C GLN C 446 -2.97 -43.96 -8.10
N ALA C 447 -3.09 -45.23 -7.71
CA ALA C 447 -4.38 -45.91 -7.71
C ALA C 447 -5.34 -45.29 -6.71
N LEU C 448 -4.83 -44.53 -5.74
CA LEU C 448 -5.74 -43.82 -4.84
C LEU C 448 -6.50 -42.73 -5.58
N ASP C 449 -5.90 -42.20 -6.63
CA ASP C 449 -6.54 -41.16 -7.43
C ASP C 449 -7.63 -41.71 -8.36
N ASP C 450 -7.79 -43.03 -8.43
CA ASP C 450 -8.87 -43.67 -9.18
C ASP C 450 -10.04 -44.04 -8.27
N ASN C 451 -10.51 -43.06 -7.50
CA ASN C 451 -11.64 -43.42 -6.67
C ASN C 451 -12.91 -42.80 -7.24
N PRO C 452 -14.04 -43.50 -7.12
CA PRO C 452 -15.29 -43.00 -7.72
C PRO C 452 -15.87 -41.79 -7.01
N TYR C 453 -15.49 -41.53 -5.76
CA TYR C 453 -16.07 -40.43 -4.97
C TYR C 453 -14.94 -39.57 -4.43
N PRO C 454 -14.33 -38.75 -5.27
CA PRO C 454 -13.19 -37.95 -4.82
C PRO C 454 -13.62 -36.94 -3.76
N GLY C 455 -12.94 -36.97 -2.61
CA GLY C 455 -13.26 -36.14 -1.48
C GLY C 455 -13.97 -36.85 -0.35
N LEU C 456 -14.55 -38.02 -0.62
CA LEU C 456 -15.19 -38.82 0.41
C LEU C 456 -14.11 -39.61 1.15
N TRP C 457 -14.05 -39.44 2.48
CA TRP C 457 -12.93 -39.98 3.25
C TRP C 457 -12.86 -41.50 3.17
N CYS C 458 -14.01 -42.15 2.98
CA CYS C 458 -14.15 -43.60 2.80
C CYS C 458 -14.91 -43.91 1.52
N PRO C 459 -14.22 -43.97 0.34
CA PRO C 459 -14.87 -44.00 -1.00
C PRO C 459 -15.37 -45.37 -1.44
N LEU C 460 -16.31 -45.92 -0.67
CA LEU C 460 -16.90 -47.23 -0.93
C LEU C 460 -18.39 -47.05 -1.18
N ASP C 461 -18.99 -48.01 -1.90
CA ASP C 461 -20.38 -47.86 -2.31
C ASP C 461 -21.31 -47.82 -1.10
N PHE C 462 -21.13 -48.77 -0.18
CA PHE C 462 -22.07 -48.83 0.94
C PHE C 462 -21.94 -47.62 1.84
N TYR C 463 -20.73 -47.07 1.96
CA TYR C 463 -20.57 -45.86 2.76
C TYR C 463 -21.24 -44.65 2.09
N LYS C 464 -21.09 -44.45 0.76
CA LYS C 464 -21.87 -43.42 0.06
C LYS C 464 -23.34 -43.60 0.34
N GLU C 465 -23.81 -44.83 0.28
CA GLU C 465 -25.23 -45.05 0.52
C GLU C 465 -25.65 -44.57 1.91
N ALA C 466 -24.93 -45.03 2.94
CA ALA C 466 -25.26 -44.63 4.30
C ALA C 466 -25.16 -43.12 4.49
N PHE C 467 -24.09 -42.51 3.99
CA PHE C 467 -23.93 -41.08 4.23
C PHE C 467 -24.94 -40.26 3.45
N ASP C 468 -25.27 -40.69 2.24
CA ASP C 468 -26.29 -39.99 1.46
C ASP C 468 -27.63 -40.00 2.17
N GLU C 469 -28.01 -41.16 2.74
CA GLU C 469 -29.25 -41.23 3.48
C GLU C 469 -29.21 -40.32 4.70
N LEU C 470 -28.08 -40.32 5.42
CA LEU C 470 -27.90 -39.38 6.52
C LEU C 470 -28.10 -37.94 6.06
N THR C 471 -27.53 -37.58 4.90
CA THR C 471 -27.60 -36.19 4.43
C THR C 471 -29.03 -35.81 4.01
N GLU C 472 -29.74 -36.72 3.33
CA GLU C 472 -31.13 -36.45 2.98
C GLU C 472 -31.99 -36.29 4.22
N LEU C 473 -31.77 -37.15 5.24
CA LEU C 473 -32.56 -37.00 6.47
C LEU C 473 -32.22 -35.70 7.19
N CYS C 474 -30.94 -35.39 7.32
CA CYS C 474 -30.57 -34.18 8.02
C CYS C 474 -31.06 -32.94 7.30
N GLU C 475 -30.94 -32.90 5.96
CA GLU C 475 -31.41 -31.73 5.23
C GLU C 475 -32.92 -31.60 5.30
N ALA C 476 -33.64 -32.74 5.39
CA ALA C 476 -35.08 -32.67 5.62
C ALA C 476 -35.39 -32.09 7.00
N VAL C 477 -34.59 -32.43 8.00
CA VAL C 477 -34.76 -31.80 9.33
C VAL C 477 -34.50 -30.30 9.25
N ASP C 478 -33.46 -29.89 8.53
CA ASP C 478 -33.14 -28.47 8.40
C ASP C 478 -34.28 -27.73 7.70
N ALA C 479 -34.95 -28.40 6.74
CA ALA C 479 -36.03 -27.80 5.97
C ALA C 479 -37.38 -27.94 6.64
N GLY C 480 -37.48 -28.70 7.73
CA GLY C 480 -38.73 -28.88 8.44
C GLY C 480 -39.62 -30.00 7.94
N ARG C 481 -39.23 -30.73 6.90
CA ARG C 481 -40.08 -31.81 6.39
C ARG C 481 -40.09 -33.04 7.29
N THR C 482 -39.14 -33.15 8.21
CA THR C 482 -39.04 -34.29 9.10
C THR C 482 -38.63 -33.75 10.46
N THR C 483 -39.03 -34.44 11.53
CA THR C 483 -38.56 -34.07 12.86
C THR C 483 -37.24 -34.78 13.16
N ALA C 484 -36.46 -34.13 14.05
CA ALA C 484 -35.19 -34.72 14.46
C ALA C 484 -35.43 -36.11 15.04
N GLU C 485 -36.50 -36.26 15.80
CA GLU C 485 -36.83 -37.55 16.36
C GLU C 485 -37.16 -38.57 15.24
N GLU C 486 -37.91 -38.19 14.22
CA GLU C 486 -38.29 -39.18 13.18
C GLU C 486 -37.03 -39.66 12.47
N ALA C 487 -36.14 -38.73 12.12
CA ALA C 487 -34.88 -39.05 11.46
C ALA C 487 -33.94 -39.88 12.34
N ALA C 488 -33.91 -39.58 13.63
CA ALA C 488 -33.10 -40.40 14.52
C ALA C 488 -33.60 -41.84 14.53
N ARG C 489 -34.93 -42.02 14.49
CA ARG C 489 -35.48 -43.38 14.48
C ARG C 489 -35.06 -44.12 13.20
N VAL C 490 -35.15 -43.43 12.07
CA VAL C 490 -34.77 -44.07 10.81
C VAL C 490 -33.28 -44.45 10.81
N LEU C 491 -32.42 -43.53 11.25
CA LEU C 491 -30.99 -43.80 11.25
C LEU C 491 -30.59 -44.88 12.25
N GLU C 492 -31.19 -44.93 13.45
CA GLU C 492 -30.89 -46.07 14.33
C GLU C 492 -31.28 -47.38 13.67
N GLN C 493 -32.39 -47.40 12.93
CA GLN C 493 -32.73 -48.64 12.23
C GLN C 493 -31.62 -49.05 11.27
N ARG C 494 -31.16 -48.10 10.46
CA ARG C 494 -30.09 -48.41 9.52
C ARG C 494 -28.83 -48.89 10.22
N VAL C 495 -28.47 -48.23 11.32
CA VAL C 495 -27.27 -48.60 12.06
C VAL C 495 -27.41 -50.01 12.57
N ARG C 496 -28.60 -50.38 13.02
CA ARG C 496 -28.76 -51.72 13.53
C ARG C 496 -28.85 -52.79 12.45
N GLU C 497 -29.07 -52.42 11.17
CA GLU C 497 -29.14 -53.49 10.15
C GLU C 497 -27.81 -53.63 9.46
N SER C 498 -26.82 -52.87 9.89
CA SER C 498 -25.62 -52.84 9.07
C SER C 498 -24.72 -54.02 9.39
N ASP C 499 -23.88 -54.36 8.45
CA ASP C 499 -22.91 -55.40 8.65
C ASP C 499 -21.48 -54.92 8.54
N TRP C 500 -21.26 -53.62 8.29
CA TRP C 500 -19.93 -53.12 8.00
C TRP C 500 -19.34 -52.23 9.08
N LEU C 502 -17.75 -52.00 12.02
CA LEU C 502 -16.78 -52.52 12.99
C LEU C 502 -17.43 -52.88 14.32
N PRO C 503 -18.31 -53.87 14.35
CA PRO C 503 -19.12 -54.07 15.58
C PRO C 503 -18.28 -54.32 16.84
N ALA C 504 -17.13 -54.99 16.72
CA ALA C 504 -16.29 -55.22 17.89
C ALA C 504 -15.88 -53.91 18.56
N LEU C 505 -15.77 -52.82 17.80
CA LEU C 505 -15.49 -51.52 18.42
C LEU C 505 -16.74 -50.85 18.94
N GLY C 506 -17.91 -51.28 18.50
CA GLY C 506 -19.13 -50.69 19.01
C GLY C 506 -19.77 -49.68 18.10
N PHE C 507 -19.34 -49.56 16.85
CA PHE C 507 -19.93 -48.55 15.99
C PHE C 507 -21.36 -48.89 15.62
N ASN C 508 -21.73 -50.17 15.60
CA ASN C 508 -23.10 -50.55 15.31
C ASN C 508 -23.99 -50.55 16.55
N ASP C 509 -23.46 -50.23 17.74
CA ASP C 509 -24.27 -50.14 18.95
C ASP C 509 -24.59 -48.69 19.31
N PRO C 510 -25.78 -48.18 18.99
CA PRO C 510 -26.10 -46.79 19.35
C PRO C 510 -26.02 -46.51 20.84
N ASP C 511 -25.99 -47.54 21.69
CA ASP C 511 -25.87 -47.34 23.13
C ASP C 511 -24.42 -47.28 23.58
N THR C 512 -23.47 -47.57 22.69
CA THR C 512 -22.04 -47.35 22.98
C THR C 512 -21.71 -45.92 22.58
N HIS C 513 -21.59 -45.05 23.56
CA HIS C 513 -21.23 -43.66 23.30
C HIS C 513 -19.72 -43.44 23.29
N HIS C 514 -18.97 -44.29 23.95
CA HIS C 514 -17.53 -44.11 24.09
C HIS C 514 -16.85 -45.23 23.32
N ILE C 515 -16.49 -44.96 22.07
CA ILE C 515 -15.75 -45.93 21.30
C ILE C 515 -14.30 -45.93 21.77
N ASN C 516 -13.84 -47.10 22.23
CA ASN C 516 -12.51 -47.28 22.78
C ASN C 516 -11.76 -48.37 22.03
N PRO C 517 -11.07 -48.03 20.94
CA PRO C 517 -10.34 -49.04 20.13
C PRO C 517 -9.05 -49.55 20.75
N THR C 518 -9.16 -50.51 21.69
CA THR C 518 -8.00 -51.16 22.26
C THR C 518 -7.44 -52.22 21.31
N ALA C 519 -6.21 -52.68 21.63
CA ALA C 519 -5.52 -53.64 20.77
C ALA C 519 -6.27 -54.95 20.66
N ASP C 520 -6.88 -55.41 21.77
CA ASP C 520 -7.65 -56.66 21.72
C ASP C 520 -8.81 -56.58 20.74
N LYS C 521 -9.60 -55.50 20.83
CA LYS C 521 -10.76 -55.35 19.95
C LYS C 521 -10.33 -55.29 18.49
N ILE C 523 -7.87 -56.86 17.24
CA ILE C 523 -7.66 -58.25 16.84
C ILE C 523 -8.98 -58.86 16.40
N ARG C 524 -10.03 -58.65 17.19
CA ARG C 524 -11.33 -59.17 16.80
C ARG C 524 -11.77 -58.59 15.45
N ILE C 525 -11.45 -57.31 15.22
CA ILE C 525 -11.82 -56.68 13.95
C ILE C 525 -11.20 -57.45 12.80
N ALA C 526 -9.91 -57.77 12.94
CA ALA C 526 -9.23 -58.49 11.88
C ALA C 526 -9.91 -59.82 11.60
N GLU C 527 -10.27 -60.57 12.65
CA GLU C 527 -10.92 -61.85 12.39
C GLU C 527 -12.24 -61.63 11.70
N TRP C 528 -13.03 -60.67 12.19
CA TRP C 528 -14.32 -60.37 11.59
C TRP C 528 -14.16 -60.00 10.13
N ALA C 529 -13.09 -59.27 9.81
CA ALA C 529 -12.90 -58.83 8.43
C ALA C 529 -12.46 -60.00 7.55
N THR C 530 -11.78 -60.97 8.15
CA THR C 530 -11.22 -62.08 7.41
C THR C 530 -12.32 -62.84 6.68
N GLY C 531 -13.41 -63.14 7.38
CA GLY C 531 -14.50 -63.88 6.78
C GLY C 531 -15.73 -63.04 6.50
N HIS C 532 -15.52 -61.79 6.04
CA HIS C 532 -16.64 -60.91 5.73
C HIS C 532 -17.08 -61.10 4.30
N HIS C 533 -18.39 -60.96 4.06
CA HIS C 533 -18.89 -61.19 2.71
C HIS C 533 -18.49 -60.06 1.76
N ARG C 534 -18.32 -58.83 2.26
CA ARG C 534 -17.95 -57.69 1.41
C ARG C 534 -16.46 -57.72 1.06
N PRO C 535 -16.08 -57.69 -0.22
CA PRO C 535 -14.64 -57.80 -0.57
C PRO C 535 -13.81 -56.61 -0.10
N GLU C 536 -14.44 -55.43 -0.06
CA GLU C 536 -13.74 -54.23 0.35
C GLU C 536 -13.31 -54.34 1.81
N ILE C 537 -14.16 -54.91 2.67
CA ILE C 537 -13.80 -55.10 4.07
C ILE C 537 -12.63 -56.07 4.22
N ARG C 538 -12.63 -57.18 3.46
CA ARG C 538 -11.54 -58.17 3.58
C ARG C 538 -10.20 -57.56 3.28
N GLU C 539 -10.21 -56.79 2.19
CA GLU C 539 -8.99 -56.12 1.74
C GLU C 539 -8.60 -54.97 2.66
N LEU C 540 -9.56 -54.21 3.20
CA LEU C 540 -9.06 -53.09 3.98
C LEU C 540 -8.72 -53.47 5.42
N LEU C 541 -9.38 -54.48 6.03
CA LEU C 541 -9.18 -54.72 7.45
C LEU C 541 -8.80 -56.14 7.88
N ALA C 542 -8.63 -57.09 6.96
CA ALA C 542 -8.31 -58.46 7.36
C ALA C 542 -6.80 -58.68 7.51
N ALA C 543 -6.44 -59.61 8.39
CA ALA C 543 -5.05 -59.97 8.62
C ALA C 543 -5.00 -61.21 9.52
N SER C 544 -3.80 -61.61 9.89
CA SER C 544 -3.65 -62.70 10.88
C SER C 544 -3.55 -62.08 12.27
N ALA C 545 -3.66 -62.89 13.32
CA ALA C 545 -3.46 -62.36 14.69
C ALA C 545 -2.05 -61.80 14.79
N GLU C 546 -1.07 -62.51 14.21
CA GLU C 546 0.34 -62.05 14.23
C GLU C 546 0.50 -60.74 13.44
N GLU C 547 -0.16 -60.61 12.28
CA GLU C 547 0.06 -59.41 11.43
C GLU C 547 -0.41 -58.16 12.18
N VAL C 548 -1.52 -58.25 12.91
CA VAL C 548 -2.05 -57.09 13.69
C VAL C 548 -1.10 -56.86 14.86
N ARG C 549 -0.70 -57.93 15.55
CA ARG C 549 0.15 -57.81 16.77
C ARG C 549 1.56 -57.28 16.42
N ALA C 550 2.02 -57.48 15.18
CA ALA C 550 3.39 -57.04 14.79
C ALA C 550 3.33 -55.76 13.95
N ALA C 551 2.15 -55.17 13.76
CA ALA C 551 2.04 -53.88 13.02
C ALA C 551 2.61 -52.76 13.88
N PRO D 16 -3.37 31.24 -49.29
CA PRO D 16 -4.77 30.82 -49.45
C PRO D 16 -5.03 29.40 -48.92
N TYR D 17 -6.13 29.16 -48.20
CA TYR D 17 -6.35 27.87 -47.57
C TYR D 17 -7.24 26.97 -48.41
N ASP D 18 -7.08 25.65 -48.23
CA ASP D 18 -7.98 24.72 -48.90
C ASP D 18 -9.34 24.69 -48.22
N VAL D 19 -9.38 24.49 -46.90
CA VAL D 19 -10.61 24.50 -46.13
C VAL D 19 -10.38 25.34 -44.88
N VAL D 20 -11.36 26.15 -44.53
CA VAL D 20 -11.42 26.78 -43.21
C VAL D 20 -12.55 26.13 -42.45
N ILE D 21 -12.24 25.65 -41.24
CA ILE D 21 -13.21 24.99 -40.38
C ILE D 21 -13.47 25.90 -39.19
N ILE D 22 -14.73 26.28 -39.01
CA ILE D 22 -15.14 27.06 -37.86
C ILE D 22 -15.62 26.11 -36.78
N GLY D 23 -14.90 26.08 -35.65
CA GLY D 23 -15.19 25.19 -34.55
C GLY D 23 -14.02 24.28 -34.24
N SER D 24 -13.42 24.39 -33.06
CA SER D 24 -12.27 23.57 -32.72
C SER D 24 -12.59 22.48 -31.71
N GLY D 25 -13.85 22.06 -31.61
CA GLY D 25 -14.23 20.86 -30.89
C GLY D 25 -14.01 19.62 -31.72
N LEU D 26 -14.47 18.48 -31.18
CA LEU D 26 -14.23 17.19 -31.82
C LEU D 26 -14.67 17.18 -33.27
N SER D 27 -15.85 17.73 -33.55
CA SER D 27 -16.36 17.78 -34.90
C SER D 27 -15.36 18.43 -35.84
N GLY D 28 -14.87 19.62 -35.49
CA GLY D 28 -13.97 20.33 -36.38
C GLY D 28 -12.60 19.67 -36.44
N THR D 29 -12.03 19.34 -35.29
CA THR D 29 -10.63 18.91 -35.27
C THR D 29 -10.46 17.52 -35.89
N LEU D 31 -12.21 16.44 -38.38
CA LEU D 31 -12.20 16.77 -39.80
C LEU D 31 -10.85 17.35 -40.18
N GLY D 32 -10.36 18.32 -39.40
CA GLY D 32 -9.09 18.94 -39.72
C GLY D 32 -7.97 17.92 -39.77
N SER D 33 -7.95 17.01 -38.81
CA SER D 33 -6.88 16.01 -38.79
C SER D 33 -6.92 15.14 -40.04
N ILE D 34 -8.11 14.78 -40.51
CA ILE D 34 -8.17 13.98 -41.73
C ILE D 34 -7.61 14.80 -42.90
N LEU D 35 -8.09 16.03 -43.05
CA LEU D 35 -7.76 16.79 -44.25
C LEU D 35 -6.29 17.20 -44.24
N ALA D 36 -5.76 17.55 -43.08
CA ALA D 36 -4.35 17.89 -43.01
C ALA D 36 -3.48 16.66 -43.22
N LYS D 37 -3.94 15.49 -42.75
CA LYS D 37 -3.16 14.27 -42.98
C LYS D 37 -3.05 13.94 -44.46
N HIS D 38 -4.03 14.35 -45.25
CA HIS D 38 -3.99 14.08 -46.69
C HIS D 38 -3.44 15.26 -47.47
N GLY D 39 -2.70 16.15 -46.80
CA GLY D 39 -1.89 17.13 -47.49
C GLY D 39 -2.56 18.44 -47.81
N PHE D 40 -3.79 18.66 -47.36
CA PHE D 40 -4.48 19.91 -47.66
C PHE D 40 -4.19 20.96 -46.61
N ARG D 41 -4.27 22.22 -47.03
CA ARG D 41 -3.96 23.37 -46.18
C ARG D 41 -5.22 23.76 -45.43
N ILE D 42 -5.20 23.61 -44.10
CA ILE D 42 -6.39 23.76 -43.26
C ILE D 42 -6.21 24.90 -42.28
N LEU D 44 -8.14 26.34 -38.73
CA LEU D 44 -9.13 26.15 -37.66
C LEU D 44 -9.40 27.47 -36.95
N LEU D 45 -10.68 27.84 -36.85
CA LEU D 45 -11.10 29.08 -36.20
C LEU D 45 -12.09 28.78 -35.09
N ASP D 46 -11.87 29.37 -33.91
CA ASP D 46 -12.79 29.17 -32.80
C ASP D 46 -12.81 30.43 -31.93
N GLY D 47 -13.98 30.75 -31.37
CA GLY D 47 -14.10 31.91 -30.53
C GLY D 47 -13.61 31.75 -29.10
N ALA D 48 -13.30 30.51 -28.68
CA ALA D 48 -12.78 30.17 -27.36
C ALA D 48 -11.42 29.49 -27.48
N HIS D 49 -10.85 29.09 -26.35
CA HIS D 49 -9.49 28.57 -26.31
C HIS D 49 -9.46 27.24 -25.56
N HIS D 50 -8.53 26.35 -25.99
CA HIS D 50 -8.45 25.14 -25.17
C HIS D 50 -7.53 25.44 -23.99
N PRO D 51 -7.76 24.85 -22.82
CA PRO D 51 -8.80 23.89 -22.49
C PRO D 51 -10.13 24.57 -22.25
N ARG D 52 -11.21 23.85 -22.51
CA ARG D 52 -12.55 24.31 -22.17
C ARG D 52 -13.49 23.11 -21.97
N PHE D 53 -14.47 23.34 -21.11
CA PHE D 53 -15.51 22.37 -20.89
C PHE D 53 -16.33 22.20 -22.17
N ALA D 54 -16.86 20.99 -22.36
CA ALA D 54 -17.80 20.74 -23.44
C ALA D 54 -18.77 19.66 -23.00
N VAL D 55 -19.93 19.64 -23.67
CA VAL D 55 -21.00 18.66 -23.41
C VAL D 55 -20.82 17.48 -24.36
N GLY D 56 -21.61 16.42 -24.16
CA GLY D 56 -21.49 15.23 -25.01
C GLY D 56 -20.57 14.21 -24.38
N GLU D 57 -20.91 13.73 -23.18
CA GLU D 57 -19.97 12.96 -22.36
C GLU D 57 -20.00 11.44 -22.61
N SER D 58 -21.17 10.83 -22.71
CA SER D 58 -21.25 9.39 -22.94
C SER D 58 -20.93 9.05 -24.39
N THR D 59 -20.28 7.90 -24.58
CA THR D 59 -20.01 7.35 -25.90
C THR D 59 -20.83 6.06 -26.06
N ILE D 60 -21.32 5.79 -27.27
CA ILE D 60 -22.18 4.63 -27.49
C ILE D 60 -21.53 3.69 -28.49
N GLY D 61 -22.16 2.51 -28.66
CA GLY D 61 -21.58 1.49 -29.52
C GLY D 61 -21.38 1.93 -30.95
N GLN D 62 -22.40 2.60 -31.52
CA GLN D 62 -22.24 3.12 -32.87
C GLN D 62 -21.13 4.14 -32.95
N THR D 63 -21.02 5.01 -31.93
CA THR D 63 -19.90 5.95 -31.89
C THR D 63 -18.58 5.20 -31.97
N LEU D 64 -18.44 4.13 -31.19
CA LEU D 64 -17.16 3.40 -31.17
C LEU D 64 -16.83 2.78 -32.52
N VAL D 65 -17.80 2.09 -33.14
CA VAL D 65 -17.47 1.41 -34.39
C VAL D 65 -17.23 2.42 -35.50
N VAL D 66 -17.96 3.52 -35.52
CA VAL D 66 -17.76 4.49 -36.59
C VAL D 66 -16.47 5.30 -36.38
N LEU D 67 -16.05 5.49 -35.12
CA LEU D 67 -14.72 6.04 -34.86
C LEU D 67 -13.67 5.13 -35.47
N ARG D 68 -13.79 3.82 -35.22
CA ARG D 68 -12.85 2.89 -35.84
C ARG D 68 -12.95 2.97 -37.37
N LEU D 69 -14.16 3.13 -37.89
CA LEU D 69 -14.35 3.17 -39.33
C LEU D 69 -13.57 4.33 -39.95
N ILE D 70 -13.79 5.55 -39.46
CA ILE D 70 -13.11 6.67 -40.11
C ILE D 70 -11.62 6.67 -39.79
N SER D 71 -11.23 6.17 -38.62
CA SER D 71 -9.81 6.12 -38.28
C SER D 71 -9.05 5.22 -39.24
N ASP D 72 -9.59 4.03 -39.52
CA ASP D 72 -8.90 3.16 -40.48
C ASP D 72 -9.06 3.65 -41.91
N ARG D 73 -10.26 4.09 -42.31
CA ARG D 73 -10.52 4.48 -43.68
C ARG D 73 -9.66 5.66 -44.12
N TYR D 74 -9.43 6.62 -43.22
CA TYR D 74 -8.70 7.83 -43.59
C TYR D 74 -7.30 7.87 -43.01
N GLY D 75 -6.91 6.87 -42.23
CA GLY D 75 -5.55 6.77 -41.76
C GLY D 75 -5.18 7.72 -40.67
N VAL D 76 -6.10 7.99 -39.75
CA VAL D 76 -5.84 8.90 -38.64
C VAL D 76 -5.91 8.09 -37.36
N PRO D 77 -4.77 7.61 -36.83
CA PRO D 77 -4.82 6.71 -35.67
C PRO D 77 -5.35 7.37 -34.42
N GLU D 78 -5.16 8.68 -34.27
CA GLU D 78 -5.63 9.34 -33.04
C GLU D 78 -7.12 9.13 -32.85
N ILE D 79 -7.89 9.14 -33.94
CA ILE D 79 -9.34 8.99 -33.82
C ILE D 79 -9.70 7.64 -33.22
N ALA D 80 -8.96 6.59 -33.55
CA ALA D 80 -9.29 5.28 -33.00
C ALA D 80 -9.04 5.21 -31.49
N ASN D 81 -8.17 6.07 -30.97
CA ASN D 81 -7.91 6.07 -29.53
C ASN D 81 -9.13 6.51 -28.73
N LEU D 82 -10.09 7.18 -29.37
CA LEU D 82 -11.33 7.55 -28.71
C LEU D 82 -12.32 6.41 -28.65
N ALA D 83 -12.02 5.27 -29.29
CA ALA D 83 -12.98 4.19 -29.45
C ALA D 83 -12.91 3.14 -28.36
N SER D 84 -12.05 3.31 -27.35
CA SER D 84 -11.91 2.32 -26.28
C SER D 84 -11.60 3.04 -24.98
N PHE D 85 -12.24 2.62 -23.88
CA PHE D 85 -11.89 3.17 -22.59
C PHE D 85 -10.40 2.98 -22.26
N GLN D 86 -9.87 1.79 -22.55
CA GLN D 86 -8.47 1.54 -22.24
C GLN D 86 -7.57 2.42 -23.08
N ASP D 87 -7.93 2.60 -24.35
CA ASP D 87 -7.12 3.43 -25.21
C ASP D 87 -7.24 4.91 -24.84
N VAL D 88 -8.42 5.35 -24.40
CA VAL D 88 -8.57 6.74 -23.95
C VAL D 88 -7.72 6.98 -22.70
N LEU D 89 -7.78 6.07 -21.72
CA LEU D 89 -6.94 6.26 -20.56
C LEU D 89 -5.47 6.26 -20.93
N ALA D 90 -5.07 5.50 -21.97
CA ALA D 90 -3.64 5.36 -22.26
C ALA D 90 -3.09 6.40 -23.22
N ASN D 91 -3.92 7.06 -24.01
CA ASN D 91 -3.41 7.95 -25.03
C ASN D 91 -3.91 9.38 -24.91
N VAL D 92 -5.05 9.61 -24.24
CA VAL D 92 -5.58 10.96 -24.13
C VAL D 92 -5.23 11.53 -22.77
N SER D 93 -5.83 10.97 -21.73
CA SER D 93 -5.57 11.37 -20.35
C SER D 93 -6.25 10.37 -19.43
N SER D 94 -5.90 10.47 -18.16
CA SER D 94 -6.47 9.55 -17.17
C SER D 94 -7.79 10.06 -16.60
N SER D 95 -8.36 11.14 -17.15
CA SER D 95 -9.45 11.86 -16.50
C SER D 95 -10.83 11.39 -16.90
N HIS D 96 -10.97 10.22 -17.49
CA HIS D 96 -12.24 9.77 -18.05
C HIS D 96 -12.80 8.64 -17.20
N GLY D 97 -14.11 8.39 -17.35
CA GLY D 97 -14.78 7.31 -16.67
C GLY D 97 -15.06 6.17 -17.64
N GLN D 98 -15.47 5.05 -17.09
CA GLN D 98 -15.83 3.93 -17.93
C GLN D 98 -17.35 3.91 -18.12
N LYS D 99 -17.80 3.29 -19.20
CA LYS D 99 -19.24 3.16 -19.44
C LYS D 99 -19.54 1.73 -19.83
N SER D 100 -19.94 0.91 -18.86
CA SER D 100 -20.31 -0.48 -19.15
C SER D 100 -21.78 -0.67 -19.50
N ASN D 101 -22.66 0.30 -19.19
CA ASN D 101 -24.07 0.07 -19.43
C ASN D 101 -24.83 1.37 -19.46
N PHE D 102 -26.02 1.32 -20.08
CA PHE D 102 -27.05 2.35 -19.93
C PHE D 102 -27.98 1.91 -18.81
N GLY D 103 -28.22 2.79 -17.85
CA GLY D 103 -29.10 2.48 -16.73
C GLY D 103 -30.23 3.48 -16.65
N PHE D 104 -31.43 2.97 -16.38
CA PHE D 104 -32.64 3.79 -16.35
C PHE D 104 -33.45 3.45 -15.12
N PHE D 106 -37.02 4.82 -12.86
CA PHE D 106 -38.22 5.65 -12.81
C PHE D 106 -38.46 6.12 -11.39
N HIS D 107 -38.82 7.39 -11.26
CA HIS D 107 -39.12 8.02 -9.98
C HIS D 107 -40.43 8.73 -10.13
N ARG D 108 -41.25 8.69 -9.08
CA ARG D 108 -42.45 9.51 -9.01
C ARG D 108 -42.37 10.38 -7.77
N ASP D 109 -43.01 11.56 -7.84
CA ASP D 109 -42.87 12.58 -6.81
C ASP D 109 -43.21 11.99 -5.44
N GLY D 110 -42.29 12.16 -4.48
CA GLY D 110 -42.48 11.70 -3.14
C GLY D 110 -42.24 10.22 -2.87
N GLU D 111 -42.02 9.38 -3.87
CA GLU D 111 -41.90 7.95 -3.65
C GLU D 111 -40.50 7.42 -3.86
N GLU D 112 -40.18 6.33 -3.15
CA GLU D 112 -38.98 5.60 -3.48
C GLU D 112 -39.13 5.03 -4.88
N PRO D 113 -38.02 4.80 -5.58
CA PRO D 113 -38.13 4.20 -6.91
C PRO D 113 -38.68 2.77 -6.83
N ASP D 114 -39.55 2.42 -7.77
CA ASP D 114 -40.05 1.07 -7.80
C ASP D 114 -38.99 0.18 -8.44
N PRO D 115 -38.46 -0.81 -7.72
CA PRO D 115 -37.40 -1.65 -8.30
C PRO D 115 -37.82 -2.43 -9.55
N ASN D 116 -39.11 -2.46 -9.88
CA ASN D 116 -39.57 -3.11 -11.10
C ASN D 116 -39.71 -2.17 -12.28
N GLU D 117 -39.30 -0.91 -12.11
CA GLU D 117 -39.40 0.11 -13.13
C GLU D 117 -38.02 0.63 -13.50
N THR D 118 -37.06 -0.28 -13.66
CA THR D 118 -35.71 0.03 -14.09
C THR D 118 -35.39 -0.70 -15.38
N SER D 119 -34.40 -0.19 -16.10
CA SER D 119 -33.93 -0.81 -17.32
C SER D 119 -32.40 -0.75 -17.30
N GLN D 120 -31.77 -1.75 -17.89
CA GLN D 120 -30.34 -1.68 -18.05
C GLN D 120 -29.96 -2.38 -19.33
N PHE D 121 -29.10 -1.75 -20.10
CA PHE D 121 -28.53 -2.34 -21.31
C PHE D 121 -27.02 -2.32 -21.18
N ARG D 122 -26.43 -3.50 -20.92
CA ARG D 122 -24.99 -3.62 -20.91
C ARG D 122 -24.48 -3.62 -22.34
N ILE D 123 -23.44 -2.85 -22.61
CA ILE D 123 -22.96 -2.76 -23.99
C ILE D 123 -22.20 -4.03 -24.31
N PRO D 124 -22.48 -4.67 -25.45
CA PRO D 124 -21.77 -5.92 -25.79
C PRO D 124 -20.29 -5.67 -26.01
N SER D 125 -19.46 -6.62 -25.57
CA SER D 125 -18.02 -6.42 -25.66
C SER D 125 -17.57 -6.35 -27.11
N ILE D 126 -18.29 -7.00 -28.03
CA ILE D 126 -17.85 -7.04 -29.41
C ILE D 126 -17.74 -5.65 -30.02
N VAL D 127 -18.67 -4.75 -29.68
CA VAL D 127 -18.63 -3.42 -30.30
C VAL D 127 -17.53 -2.55 -29.69
N GLY D 128 -17.08 -2.86 -28.49
CA GLY D 128 -16.03 -2.09 -27.86
C GLY D 128 -16.37 -1.69 -26.45
N ASN D 129 -15.39 -1.06 -25.79
CA ASN D 129 -15.52 -0.58 -24.43
C ASN D 129 -15.77 0.93 -24.46
N ALA D 130 -16.92 1.35 -23.94
CA ALA D 130 -17.33 2.73 -24.02
C ALA D 130 -16.82 3.49 -22.80
N ALA D 131 -16.89 4.81 -22.90
CA ALA D 131 -16.24 5.66 -21.92
C ALA D 131 -17.12 6.86 -21.63
N HIS D 132 -16.87 7.46 -20.47
CA HIS D 132 -17.36 8.76 -20.07
C HIS D 132 -16.26 9.76 -20.41
N PHE D 133 -16.46 10.49 -21.50
CA PHE D 133 -15.49 11.45 -22.00
C PHE D 133 -15.49 12.69 -21.14
N PHE D 134 -14.34 13.01 -20.56
CA PHE D 134 -14.08 14.31 -19.98
C PHE D 134 -13.66 15.17 -21.18
N ARG D 135 -14.65 15.89 -21.74
CA ARG D 135 -14.46 16.46 -23.06
C ARG D 135 -13.36 17.52 -23.09
N GLN D 136 -13.16 18.27 -22.02
CA GLN D 136 -11.97 19.14 -21.98
C GLN D 136 -10.73 18.40 -22.48
N ASP D 137 -10.50 17.15 -22.01
CA ASP D 137 -9.26 16.47 -22.37
C ASP D 137 -9.33 15.78 -23.73
N THR D 138 -10.47 15.19 -24.10
CA THR D 138 -10.57 14.63 -25.46
C THR D 138 -10.45 15.74 -26.51
N ASP D 139 -11.09 16.88 -26.27
CA ASP D 139 -11.07 17.95 -27.25
C ASP D 139 -9.69 18.60 -27.32
N SER D 140 -9.02 18.79 -26.17
CA SER D 140 -7.64 19.22 -26.25
C SER D 140 -6.78 18.25 -27.06
N TYR D 141 -6.92 16.95 -26.78
CA TYR D 141 -6.12 15.93 -27.46
C TYR D 141 -6.28 16.01 -28.98
N PHE D 143 -7.40 18.56 -30.77
CA PHE D 143 -6.87 19.83 -31.27
C PHE D 143 -5.36 19.74 -31.43
N HIS D 144 -4.69 19.17 -30.43
CA HIS D 144 -3.25 19.03 -30.53
C HIS D 144 -2.88 18.19 -31.75
N ALA D 145 -3.62 17.10 -31.99
CA ALA D 145 -3.34 16.26 -33.14
C ALA D 145 -3.52 17.02 -34.45
N ALA D 146 -4.59 17.80 -34.56
CA ALA D 146 -4.84 18.53 -35.80
C ALA D 146 -3.72 19.52 -36.07
N VAL D 147 -3.32 20.28 -35.06
CA VAL D 147 -2.24 21.24 -35.26
C VAL D 147 -0.97 20.50 -35.64
N ARG D 148 -0.74 19.32 -35.05
CA ARG D 148 0.44 18.52 -35.37
C ARG D 148 0.44 18.03 -36.82
N TYR D 149 -0.74 17.73 -37.38
CA TYR D 149 -0.81 17.29 -38.76
C TYR D 149 -0.59 18.43 -39.72
N GLY D 150 -0.59 19.66 -39.25
CA GLY D 150 -0.34 20.76 -40.15
C GLY D 150 -1.40 21.84 -40.11
N CYS D 151 -2.51 21.57 -39.42
CA CYS D 151 -3.58 22.55 -39.36
C CYS D 151 -3.08 23.85 -38.73
N ASP D 152 -3.48 24.98 -39.30
CA ASP D 152 -3.28 26.23 -38.60
C ASP D 152 -4.51 26.52 -37.74
N ALA D 153 -4.30 27.31 -36.69
CA ALA D 153 -5.38 27.52 -35.74
C ALA D 153 -5.36 28.95 -35.25
N ARG D 154 -6.56 29.52 -35.16
CA ARG D 154 -6.77 30.82 -34.55
C ARG D 154 -7.85 30.65 -33.51
N GLN D 155 -7.48 30.77 -32.24
CA GLN D 155 -8.42 30.69 -31.13
C GLN D 155 -8.73 32.09 -30.65
N TYR D 156 -9.78 32.18 -29.82
CA TYR D 156 -10.33 33.48 -29.40
C TYR D 156 -10.65 34.36 -30.62
N TYR D 157 -11.15 33.74 -31.68
CA TYR D 157 -11.41 34.41 -32.96
C TYR D 157 -12.92 34.49 -33.17
N ARG D 158 -13.48 35.69 -33.16
CA ARG D 158 -14.91 35.89 -33.35
C ARG D 158 -15.16 36.20 -34.82
N VAL D 159 -15.93 35.35 -35.49
CA VAL D 159 -16.27 35.57 -36.89
C VAL D 159 -17.38 36.61 -36.97
N GLU D 160 -17.09 37.70 -37.71
CA GLU D 160 -17.95 38.85 -37.98
C GLU D 160 -18.70 38.71 -39.28
N ASN D 161 -18.07 38.10 -40.29
CA ASN D 161 -18.68 38.04 -41.62
C ASN D 161 -18.13 36.88 -42.44
N ILE D 162 -19.02 36.25 -43.20
CA ILE D 162 -18.66 35.22 -44.18
C ILE D 162 -19.15 35.68 -45.54
N GLU D 163 -18.28 35.62 -46.55
CA GLU D 163 -18.69 36.02 -47.90
C GLU D 163 -18.21 35.03 -48.95
N PHE D 164 -19.15 34.61 -49.81
CA PHE D 164 -18.87 33.66 -50.87
C PHE D 164 -18.80 34.38 -52.21
N ASP D 165 -17.89 33.93 -53.06
CA ASP D 165 -17.80 34.33 -54.45
C ASP D 165 -17.49 33.09 -55.29
N ASP D 166 -17.10 33.31 -56.54
CA ASP D 166 -16.92 32.19 -57.45
C ASP D 166 -15.56 31.52 -57.30
N GLY D 167 -14.61 32.16 -56.63
CA GLY D 167 -13.28 31.58 -56.45
C GLY D 167 -13.06 30.95 -55.08
N GLY D 168 -13.91 31.30 -54.11
CA GLY D 168 -13.77 30.76 -52.76
C GLY D 168 -14.61 31.50 -51.74
N VAL D 169 -14.10 31.59 -50.51
CA VAL D 169 -14.81 32.17 -49.37
C VAL D 169 -13.83 33.01 -48.58
N THR D 170 -14.34 34.13 -48.05
CA THR D 170 -13.60 35.07 -47.22
C THR D 170 -14.28 35.21 -45.87
N VAL D 171 -13.52 34.92 -44.81
CA VAL D 171 -13.97 35.05 -43.43
C VAL D 171 -13.32 36.29 -42.84
N SER D 172 -14.14 37.14 -42.23
CA SER D 172 -13.67 38.35 -41.59
C SER D 172 -13.96 38.23 -40.11
N GLY D 173 -12.94 38.51 -39.28
CA GLY D 173 -13.04 38.37 -37.85
C GLY D 173 -13.12 39.71 -37.15
N ALA D 174 -13.44 39.65 -35.84
CA ALA D 174 -13.61 40.89 -35.07
C ALA D 174 -12.33 41.71 -35.02
N ASP D 175 -11.17 41.06 -35.06
CA ASP D 175 -9.92 41.78 -35.04
C ASP D 175 -9.62 42.47 -36.39
N GLY D 176 -10.49 42.37 -37.40
CA GLY D 176 -10.23 43.01 -38.66
C GLY D 176 -9.36 42.21 -39.62
N SER D 177 -8.96 41.00 -39.25
CA SER D 177 -8.17 40.19 -40.16
C SER D 177 -9.10 39.45 -41.13
N THR D 178 -8.49 38.67 -42.03
CA THR D 178 -9.16 38.01 -43.13
C THR D 178 -8.55 36.63 -43.31
N VAL D 179 -9.41 35.63 -43.52
CA VAL D 179 -8.99 34.30 -43.93
C VAL D 179 -9.63 33.99 -45.27
N ARG D 180 -8.84 33.53 -46.23
CA ARG D 180 -9.34 33.18 -47.54
C ARG D 180 -9.19 31.68 -47.73
N ALA D 181 -10.24 31.02 -48.22
CA ALA D 181 -10.15 29.58 -48.44
C ALA D 181 -11.01 29.14 -49.62
N ARG D 182 -10.81 27.88 -50.02
CA ARG D 182 -11.57 27.27 -51.10
C ARG D 182 -12.87 26.63 -50.64
N TYR D 183 -12.97 26.22 -49.38
CA TYR D 183 -14.19 25.59 -48.86
C TYR D 183 -14.36 26.03 -47.41
N LEU D 184 -15.60 26.10 -46.97
CA LEU D 184 -15.88 26.42 -45.57
C LEU D 184 -16.74 25.32 -44.94
N VAL D 185 -16.30 24.82 -43.79
CA VAL D 185 -17.11 23.91 -42.98
C VAL D 185 -17.36 24.59 -41.65
N ASP D 186 -18.62 24.83 -41.33
CA ASP D 186 -18.97 25.36 -40.02
C ASP D 186 -19.36 24.19 -39.12
N ALA D 187 -18.53 23.91 -38.13
CA ALA D 187 -18.80 22.80 -37.23
C ALA D 187 -18.88 23.28 -35.79
N SER D 188 -19.33 24.53 -35.57
CA SER D 188 -19.40 25.02 -34.20
C SER D 188 -20.74 24.58 -33.60
N GLY D 189 -21.68 25.49 -33.37
CA GLY D 189 -22.89 25.08 -32.68
C GLY D 189 -24.07 25.99 -32.90
N PHE D 190 -24.86 26.22 -31.85
CA PHE D 190 -26.06 27.04 -32.03
C PHE D 190 -25.74 28.40 -32.63
N ARG D 191 -24.65 29.02 -32.20
CA ARG D 191 -24.30 30.36 -32.65
C ARG D 191 -23.53 30.36 -33.95
N SER D 192 -23.73 29.36 -34.78
CA SER D 192 -23.02 29.19 -36.04
C SER D 192 -23.05 30.49 -36.84
N PRO D 193 -21.88 31.10 -37.12
CA PRO D 193 -21.86 32.29 -37.96
C PRO D 193 -22.30 32.03 -39.39
N LEU D 194 -22.08 30.82 -39.93
CA LEU D 194 -22.55 30.49 -41.26
C LEU D 194 -24.08 30.44 -41.32
N ALA D 195 -24.69 29.78 -40.35
CA ALA D 195 -26.16 29.76 -40.28
C ALA D 195 -26.72 31.16 -40.08
N ARG D 196 -26.04 32.00 -39.30
CA ARG D 196 -26.55 33.34 -39.10
C ARG D 196 -26.47 34.15 -40.40
N GLN D 197 -25.34 34.05 -41.11
CA GLN D 197 -25.12 34.85 -42.32
C GLN D 197 -26.15 34.51 -43.39
N LEU D 198 -26.40 33.22 -43.60
CA LEU D 198 -27.22 32.73 -44.69
C LEU D 198 -28.67 32.45 -44.28
N GLY D 199 -29.05 32.81 -43.06
CA GLY D 199 -30.37 32.52 -42.53
C GLY D 199 -30.80 31.08 -42.67
N LEU D 200 -29.94 30.12 -42.29
CA LEU D 200 -30.25 28.71 -42.51
C LEU D 200 -31.12 28.13 -41.40
N ARG D 201 -31.17 28.79 -40.24
CA ARG D 201 -31.94 28.33 -39.09
C ARG D 201 -33.46 28.40 -39.36
N GLU D 202 -34.17 27.29 -39.09
CA GLU D 202 -35.61 27.14 -39.30
C GLU D 202 -36.36 27.79 -38.15
N GLU D 203 -37.27 28.71 -38.42
CA GLU D 203 -37.89 29.44 -37.28
C GLU D 203 -39.37 29.67 -37.52
N PRO D 204 -40.28 28.82 -36.96
CA PRO D 204 -39.95 27.85 -35.86
C PRO D 204 -39.30 26.52 -36.33
N SER D 205 -38.71 25.78 -35.37
CA SER D 205 -38.06 24.51 -35.71
C SER D 205 -39.08 23.45 -36.14
N ARG D 206 -38.66 22.60 -37.07
CA ARG D 206 -39.51 21.48 -37.47
C ARG D 206 -39.58 20.36 -36.43
N LEU D 207 -38.80 20.45 -35.36
CA LEU D 207 -38.59 19.33 -34.44
C LEU D 207 -39.75 19.13 -33.47
N LYS D 208 -40.03 17.86 -33.14
CA LYS D 208 -41.09 17.53 -32.20
C LYS D 208 -40.62 17.43 -30.75
N HIS D 209 -39.32 17.25 -30.50
CA HIS D 209 -38.84 17.15 -29.12
C HIS D 209 -38.68 18.54 -28.51
N HIS D 210 -39.13 18.68 -27.27
CA HIS D 210 -39.02 19.92 -26.52
C HIS D 210 -38.30 19.59 -25.22
N ALA D 211 -37.15 20.23 -24.99
CA ALA D 211 -36.53 20.13 -23.67
C ALA D 211 -35.53 21.26 -23.48
N ARG D 212 -35.53 21.83 -22.29
CA ARG D 212 -34.53 22.75 -21.77
C ARG D 212 -33.69 22.03 -20.73
N SER D 213 -32.60 22.68 -20.29
CA SER D 213 -31.57 21.97 -19.53
C SER D 213 -31.05 22.81 -18.36
N ILE D 214 -30.63 22.09 -17.32
CA ILE D 214 -29.79 22.65 -16.24
C ILE D 214 -28.71 21.62 -15.93
N PHE D 215 -27.43 22.02 -16.01
CA PHE D 215 -26.36 21.04 -15.84
C PHE D 215 -25.09 21.66 -15.26
N THR D 216 -24.24 20.80 -14.72
CA THR D 216 -22.99 21.20 -14.09
C THR D 216 -22.10 19.96 -13.95
N HIS D 217 -20.87 20.16 -13.47
CA HIS D 217 -20.03 19.10 -12.94
C HIS D 217 -19.95 19.21 -11.42
N VAL D 219 -18.52 17.43 -7.51
CA VAL D 219 -17.66 16.54 -6.76
C VAL D 219 -18.46 15.99 -5.58
N GLY D 220 -18.21 14.74 -5.23
CA GLY D 220 -18.89 14.18 -4.08
C GLY D 220 -20.21 13.50 -4.38
N VAL D 221 -20.46 13.11 -5.62
CA VAL D 221 -21.65 12.33 -5.96
C VAL D 221 -21.41 10.87 -5.58
N ASP D 222 -22.39 10.25 -4.90
CA ASP D 222 -22.29 8.84 -4.57
C ASP D 222 -22.89 7.97 -5.68
N ALA D 223 -22.65 6.68 -5.61
CA ALA D 223 -23.26 5.74 -6.55
C ALA D 223 -24.70 5.45 -6.13
N ILE D 224 -25.62 5.45 -7.11
CA ILE D 224 -27.02 5.19 -6.77
C ILE D 224 -27.18 3.79 -6.17
N ASP D 225 -26.26 2.86 -6.48
CA ASP D 225 -26.37 1.49 -5.94
C ASP D 225 -26.40 1.49 -4.42
N ASP D 226 -25.73 2.44 -3.77
CA ASP D 226 -25.59 2.48 -2.31
C ASP D 226 -26.73 3.22 -1.62
N HIS D 227 -27.73 3.67 -2.38
CA HIS D 227 -28.80 4.49 -1.80
C HIS D 227 -30.18 3.98 -2.15
N VAL D 228 -30.29 2.83 -2.78
CA VAL D 228 -31.60 2.23 -3.00
C VAL D 228 -31.74 0.92 -2.24
N ASP D 229 -32.98 0.74 -1.73
CA ASP D 229 -33.41 -0.52 -1.07
C ASP D 229 -34.07 -1.36 -2.14
N THR D 230 -33.32 -2.22 -2.78
CA THR D 230 -33.57 -3.11 -3.86
C THR D 230 -33.32 -4.55 -3.41
N PRO D 231 -34.32 -5.42 -3.55
CA PRO D 231 -34.14 -6.87 -3.33
C PRO D 231 -33.04 -7.45 -4.22
N ALA D 232 -32.26 -8.36 -3.65
CA ALA D 232 -31.08 -8.88 -4.34
C ALA D 232 -31.42 -9.46 -5.72
N GLU D 233 -32.56 -10.10 -5.88
CA GLU D 233 -32.87 -10.66 -7.20
C GLU D 233 -33.32 -9.59 -8.21
N LEU D 234 -33.55 -8.36 -7.77
CA LEU D 234 -33.91 -7.26 -8.65
C LEU D 234 -32.76 -6.27 -8.89
N ARG D 235 -31.58 -6.54 -8.35
CA ARG D 235 -30.39 -5.73 -8.55
C ARG D 235 -29.77 -6.01 -9.92
N PRO D 236 -29.22 -5.00 -10.58
CA PRO D 236 -28.78 -5.18 -11.98
C PRO D 236 -27.55 -6.05 -12.08
N PRO D 237 -27.35 -6.74 -13.22
CA PRO D 237 -26.15 -7.56 -13.41
C PRO D 237 -24.84 -6.80 -13.33
N VAL D 238 -24.78 -5.56 -13.81
CA VAL D 238 -23.58 -4.72 -13.62
C VAL D 238 -23.98 -3.49 -12.82
N PRO D 239 -23.09 -2.90 -12.05
CA PRO D 239 -23.48 -1.78 -11.20
C PRO D 239 -24.06 -0.61 -11.98
N TRP D 240 -25.03 0.06 -11.38
CA TRP D 240 -25.59 1.24 -12.00
C TRP D 240 -24.50 2.27 -12.27
N ASN D 241 -23.63 2.50 -11.28
CA ASN D 241 -22.59 3.52 -11.33
C ASN D 241 -21.48 3.24 -12.35
N ASP D 242 -21.41 2.03 -12.92
CA ASP D 242 -20.42 1.68 -13.92
C ASP D 242 -20.82 2.13 -15.32
N GLY D 243 -21.95 2.81 -15.45
CA GLY D 243 -22.34 3.34 -16.74
C GLY D 243 -23.07 4.65 -16.57
N THR D 244 -23.85 5.03 -17.58
CA THR D 244 -24.59 6.27 -17.55
C THR D 244 -25.97 6.03 -16.95
N HIS D 246 -29.78 7.20 -16.04
CA HIS D 246 -30.89 8.08 -16.40
C HIS D 246 -31.94 7.96 -15.30
N HIS D 247 -32.14 9.02 -14.53
CA HIS D 247 -33.26 9.11 -13.60
C HIS D 247 -34.45 9.69 -14.37
N ILE D 248 -35.45 8.87 -14.61
CA ILE D 248 -36.57 9.19 -15.47
C ILE D 248 -37.76 9.67 -14.66
N PHE D 249 -38.42 10.70 -15.14
CA PHE D 249 -39.64 11.15 -14.52
C PHE D 249 -40.51 11.75 -15.61
N GLU D 250 -41.71 12.17 -15.25
CA GLU D 250 -42.65 12.65 -16.26
C GLU D 250 -42.06 13.85 -17.03
N ARG D 251 -41.96 13.70 -18.35
CA ARG D 251 -41.51 14.73 -19.28
C ARG D 251 -40.13 15.29 -18.92
N GLY D 252 -39.26 14.43 -18.40
CA GLY D 252 -37.93 14.88 -18.05
C GLY D 252 -37.07 13.71 -17.64
N TRP D 253 -35.77 13.98 -17.57
CA TRP D 253 -34.88 12.95 -17.07
C TRP D 253 -33.62 13.63 -16.58
N TRP D 255 -29.35 12.98 -15.67
CA TRP D 255 -28.20 12.12 -15.95
C TRP D 255 -27.16 12.24 -14.86
N ILE D 256 -26.51 11.13 -14.57
CA ILE D 256 -25.38 11.03 -13.66
C ILE D 256 -24.28 10.35 -14.45
N ILE D 257 -23.21 11.08 -14.72
CA ILE D 257 -22.14 10.52 -15.54
C ILE D 257 -20.84 10.62 -14.75
N PRO D 258 -20.46 9.58 -13.99
CA PRO D 258 -19.23 9.64 -13.18
C PRO D 258 -17.99 9.55 -14.04
N PHE D 259 -16.96 10.27 -13.64
CA PHE D 259 -15.64 10.12 -14.23
C PHE D 259 -14.73 9.28 -13.36
N ASN D 260 -15.18 8.88 -12.17
CA ASN D 260 -14.36 8.18 -11.21
C ASN D 260 -14.90 6.79 -10.89
N ASN D 261 -15.66 6.19 -11.78
CA ASN D 261 -16.28 4.89 -11.54
C ASN D 261 -15.35 3.74 -11.89
N HIS D 262 -14.06 3.83 -11.58
CA HIS D 262 -13.15 2.72 -11.80
C HIS D 262 -12.01 2.84 -10.81
N PRO D 263 -11.28 1.75 -10.58
CA PRO D 263 -10.29 1.76 -9.48
C PRO D 263 -9.15 2.74 -9.77
N GLY D 264 -8.87 3.60 -8.79
CA GLY D 264 -7.76 4.51 -8.92
C GLY D 264 -7.96 5.65 -9.89
N ALA D 265 -9.22 5.97 -10.22
CA ALA D 265 -9.50 7.05 -11.16
C ALA D 265 -9.01 8.36 -10.57
N THR D 266 -8.43 9.21 -11.42
CA THR D 266 -7.86 10.47 -10.95
C THR D 266 -8.84 11.63 -10.99
N ASN D 267 -9.93 11.52 -11.77
CA ASN D 267 -10.90 12.61 -11.91
C ASN D 267 -12.05 12.38 -10.94
N PRO D 268 -12.18 13.17 -9.87
CA PRO D 268 -13.26 12.95 -8.88
C PRO D 268 -14.61 13.49 -9.29
N LEU D 269 -14.71 14.03 -10.49
CA LEU D 269 -15.89 14.76 -10.91
C LEU D 269 -16.95 13.83 -11.47
N CYS D 270 -18.16 14.38 -11.57
CA CYS D 270 -19.31 13.68 -12.12
C CYS D 270 -20.18 14.70 -12.84
N SER D 271 -20.54 14.41 -14.09
CA SER D 271 -21.41 15.31 -14.83
C SER D 271 -22.85 15.04 -14.42
N VAL D 272 -23.59 16.09 -14.10
CA VAL D 272 -24.95 15.97 -13.62
C VAL D 272 -25.83 16.98 -14.34
N GLY D 273 -26.97 16.54 -14.86
CA GLY D 273 -27.85 17.47 -15.51
C GLY D 273 -29.27 16.96 -15.55
N ILE D 274 -30.20 17.88 -15.84
CA ILE D 274 -31.60 17.56 -15.94
C ILE D 274 -32.16 18.20 -17.22
N GLN D 275 -32.94 17.41 -17.97
CA GLN D 275 -33.66 17.82 -19.16
C GLN D 275 -35.13 17.88 -18.83
N LEU D 276 -35.79 18.98 -19.23
CA LEU D 276 -37.19 19.24 -18.90
C LEU D 276 -37.95 19.70 -20.12
N ASP D 277 -39.07 19.03 -20.44
CA ASP D 277 -40.02 19.54 -21.41
C ASP D 277 -40.56 20.89 -20.93
N GLU D 278 -40.21 21.98 -21.61
CA GLU D 278 -40.58 23.29 -21.08
C GLU D 278 -42.07 23.55 -21.23
N ARG D 279 -42.76 22.77 -22.07
CA ARG D 279 -44.21 22.86 -22.10
C ARG D 279 -44.82 22.34 -20.81
N ARG D 280 -44.20 21.36 -20.17
CA ARG D 280 -44.69 20.88 -18.88
C ARG D 280 -44.02 21.55 -17.70
N TYR D 281 -42.80 22.07 -17.88
CA TYR D 281 -42.07 22.72 -16.81
C TYR D 281 -41.64 24.10 -17.28
N PRO D 282 -42.52 25.10 -17.19
CA PRO D 282 -42.16 26.43 -17.67
C PRO D 282 -41.03 27.03 -16.83
N ALA D 283 -40.41 28.06 -17.41
CA ALA D 283 -39.26 28.68 -16.76
C ALA D 283 -39.64 29.27 -15.40
N ARG D 284 -38.69 29.22 -14.47
CA ARG D 284 -38.82 29.82 -13.15
C ARG D 284 -37.65 30.81 -13.02
N PRO D 285 -37.70 31.93 -13.74
CA PRO D 285 -36.58 32.90 -13.68
C PRO D 285 -36.33 33.49 -12.30
N ASP D 286 -37.29 33.38 -11.36
CA ASP D 286 -37.07 33.89 -10.02
C ASP D 286 -36.09 33.04 -9.22
N LEU D 287 -35.82 31.81 -9.65
CA LEU D 287 -34.91 30.92 -8.94
C LEU D 287 -33.56 30.92 -9.64
N THR D 288 -32.49 30.67 -8.88
CA THR D 288 -31.21 30.45 -9.53
C THR D 288 -31.19 29.07 -10.19
N PRO D 289 -30.36 28.89 -11.22
CA PRO D 289 -30.23 27.55 -11.81
C PRO D 289 -29.99 26.47 -10.79
N GLU D 290 -29.09 26.70 -9.83
CA GLU D 290 -28.88 25.71 -8.78
C GLU D 290 -30.16 25.45 -7.99
N GLU D 291 -30.88 26.51 -7.65
CA GLU D 291 -32.11 26.36 -6.88
C GLU D 291 -33.14 25.56 -7.66
N GLU D 292 -33.26 25.83 -8.96
CA GLU D 292 -34.20 25.05 -9.77
C GLU D 292 -33.79 23.58 -9.84
N PHE D 293 -32.50 23.34 -10.10
CA PHE D 293 -32.02 21.96 -10.15
C PHE D 293 -32.42 21.22 -8.88
N TRP D 294 -32.12 21.81 -7.71
CA TRP D 294 -32.41 21.12 -6.46
C TRP D 294 -33.91 21.02 -6.21
N SER D 295 -34.68 21.99 -6.71
CA SER D 295 -36.13 21.91 -6.59
C SER D 295 -36.63 20.65 -7.25
N HIS D 296 -36.01 20.27 -8.36
CA HIS D 296 -36.40 18.99 -8.96
C HIS D 296 -35.80 17.80 -8.22
N VAL D 297 -34.55 17.89 -7.80
CA VAL D 297 -33.96 16.80 -7.03
C VAL D 297 -34.81 16.45 -5.81
N ASP D 298 -35.40 17.47 -5.19
CA ASP D 298 -36.12 17.23 -3.94
C ASP D 298 -37.41 16.45 -4.14
N ARG D 299 -37.95 16.42 -5.37
CA ARG D 299 -39.10 15.58 -5.70
C ARG D 299 -38.85 14.10 -5.51
N PHE D 300 -37.60 13.66 -5.57
CA PHE D 300 -37.30 12.22 -5.64
C PHE D 300 -36.32 11.80 -4.56
N PRO D 301 -36.79 11.13 -3.52
CA PRO D 301 -35.92 10.89 -2.34
C PRO D 301 -34.65 10.10 -2.62
N ALA D 302 -34.66 9.16 -3.56
CA ALA D 302 -33.46 8.39 -3.85
C ALA D 302 -32.38 9.26 -4.51
N VAL D 303 -32.78 10.08 -5.48
CA VAL D 303 -31.84 11.01 -6.09
C VAL D 303 -31.30 11.96 -5.03
N GLN D 304 -32.18 12.44 -4.16
CA GLN D 304 -31.79 13.29 -3.04
C GLN D 304 -30.72 12.63 -2.17
N ARG D 305 -30.87 11.35 -1.87
CA ARG D 305 -29.85 10.65 -1.09
C ARG D 305 -28.55 10.50 -1.88
N GLN D 306 -28.64 10.24 -3.19
CA GLN D 306 -27.44 10.08 -4.00
C GLN D 306 -26.63 11.38 -4.11
N LEU D 307 -27.30 12.54 -4.03
CA LEU D 307 -26.67 13.84 -4.27
C LEU D 307 -26.47 14.65 -3.00
N LYS D 308 -26.65 14.04 -1.83
CA LYS D 308 -26.71 14.82 -0.58
C LYS D 308 -25.41 15.60 -0.38
N GLY D 309 -24.27 14.93 -0.45
CA GLY D 309 -23.02 15.62 -0.24
C GLY D 309 -22.33 16.17 -1.48
N ALA D 310 -23.06 16.30 -2.59
CA ALA D 310 -22.45 16.71 -3.84
C ALA D 310 -22.44 18.24 -3.94
N ARG D 311 -21.34 18.78 -4.46
CA ARG D 311 -21.19 20.22 -4.58
C ARG D 311 -20.69 20.53 -5.99
N SER D 312 -21.33 21.52 -6.61
CA SER D 312 -21.01 21.91 -7.98
C SER D 312 -19.66 22.58 -8.04
N VAL D 313 -18.88 22.29 -9.08
CA VAL D 313 -17.59 22.92 -9.26
C VAL D 313 -17.56 23.85 -10.47
N ARG D 314 -18.71 24.05 -11.12
CA ARG D 314 -18.81 24.94 -12.26
C ARG D 314 -19.96 25.90 -12.05
N GLU D 315 -19.95 26.98 -12.83
CA GLU D 315 -21.11 27.86 -12.85
C GLU D 315 -22.26 27.09 -13.50
N TRP D 316 -23.42 27.07 -12.85
CA TRP D 316 -24.54 26.36 -13.43
C TRP D 316 -24.92 26.98 -14.78
N VAL D 317 -25.29 26.10 -15.73
CA VAL D 317 -25.81 26.51 -17.02
C VAL D 317 -27.30 26.19 -17.06
N ARG D 318 -28.10 27.20 -17.40
CA ARG D 318 -29.54 27.04 -17.61
C ARG D 318 -29.91 27.56 -18.99
N THR D 319 -30.62 26.75 -19.76
CA THR D 319 -30.97 27.05 -21.13
C THR D 319 -32.47 27.29 -21.30
N ASP D 320 -32.83 27.77 -22.48
CA ASP D 320 -34.21 27.73 -22.94
C ASP D 320 -34.40 26.41 -23.67
N ARG D 321 -35.47 26.25 -24.44
CA ARG D 321 -35.60 25.08 -25.29
C ARG D 321 -34.36 24.94 -26.18
N GLN D 323 -33.70 22.64 -28.81
CA GLN D 323 -33.75 22.05 -30.14
C GLN D 323 -33.74 23.14 -31.21
N TYR D 324 -32.97 22.87 -32.27
CA TYR D 324 -32.93 23.78 -33.40
C TYR D 324 -32.56 22.97 -34.64
N SER D 325 -32.89 23.52 -35.80
CA SER D 325 -32.69 22.81 -37.06
C SER D 325 -32.50 23.83 -38.16
N SER D 326 -32.03 23.33 -39.32
CA SER D 326 -31.68 24.16 -40.46
C SER D 326 -32.40 23.71 -41.74
N SER D 327 -32.66 24.69 -42.62
CA SER D 327 -33.38 24.40 -43.87
C SER D 327 -32.48 23.77 -44.94
N ARG D 328 -31.22 24.22 -45.02
CA ARG D 328 -30.23 23.63 -45.91
C ARG D 328 -28.98 23.34 -45.09
N THR D 329 -28.20 22.35 -45.53
CA THR D 329 -26.98 21.95 -44.86
C THR D 329 -25.74 22.06 -45.71
N VAL D 330 -25.84 21.90 -47.02
CA VAL D 330 -24.70 22.09 -47.90
C VAL D 330 -25.04 23.20 -48.89
N GLY D 331 -23.99 23.84 -49.37
CA GLY D 331 -24.11 24.88 -50.36
C GLY D 331 -22.92 24.93 -51.28
N GLU D 332 -22.93 25.97 -52.10
CA GLU D 332 -21.85 26.29 -53.02
C GLU D 332 -20.65 26.67 -52.17
N ARG D 333 -19.69 25.73 -52.04
CA ARG D 333 -18.45 25.93 -51.29
C ARG D 333 -18.64 26.02 -49.76
N TRP D 334 -19.72 25.45 -49.19
CA TRP D 334 -19.87 25.44 -47.74
C TRP D 334 -20.68 24.25 -47.26
N CYS D 335 -20.48 23.92 -45.99
CA CYS D 335 -21.19 22.83 -45.33
C CYS D 335 -21.50 23.20 -43.88
N LEU D 336 -22.79 23.13 -43.51
CA LEU D 336 -23.25 23.28 -42.13
C LEU D 336 -23.27 21.91 -41.48
N SER D 338 -22.94 18.89 -38.21
CA SER D 338 -23.33 18.44 -36.88
C SER D 338 -24.14 19.47 -36.09
N HIS D 339 -23.60 19.93 -34.96
CA HIS D 339 -24.33 20.82 -34.08
C HIS D 339 -24.49 22.23 -34.65
N ALA D 340 -23.77 22.57 -35.71
CA ALA D 340 -24.06 23.84 -36.36
C ALA D 340 -25.38 23.77 -37.12
N ALA D 341 -25.78 22.57 -37.52
CA ALA D 341 -27.01 22.32 -38.23
C ALA D 341 -28.19 22.08 -37.31
N GLY D 342 -28.00 21.30 -36.24
CA GLY D 342 -29.13 20.98 -35.40
C GLY D 342 -28.72 20.28 -34.12
N PHE D 343 -29.69 20.19 -33.22
CA PHE D 343 -29.50 19.52 -31.94
C PHE D 343 -30.83 18.99 -31.43
N ILE D 344 -30.80 17.79 -30.85
CA ILE D 344 -31.99 17.18 -30.28
C ILE D 344 -31.92 17.17 -28.75
N ASP D 345 -31.03 16.33 -28.19
CA ASP D 345 -30.98 16.10 -26.75
C ASP D 345 -29.73 15.31 -26.38
N PRO D 346 -29.19 15.42 -25.16
CA PRO D 346 -28.11 14.49 -24.76
C PRO D 346 -28.56 13.03 -24.64
N LEU D 347 -29.87 12.78 -24.61
CA LEU D 347 -30.40 11.44 -24.38
C LEU D 347 -29.97 10.48 -25.48
N PHE D 348 -29.39 9.34 -25.07
CA PHE D 348 -28.88 8.27 -25.92
C PHE D 348 -27.58 8.67 -26.60
N SER D 349 -27.03 9.85 -26.31
CA SER D 349 -25.70 10.23 -26.76
C SER D 349 -25.56 10.09 -28.26
N ARG D 350 -26.59 10.53 -28.97
CA ARG D 350 -26.58 10.38 -30.41
C ARG D 350 -25.69 11.40 -31.08
N GLY D 351 -25.54 12.57 -30.46
CA GLY D 351 -24.90 13.69 -31.13
C GLY D 351 -23.53 13.35 -31.66
N LEU D 352 -22.66 12.82 -30.78
CA LEU D 352 -21.30 12.52 -31.21
C LEU D 352 -21.31 11.52 -32.35
N SER D 353 -22.16 10.49 -32.25
CA SER D 353 -22.28 9.50 -33.31
C SER D 353 -22.72 10.16 -34.62
N ASN D 354 -23.71 11.06 -34.54
CA ASN D 354 -24.12 11.77 -35.74
C ASN D 354 -22.93 12.49 -36.34
N THR D 355 -22.12 13.13 -35.48
CA THR D 355 -20.92 13.83 -35.93
C THR D 355 -20.05 12.90 -36.75
N CYS D 356 -19.80 11.71 -36.21
CA CYS D 356 -18.90 10.80 -36.90
C CYS D 356 -19.46 10.42 -38.25
N GLU D 357 -20.77 10.14 -38.33
CA GLU D 357 -21.35 9.75 -39.61
C GLU D 357 -21.14 10.82 -40.65
N ILE D 358 -21.36 12.09 -40.27
CA ILE D 358 -21.20 13.15 -41.26
C ILE D 358 -19.74 13.22 -41.70
N ILE D 359 -18.81 13.11 -40.75
CA ILE D 359 -17.41 13.21 -41.12
C ILE D 359 -17.02 12.08 -42.05
N ASN D 360 -17.55 10.89 -41.80
CA ASN D 360 -17.22 9.79 -42.69
C ASN D 360 -17.76 10.02 -44.10
N ALA D 361 -18.94 10.63 -44.20
CA ALA D 361 -19.51 10.85 -45.52
C ALA D 361 -18.93 12.07 -46.20
N LEU D 362 -18.49 13.07 -45.43
CA LEU D 362 -18.07 14.33 -46.03
C LEU D 362 -16.62 14.27 -46.51
N SER D 363 -15.74 13.67 -45.72
CA SER D 363 -14.31 13.82 -45.97
C SER D 363 -13.92 13.41 -47.39
N TRP D 364 -14.16 12.14 -47.74
CA TRP D 364 -13.72 11.67 -49.05
C TRP D 364 -14.38 12.47 -50.19
N ARG D 365 -15.60 12.98 -49.98
CA ARG D 365 -16.20 13.81 -51.01
C ARG D 365 -15.48 15.14 -51.11
N LEU D 366 -15.23 15.78 -49.97
CA LEU D 366 -14.62 17.11 -49.97
C LEU D 366 -13.28 17.10 -50.65
N ALA D 368 -12.22 14.91 -52.86
CA ALA D 368 -12.53 14.80 -54.28
C ALA D 368 -12.74 16.18 -54.88
N ALA D 369 -13.63 16.97 -54.28
CA ALA D 369 -13.87 18.32 -54.80
C ALA D 369 -12.57 19.12 -54.85
N LEU D 370 -11.80 19.10 -53.76
CA LEU D 370 -10.60 19.91 -53.72
C LEU D 370 -9.61 19.45 -54.79
N ARG D 371 -9.52 18.14 -55.00
CA ARG D 371 -8.54 17.66 -55.95
C ARG D 371 -8.99 17.80 -57.39
N GLU D 372 -10.24 18.19 -57.62
CA GLU D 372 -10.73 18.41 -58.98
C GLU D 372 -11.16 19.85 -59.23
N ASP D 373 -11.02 20.73 -58.24
CA ASP D 373 -11.54 22.11 -58.31
C ASP D 373 -12.98 22.13 -58.83
N ASP D 374 -13.75 21.13 -58.41
CA ASP D 374 -15.15 20.96 -58.80
C ASP D 374 -16.01 21.09 -57.55
N PHE D 375 -16.66 22.24 -57.36
CA PHE D 375 -17.45 22.44 -56.15
C PHE D 375 -18.96 22.44 -56.42
N ALA D 376 -19.42 21.44 -57.16
CA ALA D 376 -20.84 21.30 -57.50
C ALA D 376 -21.61 20.71 -56.34
N VAL D 377 -22.71 21.36 -55.96
CA VAL D 377 -23.43 20.98 -54.75
C VAL D 377 -23.93 19.53 -54.80
N GLU D 378 -24.19 19.01 -56.00
CA GLU D 378 -24.71 17.65 -56.13
C GLU D 378 -23.78 16.60 -55.54
N ARG D 379 -22.46 16.81 -55.61
CA ARG D 379 -21.54 15.82 -55.07
C ARG D 379 -21.69 15.69 -53.56
N PHE D 380 -22.22 16.72 -52.89
CA PHE D 380 -22.46 16.72 -51.45
C PHE D 380 -23.94 16.52 -51.11
N ALA D 381 -24.81 16.23 -52.08
CA ALA D 381 -26.24 16.14 -51.79
C ALA D 381 -26.53 15.09 -50.73
N TYR D 382 -25.87 13.93 -50.83
CA TYR D 382 -26.09 12.88 -49.85
C TYR D 382 -25.81 13.39 -48.45
N VAL D 383 -24.74 14.17 -48.29
CA VAL D 383 -24.40 14.70 -46.98
C VAL D 383 -25.60 15.40 -46.38
N GLU D 384 -26.24 16.27 -47.17
CA GLU D 384 -27.37 17.01 -46.61
C GLU D 384 -28.48 16.06 -46.20
N GLU D 385 -28.84 15.12 -47.07
CA GLU D 385 -29.85 14.15 -46.67
C GLU D 385 -29.44 13.45 -45.38
N LEU D 386 -28.18 12.98 -45.32
CA LEU D 386 -27.72 12.31 -44.12
C LEU D 386 -27.93 13.20 -42.92
N GLU D 387 -27.42 14.44 -42.99
CA GLU D 387 -27.56 15.32 -41.84
C GLU D 387 -29.01 15.41 -41.44
N GLN D 388 -29.88 15.76 -42.40
CA GLN D 388 -31.27 15.98 -42.05
C GLN D 388 -31.90 14.70 -41.56
N GLY D 389 -31.59 13.58 -42.22
CA GLY D 389 -32.15 12.32 -41.76
C GLY D 389 -31.66 11.99 -40.37
N LEU D 390 -30.34 12.17 -40.15
CA LEU D 390 -29.80 11.91 -38.83
C LEU D 390 -30.57 12.70 -37.80
N LEU D 391 -30.88 13.97 -38.11
CA LEU D 391 -31.60 14.78 -37.14
C LEU D 391 -33.01 14.27 -36.95
N ASP D 392 -33.70 13.98 -38.07
CA ASP D 392 -35.12 13.64 -37.97
C ASP D 392 -35.31 12.35 -37.18
N TRP D 393 -34.54 11.31 -37.50
CA TRP D 393 -34.68 10.06 -36.76
C TRP D 393 -34.39 10.27 -35.29
N ASN D 394 -33.33 11.04 -34.99
CA ASN D 394 -33.00 11.40 -33.63
C ASN D 394 -34.21 12.01 -32.93
N ASP D 395 -34.88 12.94 -33.62
CA ASP D 395 -36.06 13.61 -33.09
C ASP D 395 -37.11 12.61 -32.64
N LYS D 396 -37.47 11.68 -33.52
CA LYS D 396 -38.51 10.71 -33.16
C LYS D 396 -38.07 9.92 -31.94
N LEU D 397 -36.82 9.45 -31.95
CA LEU D 397 -36.31 8.65 -30.85
C LEU D 397 -36.48 9.38 -29.53
N VAL D 398 -36.15 10.67 -29.49
CA VAL D 398 -36.16 11.30 -28.19
C VAL D 398 -37.58 11.66 -27.81
N ASN D 399 -38.36 12.09 -28.81
CA ASN D 399 -39.73 12.47 -28.54
C ASN D 399 -40.52 11.29 -28.01
N ASN D 400 -40.43 10.15 -28.71
CA ASN D 400 -41.09 8.93 -28.23
C ASN D 400 -40.73 8.68 -26.78
N SER D 401 -39.42 8.74 -26.48
CA SER D 401 -38.97 8.39 -25.14
C SER D 401 -39.59 9.29 -24.10
N PHE D 402 -39.58 10.61 -24.36
CA PHE D 402 -40.13 11.52 -23.38
C PHE D 402 -41.62 11.23 -23.15
N ILE D 403 -42.37 10.93 -24.22
CA ILE D 403 -43.77 10.60 -24.03
C ILE D 403 -43.88 9.36 -23.15
N SER D 404 -43.05 8.36 -23.45
CA SER D 404 -43.14 7.13 -22.70
C SER D 404 -42.75 7.32 -21.24
N PHE D 405 -42.10 8.42 -20.87
CA PHE D 405 -41.70 8.56 -19.48
C PHE D 405 -42.90 8.62 -18.55
N SER D 406 -44.13 8.76 -19.09
CA SER D 406 -45.30 8.80 -18.20
C SER D 406 -45.77 7.42 -17.76
N HIS D 407 -45.32 6.36 -18.41
CA HIS D 407 -45.86 5.03 -18.21
C HIS D 407 -44.75 4.01 -18.45
N TYR D 408 -44.22 3.41 -17.39
CA TYR D 408 -43.10 2.49 -17.56
C TYR D 408 -43.37 1.39 -18.58
N PRO D 409 -44.56 0.78 -18.65
CA PRO D 409 -44.76 -0.26 -19.68
C PRO D 409 -44.61 0.22 -21.13
N LEU D 410 -44.83 1.50 -21.42
CA LEU D 410 -44.58 2.05 -22.74
C LEU D 410 -43.08 2.29 -22.97
N TRP D 411 -42.43 2.88 -21.97
CA TRP D 411 -40.98 3.00 -22.04
C TRP D 411 -40.34 1.65 -22.31
N ASN D 412 -40.88 0.59 -21.70
CA ASN D 412 -40.28 -0.73 -21.83
C ASN D 412 -40.18 -1.15 -23.30
N SER D 413 -41.21 -0.83 -24.09
CA SER D 413 -41.12 -1.13 -25.51
C SER D 413 -40.12 -0.20 -26.20
N VAL D 414 -40.13 1.09 -25.88
CA VAL D 414 -39.15 1.98 -26.50
C VAL D 414 -37.73 1.46 -26.22
N PHE D 415 -37.50 1.08 -24.99
CA PHE D 415 -36.20 0.63 -24.54
C PHE D 415 -35.74 -0.56 -25.34
N ARG D 416 -36.59 -1.60 -25.46
CA ARG D 416 -36.09 -2.78 -26.17
C ARG D 416 -35.94 -2.51 -27.66
N ILE D 417 -36.79 -1.68 -28.27
CA ILE D 417 -36.65 -1.39 -29.70
C ILE D 417 -35.33 -0.66 -29.97
N TRP D 418 -35.05 0.36 -29.16
CA TRP D 418 -33.83 1.12 -29.35
C TRP D 418 -32.60 0.24 -29.13
N ALA D 419 -32.58 -0.52 -28.03
CA ALA D 419 -31.35 -1.24 -27.67
C ALA D 419 -31.08 -2.40 -28.64
N SER D 420 -32.12 -3.13 -29.04
CA SER D 420 -31.89 -4.18 -30.00
C SER D 420 -31.33 -3.61 -31.29
N ALA D 421 -31.85 -2.45 -31.72
CA ALA D 421 -31.26 -1.85 -32.91
C ALA D 421 -29.81 -1.46 -32.67
N SER D 422 -29.47 -1.03 -31.46
CA SER D 422 -28.06 -0.71 -31.19
C SER D 422 -27.18 -1.90 -31.55
N VAL D 423 -27.52 -3.07 -31.00
CA VAL D 423 -26.70 -4.26 -31.26
C VAL D 423 -26.66 -4.57 -32.76
N ILE D 424 -27.82 -4.57 -33.42
CA ILE D 424 -27.86 -5.03 -34.81
C ILE D 424 -27.12 -4.08 -35.75
N GLY D 425 -27.37 -2.77 -35.63
CA GLY D 425 -26.69 -1.82 -36.51
C GLY D 425 -25.20 -1.72 -36.24
N GLY D 426 -24.80 -1.79 -34.97
CA GLY D 426 -23.39 -1.85 -34.65
C GLY D 426 -22.70 -3.07 -35.27
N LYS D 427 -23.31 -4.24 -35.11
CA LYS D 427 -22.74 -5.45 -35.69
C LYS D 427 -22.68 -5.33 -37.21
N ARG D 428 -23.66 -4.65 -37.82
CA ARG D 428 -23.61 -4.40 -39.25
C ARG D 428 -22.35 -3.64 -39.64
N ILE D 429 -22.13 -2.48 -39.02
CA ILE D 429 -20.96 -1.67 -39.34
C ILE D 429 -19.69 -2.42 -39.03
N LEU D 430 -19.66 -3.14 -37.92
CA LEU D 430 -18.47 -3.91 -37.55
C LEU D 430 -18.16 -4.95 -38.61
N ASN D 431 -19.19 -5.60 -39.17
CA ASN D 431 -18.99 -6.57 -40.23
C ASN D 431 -18.35 -5.92 -41.45
N ALA D 432 -18.86 -4.76 -41.84
CA ALA D 432 -18.26 -4.04 -42.97
C ALA D 432 -16.80 -3.68 -42.67
N LEU D 433 -16.53 -3.30 -41.42
CA LEU D 433 -15.18 -2.88 -41.03
C LEU D 433 -14.20 -4.05 -41.14
N THR D 434 -14.53 -5.19 -40.55
CA THR D 434 -13.61 -6.32 -40.63
C THR D 434 -13.45 -6.81 -42.06
N ARG D 435 -14.52 -6.77 -42.86
CA ARG D 435 -14.39 -7.13 -44.27
C ARG D 435 -13.38 -6.25 -45.01
N THR D 436 -13.50 -4.93 -44.87
CA THR D 436 -12.53 -4.03 -45.50
C THR D 436 -11.14 -4.25 -44.92
N LYS D 437 -11.07 -4.58 -43.63
CA LYS D 437 -9.80 -4.86 -42.98
C LYS D 437 -9.10 -6.06 -43.56
N GLU D 438 -9.86 -7.07 -44.01
CA GLU D 438 -9.21 -8.25 -44.57
C GLU D 438 -8.98 -8.15 -46.07
N THR D 439 -9.93 -7.57 -46.81
CA THR D 439 -9.79 -7.42 -48.25
C THR D 439 -9.09 -6.12 -48.63
N GLY D 440 -8.95 -5.18 -47.70
CA GLY D 440 -8.40 -3.86 -47.97
C GLY D 440 -9.24 -3.01 -48.89
N ASP D 441 -10.52 -3.36 -48.97
CA ASP D 441 -11.33 -2.74 -50.05
C ASP D 441 -12.31 -1.70 -49.54
N ASP D 442 -12.44 -0.62 -50.31
CA ASP D 442 -13.44 0.39 -49.86
C ASP D 442 -14.90 0.03 -50.16
N SER D 443 -15.12 -1.01 -50.96
CA SER D 443 -16.41 -1.60 -51.25
C SER D 443 -17.32 -1.57 -50.03
N HIS D 444 -16.84 -2.23 -49.01
CA HIS D 444 -17.62 -2.75 -47.93
C HIS D 444 -18.05 -1.64 -47.01
N CYS D 445 -17.21 -0.63 -46.86
CA CYS D 445 -17.59 0.52 -46.08
C CYS D 445 -18.47 1.46 -46.87
N GLN D 446 -18.22 1.62 -48.17
CA GLN D 446 -19.07 2.50 -48.96
C GLN D 446 -20.47 1.91 -49.15
N ALA D 447 -20.63 0.59 -48.99
CA ALA D 447 -21.93 -0.05 -49.12
C ALA D 447 -22.91 0.37 -48.03
N LEU D 448 -22.42 0.90 -46.90
CA LEU D 448 -23.33 1.39 -45.88
C LEU D 448 -24.07 2.63 -46.34
N ASP D 449 -23.51 3.40 -47.28
CA ASP D 449 -24.21 4.57 -47.80
C ASP D 449 -25.36 4.17 -48.71
N ASP D 450 -25.54 2.89 -48.98
CA ASP D 450 -26.64 2.35 -49.78
C ASP D 450 -27.80 1.91 -48.90
N ASN D 451 -28.27 2.81 -48.03
CA ASN D 451 -29.41 2.52 -47.19
C ASN D 451 -30.64 3.26 -47.68
N PRO D 452 -31.81 2.64 -47.60
CA PRO D 452 -33.04 3.33 -48.02
C PRO D 452 -33.46 4.44 -47.07
N TYR D 453 -32.95 4.42 -45.84
CA TYR D 453 -33.35 5.32 -44.77
C TYR D 453 -32.10 5.99 -44.21
N PRO D 454 -31.68 7.11 -44.80
CA PRO D 454 -30.49 7.79 -44.30
C PRO D 454 -30.76 8.38 -42.92
N GLY D 455 -29.90 8.04 -41.96
CA GLY D 455 -30.02 8.53 -40.60
C GLY D 455 -30.53 7.50 -39.61
N LEU D 456 -31.16 6.43 -40.08
CA LEU D 456 -31.66 5.39 -39.19
C LEU D 456 -30.52 4.46 -38.76
N TRP D 457 -30.40 4.25 -37.45
CA TRP D 457 -29.27 3.47 -36.93
C TRP D 457 -29.31 2.01 -37.40
N CYS D 458 -30.52 1.48 -37.69
CA CYS D 458 -30.72 0.12 -38.21
C CYS D 458 -31.53 0.14 -39.50
N PRO D 459 -30.89 0.29 -40.66
CA PRO D 459 -31.63 0.55 -41.91
C PRO D 459 -32.18 -0.72 -42.56
N LEU D 460 -33.00 -1.46 -41.82
CA LEU D 460 -33.63 -2.68 -42.32
C LEU D 460 -35.14 -2.49 -42.29
N ASP D 461 -35.82 -3.15 -43.21
CA ASP D 461 -37.25 -2.90 -43.41
C ASP D 461 -38.07 -3.30 -42.17
N PHE D 462 -37.76 -4.45 -41.56
CA PHE D 462 -38.56 -4.86 -40.42
C PHE D 462 -38.38 -3.93 -39.22
N TYR D 463 -37.15 -3.46 -38.99
CA TYR D 463 -36.93 -2.51 -37.92
C TYR D 463 -37.63 -1.18 -38.21
N LYS D 464 -37.57 -0.73 -39.46
CA LYS D 464 -38.23 0.53 -39.81
C LYS D 464 -39.74 0.46 -39.58
N GLU D 465 -40.37 -0.66 -39.95
CA GLU D 465 -41.80 -0.82 -39.70
C GLU D 465 -42.09 -0.80 -38.21
N ALA D 466 -41.29 -1.54 -37.42
CA ALA D 466 -41.52 -1.56 -35.98
C ALA D 466 -41.36 -0.16 -35.37
N PHE D 467 -40.34 0.57 -35.79
CA PHE D 467 -40.12 1.90 -35.22
C PHE D 467 -41.19 2.88 -35.67
N ASP D 468 -41.64 2.78 -36.92
CA ASP D 468 -42.73 3.63 -37.38
C ASP D 468 -43.98 3.41 -36.56
N GLU D 469 -44.28 2.17 -36.22
CA GLU D 469 -45.47 1.99 -35.41
C GLU D 469 -45.29 2.57 -34.02
N LEU D 470 -44.13 2.30 -33.40
CA LEU D 470 -43.85 2.93 -32.11
C LEU D 470 -44.06 4.44 -32.21
N THR D 471 -43.60 5.03 -33.31
CA THR D 471 -43.71 6.46 -33.45
C THR D 471 -45.16 6.91 -33.56
N GLU D 472 -45.98 6.21 -34.33
CA GLU D 472 -47.41 6.57 -34.47
C GLU D 472 -48.13 6.46 -33.13
N LEU D 473 -47.91 5.37 -32.39
CA LEU D 473 -48.59 5.20 -31.12
C LEU D 473 -48.10 6.25 -30.09
N CYS D 474 -46.81 6.54 -30.04
CA CYS D 474 -46.33 7.54 -29.10
C CYS D 474 -46.88 8.92 -29.45
N GLU D 475 -46.94 9.26 -30.74
CA GLU D 475 -47.47 10.57 -31.10
C GLU D 475 -48.96 10.65 -30.80
N ALA D 476 -49.67 9.53 -30.92
CA ALA D 476 -51.09 9.44 -30.57
C ALA D 476 -51.31 9.60 -29.07
N VAL D 477 -50.43 9.05 -28.24
CA VAL D 477 -50.50 9.29 -26.80
C VAL D 477 -50.29 10.77 -26.53
N ASP D 478 -49.32 11.39 -27.21
CA ASP D 478 -49.05 12.82 -27.03
C ASP D 478 -50.24 13.69 -27.42
N ALA D 479 -51.00 13.27 -28.44
CA ALA D 479 -52.14 14.04 -28.94
C ALA D 479 -53.46 13.75 -28.23
N GLY D 480 -53.51 12.75 -27.36
CA GLY D 480 -54.74 12.42 -26.68
C GLY D 480 -55.65 11.44 -27.42
N ARG D 481 -55.25 10.94 -28.58
CA ARG D 481 -56.07 9.97 -29.28
C ARG D 481 -56.00 8.57 -28.66
N THR D 482 -54.99 8.30 -27.85
CA THR D 482 -54.83 6.99 -27.23
C THR D 482 -54.28 7.18 -25.82
N THR D 483 -54.56 6.22 -24.95
CA THR D 483 -53.93 6.22 -23.64
C THR D 483 -52.56 5.54 -23.73
N ALA D 484 -51.69 5.86 -22.77
CA ALA D 484 -50.40 5.18 -22.68
C ALA D 484 -50.56 3.68 -22.48
N GLU D 485 -51.54 3.29 -21.66
CA GLU D 485 -51.81 1.88 -21.43
C GLU D 485 -52.21 1.17 -22.70
N GLU D 486 -52.97 1.84 -23.54
CA GLU D 486 -53.33 1.23 -24.83
C GLU D 486 -52.10 1.15 -25.74
N ALA D 487 -51.32 2.23 -25.90
CA ALA D 487 -50.17 2.08 -26.80
C ALA D 487 -49.28 1.00 -26.27
N ALA D 488 -49.10 0.95 -24.94
CA ALA D 488 -48.22 -0.05 -24.37
C ALA D 488 -48.69 -1.46 -24.64
N ARG D 489 -49.96 -1.78 -24.38
CA ARG D 489 -50.47 -3.17 -24.50
C ARG D 489 -50.29 -3.66 -25.93
N VAL D 490 -50.58 -2.79 -26.87
CA VAL D 490 -50.41 -3.05 -28.32
C VAL D 490 -48.93 -3.25 -28.69
N LEU D 491 -48.04 -2.41 -28.16
CA LEU D 491 -46.63 -2.58 -28.50
C LEU D 491 -46.06 -3.84 -27.87
N GLU D 492 -46.49 -4.14 -26.65
CA GLU D 492 -46.12 -5.41 -26.06
C GLU D 492 -46.57 -6.57 -26.94
N GLN D 493 -47.72 -6.46 -27.59
CA GLN D 493 -48.07 -7.50 -28.56
C GLN D 493 -47.07 -7.62 -29.70
N ARG D 494 -46.68 -6.49 -30.28
CA ARG D 494 -45.65 -6.54 -31.31
C ARG D 494 -44.42 -7.27 -30.85
N VAL D 495 -43.93 -6.90 -29.68
CA VAL D 495 -42.72 -7.48 -29.16
C VAL D 495 -42.86 -8.99 -29.04
N ARG D 496 -44.01 -9.47 -28.55
CA ARG D 496 -44.17 -10.90 -28.37
C ARG D 496 -44.41 -11.65 -29.70
N GLU D 497 -44.81 -10.95 -30.75
CA GLU D 497 -45.04 -11.61 -32.03
C GLU D 497 -43.86 -11.44 -32.98
N SER D 498 -42.79 -10.81 -32.53
CA SER D 498 -41.65 -10.56 -33.39
C SER D 498 -40.75 -11.77 -33.41
N ASP D 499 -40.00 -11.91 -34.49
CA ASP D 499 -39.08 -13.02 -34.65
C ASP D 499 -37.65 -12.57 -34.74
N TRP D 500 -37.39 -11.26 -34.65
CA TRP D 500 -36.08 -10.70 -34.90
C TRP D 500 -35.39 -10.11 -33.68
N LEU D 502 -33.55 -10.62 -31.12
CA LEU D 502 -32.46 -11.26 -30.39
C LEU D 502 -32.92 -11.94 -29.10
N PRO D 503 -33.70 -13.03 -29.21
CA PRO D 503 -34.32 -13.63 -28.01
C PRO D 503 -33.35 -14.13 -26.96
N ALA D 504 -32.19 -14.67 -27.34
CA ALA D 504 -31.24 -15.14 -26.34
C ALA D 504 -30.77 -14.00 -25.42
N LEU D 505 -30.80 -12.75 -25.92
CA LEU D 505 -30.48 -11.58 -25.11
C LEU D 505 -31.64 -11.09 -24.26
N GLY D 506 -32.86 -11.44 -24.62
CA GLY D 506 -34.03 -11.07 -23.87
C GLY D 506 -34.79 -9.91 -24.44
N PHE D 507 -34.50 -9.49 -25.69
CA PHE D 507 -35.14 -8.30 -26.25
C PHE D 507 -36.61 -8.53 -26.57
N ASN D 508 -37.01 -9.76 -26.85
CA ASN D 508 -38.41 -9.99 -27.13
C ASN D 508 -39.22 -10.26 -25.87
N ASP D 509 -38.58 -10.30 -24.70
CA ASP D 509 -39.28 -10.55 -23.45
C ASP D 509 -39.50 -9.27 -22.67
N PRO D 510 -40.69 -8.67 -22.70
CA PRO D 510 -40.93 -7.46 -21.90
C PRO D 510 -40.66 -7.66 -20.41
N ASP D 511 -40.55 -8.89 -19.93
CA ASP D 511 -40.31 -9.11 -18.51
C ASP D 511 -38.83 -9.16 -18.14
N THR D 512 -37.93 -9.20 -19.12
CA THR D 512 -36.48 -9.06 -18.90
C THR D 512 -36.12 -7.57 -19.01
N HIS D 513 -35.92 -6.95 -17.85
CA HIS D 513 -35.65 -5.52 -17.79
C HIS D 513 -34.17 -5.19 -17.92
N HIS D 514 -33.29 -6.14 -17.62
CA HIS D 514 -31.86 -5.94 -17.60
C HIS D 514 -31.23 -6.81 -18.70
N ILE D 515 -31.05 -6.23 -19.88
CA ILE D 515 -30.35 -6.91 -20.98
C ILE D 515 -28.85 -6.94 -20.69
N ASN D 516 -28.30 -8.15 -20.59
CA ASN D 516 -26.90 -8.40 -20.28
C ASN D 516 -26.29 -9.28 -21.38
N PRO D 517 -25.76 -8.69 -22.48
CA PRO D 517 -25.16 -9.54 -23.55
C PRO D 517 -23.78 -10.10 -23.20
N THR D 518 -23.77 -11.20 -22.46
CA THR D 518 -22.52 -11.86 -22.12
C THR D 518 -21.95 -12.59 -23.34
N ALA D 519 -20.68 -13.01 -23.23
CA ALA D 519 -20.01 -13.64 -24.36
C ALA D 519 -20.69 -14.94 -24.78
N ASP D 520 -21.15 -15.75 -23.80
CA ASP D 520 -21.84 -17.00 -24.11
C ASP D 520 -23.15 -16.76 -24.85
N LYS D 521 -23.96 -15.81 -24.37
CA LYS D 521 -25.24 -15.55 -24.99
C LYS D 521 -25.09 -15.17 -26.46
N ILE D 523 -22.85 -16.20 -28.57
CA ILE D 523 -22.68 -17.43 -29.33
C ILE D 523 -24.05 -17.98 -29.69
N ARG D 524 -24.95 -18.01 -28.72
CA ARG D 524 -26.30 -18.50 -28.97
C ARG D 524 -26.99 -17.64 -30.02
N ILE D 525 -26.77 -16.32 -29.98
CA ILE D 525 -27.37 -15.45 -30.99
C ILE D 525 -26.93 -15.89 -32.37
N ALA D 526 -25.63 -16.16 -32.53
CA ALA D 526 -25.12 -16.57 -33.83
C ALA D 526 -25.84 -17.84 -34.30
N GLU D 527 -26.03 -18.81 -33.39
CA GLU D 527 -26.73 -20.02 -33.78
C GLU D 527 -28.16 -19.68 -34.19
N TRP D 528 -28.84 -18.88 -33.37
CA TRP D 528 -30.21 -18.51 -33.67
C TRP D 528 -30.27 -17.87 -35.04
N ALA D 529 -29.24 -17.10 -35.40
CA ALA D 529 -29.25 -16.34 -36.64
C ALA D 529 -29.03 -17.19 -37.88
N THR D 530 -28.37 -18.34 -37.75
CA THR D 530 -27.96 -19.10 -38.94
C THR D 530 -29.15 -19.54 -39.79
N GLY D 531 -30.19 -20.09 -39.16
CA GLY D 531 -31.33 -20.58 -39.89
C GLY D 531 -32.56 -19.70 -39.79
N HIS D 532 -32.35 -18.39 -39.85
CA HIS D 532 -33.45 -17.44 -39.74
C HIS D 532 -34.02 -17.16 -41.13
N HIS D 533 -35.34 -16.94 -41.18
CA HIS D 533 -35.96 -16.74 -42.48
C HIS D 533 -35.60 -15.38 -43.07
N ARG D 534 -35.29 -14.40 -42.21
CA ARG D 534 -34.93 -13.08 -42.73
C ARG D 534 -33.50 -13.09 -43.24
N PRO D 535 -33.25 -12.68 -44.49
CA PRO D 535 -31.87 -12.72 -45.00
C PRO D 535 -30.95 -11.77 -44.24
N GLU D 536 -31.47 -10.63 -43.77
CA GLU D 536 -30.63 -9.66 -43.07
C GLU D 536 -30.14 -10.21 -41.75
N ILE D 537 -30.99 -10.90 -41.00
CA ILE D 537 -30.52 -11.53 -39.79
C ILE D 537 -29.38 -12.48 -40.10
N ARG D 538 -29.47 -13.18 -41.27
CA ARG D 538 -28.43 -14.14 -41.66
C ARG D 538 -27.08 -13.50 -41.98
N GLU D 539 -27.06 -12.45 -42.80
CA GLU D 539 -25.79 -11.77 -43.12
C GLU D 539 -25.24 -10.96 -41.94
N LEU D 540 -26.11 -10.46 -41.06
CA LEU D 540 -25.57 -9.59 -40.03
C LEU D 540 -25.18 -10.30 -38.77
N LEU D 541 -25.82 -11.42 -38.43
CA LEU D 541 -25.54 -11.98 -37.12
C LEU D 541 -25.04 -13.42 -37.12
N ALA D 542 -24.91 -14.07 -38.28
CA ALA D 542 -24.29 -15.38 -38.38
C ALA D 542 -22.80 -15.15 -38.63
N ALA D 543 -21.93 -15.77 -37.81
CA ALA D 543 -20.49 -15.59 -37.97
C ALA D 543 -19.78 -16.95 -38.07
N SER D 544 -18.46 -16.89 -38.30
CA SER D 544 -17.59 -18.07 -38.39
C SER D 544 -16.80 -18.33 -37.11
#